data_8G8I
#
_entry.id   8G8I
#
_entity_poly.entity_id   1
_entity_poly.type   'polypeptide(L)'
_entity_poly.pdbx_seq_one_letter_code
;MVYERLKELIEENPEIQEILELWKFIGREDVVEKLFEVIKWAVEEGGNNMVFISLLKEILSNPEIFEILLKWVDIGREDV
VKKLFSVIKQAVEDGGNNMVFLSLLKELLSNPEIFEILLLWVEINREDVVKKFFDVIKWAVERGGNNPKFLSLLKLILSN
PEIFKILLLWVYENKEEVVKKLFDVLLYAVKEGGDNEKFLELLKEILSNPEIFEILLEWVEENKEDVVKKLFDVIKYAVE
RGGDNEKFYELLKLLLSNPEIFKILLEWVEINKEDVVKKFFDVIKWAVEEGGDNPVFYRLLKLILSNPEIFKILLEWVDI
NNEDVVKKLFSVIKQAVEDGGNNMVFIDLLELILSNPEIFEILLLWVHINREDVVKKLFDVIKWAVEDGGNNMVFIHLLR
KLLSNPEIFEILLLWVDIGREEVVKKFFEKVLEAVKEGGNDMIEIKKLEEILLDPEKFEELLLEVGSLEHHHHHH
;
_entity_poly.pdbx_strand_id   A,B,C,D,E
#
# COMPACT_ATOMS: atom_id res chain seq x y z
N MET A 1 4.14 40.87 -32.36
CA MET A 1 4.39 39.74 -33.25
C MET A 1 4.87 38.54 -32.45
N VAL A 2 4.99 38.74 -31.13
CA VAL A 2 5.41 37.66 -30.25
C VAL A 2 4.39 36.53 -30.25
N TYR A 3 3.14 36.84 -30.61
CA TYR A 3 2.14 35.78 -30.79
C TYR A 3 2.57 34.80 -31.86
N GLU A 4 3.14 35.29 -32.96
CA GLU A 4 3.63 34.41 -34.01
C GLU A 4 4.82 33.59 -33.53
N ARG A 5 5.68 34.18 -32.69
CA ARG A 5 6.78 33.44 -32.10
C ARG A 5 6.26 32.29 -31.24
N LEU A 6 5.23 32.57 -30.43
CA LEU A 6 4.63 31.50 -29.62
C LEU A 6 4.03 30.42 -30.50
N LYS A 7 3.30 30.80 -31.55
CA LYS A 7 2.72 29.79 -32.44
C LYS A 7 3.80 28.91 -33.06
N GLU A 8 4.89 29.53 -33.52
CA GLU A 8 5.98 28.74 -34.11
C GLU A 8 6.61 27.82 -33.09
N LEU A 9 6.88 28.32 -31.87
CA LEU A 9 7.51 27.49 -30.85
C LEU A 9 6.58 26.38 -30.39
N ILE A 10 5.27 26.59 -30.46
CA ILE A 10 4.32 25.56 -30.03
C ILE A 10 4.20 24.47 -31.10
N GLU A 11 3.99 24.87 -32.35
CA GLU A 11 3.81 23.90 -33.42
C GLU A 11 5.12 23.20 -33.80
N GLU A 12 6.26 23.71 -33.34
CA GLU A 12 7.53 23.06 -33.65
C GLU A 12 7.64 21.69 -32.98
N ASN A 13 7.00 21.52 -31.83
CA ASN A 13 7.06 20.24 -31.14
C ASN A 13 6.32 19.18 -31.95
N PRO A 14 6.91 18.00 -32.16
CA PRO A 14 6.24 17.01 -33.01
C PRO A 14 4.97 16.44 -32.39
N GLU A 15 4.95 16.22 -31.07
CA GLU A 15 3.75 15.70 -30.44
C GLU A 15 2.60 16.70 -30.50
N ILE A 16 2.91 17.99 -30.32
CA ILE A 16 1.89 19.02 -30.46
C ILE A 16 1.34 19.03 -31.88
N GLN A 17 2.23 18.89 -32.87
CA GLN A 17 1.79 18.82 -34.26
C GLN A 17 0.88 17.63 -34.49
N GLU A 18 1.21 16.48 -33.91
CA GLU A 18 0.37 15.29 -34.06
C GLU A 18 -1.00 15.50 -33.44
N ILE A 19 -1.03 16.10 -32.23
CA ILE A 19 -2.31 16.36 -31.57
C ILE A 19 -3.16 17.30 -32.42
N LEU A 20 -2.55 18.37 -32.93
CA LEU A 20 -3.29 19.32 -33.76
C LEU A 20 -3.82 18.66 -35.02
N GLU A 21 -3.01 17.80 -35.66
CA GLU A 21 -3.46 17.10 -36.85
C GLU A 21 -4.65 16.19 -36.53
N LEU A 22 -4.58 15.46 -35.40
CA LEU A 22 -5.69 14.62 -34.99
C LEU A 22 -6.95 15.44 -34.75
N TRP A 23 -6.82 16.58 -34.08
CA TRP A 23 -7.99 17.41 -33.79
C TRP A 23 -8.54 18.10 -35.03
N LYS A 24 -7.72 18.25 -36.07
CA LYS A 24 -8.25 18.65 -37.37
C LYS A 24 -8.95 17.51 -38.08
N PHE A 25 -8.54 16.26 -37.80
CA PHE A 25 -9.09 15.12 -38.52
C PHE A 25 -10.52 14.80 -38.10
N ILE A 26 -10.79 14.74 -36.80
CA ILE A 26 -12.03 14.13 -36.34
C ILE A 26 -13.19 15.11 -36.43
N GLY A 27 -12.94 16.30 -36.98
CA GLY A 27 -14.01 17.27 -37.16
C GLY A 27 -14.23 18.22 -36.01
N ARG A 28 -13.16 18.75 -35.42
CA ARG A 28 -13.25 19.72 -34.34
C ARG A 28 -12.43 20.95 -34.70
N GLU A 29 -12.62 21.45 -35.92
CA GLU A 29 -11.80 22.54 -36.44
C GLU A 29 -11.84 23.78 -35.55
N ASP A 30 -13.00 24.09 -34.98
CA ASP A 30 -13.13 25.33 -34.23
C ASP A 30 -12.46 25.28 -32.86
N VAL A 31 -12.17 24.08 -32.34
CA VAL A 31 -11.59 24.00 -31.00
C VAL A 31 -10.14 24.47 -31.00
N VAL A 32 -9.38 24.11 -32.03
CA VAL A 32 -8.01 24.61 -32.15
C VAL A 32 -8.01 26.12 -32.29
N GLU A 33 -8.96 26.66 -33.05
CA GLU A 33 -9.03 28.11 -33.23
C GLU A 33 -9.40 28.82 -31.94
N LYS A 34 -10.36 28.26 -31.18
CA LYS A 34 -10.67 28.83 -29.88
C LYS A 34 -9.47 28.80 -28.95
N LEU A 35 -8.72 27.70 -28.95
CA LEU A 35 -7.54 27.64 -28.09
C LEU A 35 -6.49 28.67 -28.50
N PHE A 36 -6.28 28.85 -29.81
CA PHE A 36 -5.31 29.86 -30.24
C PHE A 36 -5.82 31.28 -29.99
N GLU A 37 -7.13 31.48 -29.96
CA GLU A 37 -7.65 32.79 -29.56
C GLU A 37 -7.39 33.03 -28.07
N VAL A 38 -7.56 32.00 -27.25
CA VAL A 38 -7.24 32.11 -25.83
C VAL A 38 -5.76 32.41 -25.65
N ILE A 39 -4.90 31.78 -26.46
CA ILE A 39 -3.47 32.04 -26.39
C ILE A 39 -3.16 33.49 -26.75
N LYS A 40 -3.74 33.96 -27.85
CA LYS A 40 -3.54 35.36 -28.26
C LYS A 40 -3.98 36.32 -27.17
N TRP A 41 -5.14 36.06 -26.58
CA TRP A 41 -5.64 36.92 -25.50
C TRP A 41 -4.69 36.89 -24.31
N ALA A 42 -4.18 35.72 -23.96
CA ALA A 42 -3.25 35.61 -22.84
C ALA A 42 -1.95 36.36 -23.13
N VAL A 43 -1.52 36.37 -24.39
CA VAL A 43 -0.33 37.13 -24.75
C VAL A 43 -0.57 38.61 -24.60
N GLU A 44 -1.67 39.12 -25.18
CA GLU A 44 -1.93 40.55 -25.09
C GLU A 44 -2.39 40.98 -23.71
N GLU A 45 -2.68 40.05 -22.81
CA GLU A 45 -2.95 40.41 -21.41
C GLU A 45 -1.67 40.65 -20.63
N GLY A 46 -0.55 40.10 -21.07
CA GLY A 46 0.72 40.30 -20.39
C GLY A 46 1.37 41.63 -20.72
N GLY A 47 1.26 42.06 -21.97
CA GLY A 47 1.75 43.37 -22.36
C GLY A 47 3.26 43.48 -22.32
N ASN A 48 3.79 44.26 -21.36
CA ASN A 48 5.22 44.46 -21.20
C ASN A 48 5.78 43.67 -20.02
N ASN A 49 5.04 42.68 -19.53
CA ASN A 49 5.52 41.77 -18.48
C ASN A 49 6.13 40.57 -19.20
N MET A 50 7.33 40.78 -19.73
CA MET A 50 7.98 39.78 -20.58
C MET A 50 8.27 38.48 -19.83
N VAL A 51 8.40 38.54 -18.51
CA VAL A 51 8.62 37.31 -17.75
C VAL A 51 7.37 36.44 -17.77
N PHE A 52 6.19 37.05 -17.75
CA PHE A 52 4.96 36.27 -17.82
C PHE A 52 4.83 35.57 -19.17
N ILE A 53 5.16 36.27 -20.25
CA ILE A 53 5.04 35.65 -21.57
C ILE A 53 6.13 34.60 -21.77
N SER A 54 7.28 34.78 -21.12
CA SER A 54 8.26 33.69 -21.10
C SER A 54 7.71 32.47 -20.35
N LEU A 55 7.00 32.71 -19.26
CA LEU A 55 6.38 31.60 -18.53
C LEU A 55 5.34 30.91 -19.41
N LEU A 56 4.60 31.66 -20.22
CA LEU A 56 3.67 31.04 -21.15
C LEU A 56 4.40 30.24 -22.23
N LYS A 57 5.50 30.78 -22.76
CA LYS A 57 6.30 30.00 -23.71
C LYS A 57 6.78 28.70 -23.09
N GLU A 58 7.03 28.70 -21.79
CA GLU A 58 7.38 27.46 -21.11
C GLU A 58 6.18 26.53 -21.03
N ILE A 59 5.08 27.01 -20.44
CA ILE A 59 3.93 26.15 -20.14
C ILE A 59 3.33 25.56 -21.42
N LEU A 60 3.10 26.39 -22.43
CA LEU A 60 2.40 25.94 -23.63
C LEU A 60 3.26 25.06 -24.52
N SER A 61 4.56 24.96 -24.25
CA SER A 61 5.44 24.11 -25.05
C SER A 61 5.67 22.75 -24.40
N ASN A 62 4.66 22.23 -23.71
CA ASN A 62 4.73 20.92 -23.05
C ASN A 62 3.55 20.09 -23.55
N PRO A 63 3.79 18.92 -24.14
CA PRO A 63 2.68 18.19 -24.78
C PRO A 63 1.53 17.85 -23.85
N GLU A 64 1.81 17.46 -22.59
CA GLU A 64 0.73 17.10 -21.69
C GLU A 64 -0.15 18.29 -21.35
N ILE A 65 0.48 19.42 -21.02
CA ILE A 65 -0.28 20.62 -20.66
C ILE A 65 -1.13 21.07 -21.83
N PHE A 66 -0.55 21.05 -23.04
CA PHE A 66 -1.28 21.51 -24.22
C PHE A 66 -2.44 20.57 -24.54
N GLU A 67 -2.24 19.26 -24.41
CA GLU A 67 -3.34 18.33 -24.64
C GLU A 67 -4.45 18.52 -23.62
N ILE A 68 -4.08 18.71 -22.35
CA ILE A 68 -5.08 18.98 -21.31
C ILE A 68 -5.86 20.24 -21.66
N LEU A 69 -5.16 21.29 -22.10
CA LEU A 69 -5.83 22.53 -22.46
C LEU A 69 -6.80 22.33 -23.62
N LEU A 70 -6.38 21.57 -24.63
CA LEU A 70 -7.29 21.30 -25.76
C LEU A 70 -8.54 20.58 -25.27
N LYS A 71 -8.36 19.45 -24.60
CA LYS A 71 -9.51 18.69 -24.11
C LYS A 71 -10.39 19.52 -23.19
N TRP A 72 -9.81 20.43 -22.43
CA TRP A 72 -10.57 21.23 -21.47
C TRP A 72 -11.21 22.45 -22.10
N VAL A 73 -10.77 22.83 -23.30
CA VAL A 73 -11.46 23.84 -24.09
C VAL A 73 -12.60 23.20 -24.89
N ASP A 74 -12.49 21.90 -25.18
CA ASP A 74 -13.49 21.19 -25.97
C ASP A 74 -14.91 21.36 -25.45
N ILE A 75 -15.16 21.02 -24.18
CA ILE A 75 -16.53 20.74 -23.74
C ILE A 75 -17.13 22.01 -23.16
N GLY A 76 -16.58 23.16 -23.53
CA GLY A 76 -17.17 24.43 -23.18
C GLY A 76 -16.63 25.10 -21.94
N ARG A 77 -15.55 24.57 -21.35
CA ARG A 77 -14.89 25.23 -20.24
C ARG A 77 -13.81 26.21 -20.70
N GLU A 78 -14.00 26.80 -21.88
CA GLU A 78 -13.05 27.78 -22.41
C GLU A 78 -12.72 28.86 -21.39
N ASP A 79 -13.74 29.44 -20.77
CA ASP A 79 -13.50 30.52 -19.81
C ASP A 79 -12.62 30.09 -18.65
N VAL A 80 -12.67 28.81 -18.27
CA VAL A 80 -11.84 28.34 -17.18
C VAL A 80 -10.36 28.50 -17.53
N VAL A 81 -10.02 28.33 -18.80
CA VAL A 81 -8.65 28.60 -19.21
C VAL A 81 -8.35 30.10 -19.16
N LYS A 82 -9.30 30.93 -19.58
CA LYS A 82 -9.06 32.38 -19.55
C LYS A 82 -8.88 32.87 -18.12
N LYS A 83 -9.72 32.40 -17.19
CA LYS A 83 -9.59 32.84 -15.81
C LYS A 83 -8.25 32.44 -15.22
N LEU A 84 -7.84 31.19 -15.42
CA LEU A 84 -6.60 30.70 -14.82
C LEU A 84 -5.42 31.54 -15.28
N PHE A 85 -5.28 31.75 -16.59
CA PHE A 85 -4.18 32.56 -17.09
C PHE A 85 -4.22 33.98 -16.55
N SER A 86 -5.40 34.48 -16.20
CA SER A 86 -5.46 35.77 -15.52
C SER A 86 -4.84 35.67 -14.13
N VAL A 87 -5.23 34.67 -13.34
CA VAL A 87 -4.79 34.59 -11.96
C VAL A 87 -3.29 34.40 -11.88
N ILE A 88 -2.73 33.55 -12.75
CA ILE A 88 -1.27 33.39 -12.81
C ILE A 88 -0.61 34.73 -13.07
N LYS A 89 -1.18 35.52 -13.99
CA LYS A 89 -0.66 36.86 -14.22
C LYS A 89 -0.70 37.68 -12.93
N GLN A 90 -1.83 37.62 -12.20
CA GLN A 90 -1.90 38.29 -10.91
C GLN A 90 -0.82 37.77 -9.97
N ALA A 91 -0.52 36.47 -10.04
CA ALA A 91 0.53 35.90 -9.21
C ALA A 91 1.91 36.38 -9.66
N VAL A 92 2.07 36.68 -10.95
CA VAL A 92 3.39 37.04 -11.44
C VAL A 92 3.69 38.52 -11.19
N GLU A 93 2.71 39.40 -11.40
CA GLU A 93 2.91 40.82 -11.14
C GLU A 93 3.10 41.07 -9.65
N ASP A 94 2.23 40.51 -8.82
CA ASP A 94 2.36 40.66 -7.37
C ASP A 94 3.65 39.99 -6.87
N GLY A 95 4.07 38.90 -7.51
CA GLY A 95 5.32 38.26 -7.12
C GLY A 95 6.52 39.14 -7.35
N GLY A 96 6.43 40.07 -8.30
CA GLY A 96 7.53 40.99 -8.54
C GLY A 96 8.73 40.30 -9.15
N ASN A 97 9.92 40.79 -8.79
CA ASN A 97 11.17 40.34 -9.39
C ASN A 97 11.84 39.22 -8.61
N ASN A 98 11.11 38.49 -7.78
CA ASN A 98 11.67 37.36 -7.05
C ASN A 98 11.87 36.18 -7.98
N MET A 99 12.99 36.17 -8.71
CA MET A 99 13.18 35.20 -9.79
C MET A 99 13.16 33.77 -9.29
N VAL A 100 13.52 33.53 -8.03
CA VAL A 100 13.43 32.17 -7.48
C VAL A 100 11.98 31.76 -7.31
N PHE A 101 11.10 32.71 -6.99
CA PHE A 101 9.67 32.40 -6.87
C PHE A 101 9.09 32.05 -8.24
N LEU A 102 9.49 32.80 -9.27
CA LEU A 102 9.07 32.45 -10.62
C LEU A 102 9.68 31.12 -11.07
N SER A 103 10.84 30.75 -10.54
CA SER A 103 11.37 29.42 -10.82
C SER A 103 10.50 28.35 -10.20
N LEU A 104 10.06 28.55 -8.95
CA LEU A 104 9.13 27.62 -8.34
C LEU A 104 7.82 27.52 -9.13
N LEU A 105 7.32 28.66 -9.62
CA LEU A 105 6.11 28.61 -10.45
C LEU A 105 6.35 27.82 -11.73
N LYS A 106 7.49 28.04 -12.38
CA LYS A 106 7.82 27.29 -13.59
C LYS A 106 7.88 25.79 -13.30
N GLU A 107 8.47 25.41 -12.17
CA GLU A 107 8.52 24.01 -11.78
C GLU A 107 7.12 23.45 -11.54
N LEU A 108 6.32 24.15 -10.74
CA LEU A 108 5.03 23.63 -10.33
C LEU A 108 4.06 23.51 -11.51
N LEU A 109 3.97 24.55 -12.34
CA LEU A 109 3.00 24.53 -13.43
C LEU A 109 3.41 23.61 -14.57
N SER A 110 4.66 23.13 -14.60
CA SER A 110 5.05 22.17 -15.62
C SER A 110 4.48 20.79 -15.34
N ASN A 111 4.31 20.43 -14.08
CA ASN A 111 3.77 19.15 -13.69
C ASN A 111 2.29 19.09 -14.05
N PRO A 112 1.86 18.18 -14.94
CA PRO A 112 0.47 18.23 -15.43
C PRO A 112 -0.59 18.01 -14.36
N GLU A 113 -0.30 17.20 -13.34
CA GLU A 113 -1.31 16.95 -12.31
C GLU A 113 -1.61 18.22 -11.52
N ILE A 114 -0.58 19.01 -11.23
CA ILE A 114 -0.79 20.29 -10.55
C ILE A 114 -1.66 21.20 -11.39
N PHE A 115 -1.40 21.25 -12.69
CA PHE A 115 -2.17 22.13 -13.57
C PHE A 115 -3.62 21.69 -13.65
N GLU A 116 -3.86 20.38 -13.69
CA GLU A 116 -5.24 19.89 -13.70
C GLU A 116 -5.96 20.22 -12.41
N ILE A 117 -5.30 20.03 -11.26
CA ILE A 117 -5.90 20.37 -9.98
C ILE A 117 -6.25 21.85 -9.94
N LEU A 118 -5.34 22.69 -10.42
CA LEU A 118 -5.62 24.13 -10.46
C LEU A 118 -6.78 24.44 -11.38
N LEU A 119 -6.89 23.74 -12.52
CA LEU A 119 -8.04 23.95 -13.39
C LEU A 119 -9.33 23.59 -12.68
N LEU A 120 -9.33 22.50 -11.90
CA LEU A 120 -10.53 22.15 -11.16
C LEU A 120 -10.88 23.23 -10.13
N TRP A 121 -9.89 23.75 -9.42
CA TRP A 121 -10.19 24.73 -8.38
C TRP A 121 -10.52 26.11 -8.94
N VAL A 122 -10.11 26.42 -10.17
CA VAL A 122 -10.52 27.69 -10.76
C VAL A 122 -11.86 27.54 -11.48
N GLU A 123 -12.21 26.31 -11.88
CA GLU A 123 -13.46 26.08 -12.60
C GLU A 123 -14.68 26.41 -11.75
N ILE A 124 -14.73 25.89 -10.54
CA ILE A 124 -15.96 25.89 -9.74
C ILE A 124 -16.15 27.22 -9.04
N ASN A 125 -15.36 28.22 -9.43
CA ASN A 125 -15.42 29.60 -8.91
C ASN A 125 -14.78 29.72 -7.53
N ARG A 126 -13.67 29.02 -7.32
CA ARG A 126 -12.84 29.16 -6.14
C ARG A 126 -11.50 29.80 -6.45
N GLU A 127 -11.46 30.66 -7.47
CA GLU A 127 -10.20 31.28 -7.90
C GLU A 127 -9.48 31.96 -6.74
N ASP A 128 -10.25 32.53 -5.80
CA ASP A 128 -9.65 33.20 -4.66
C ASP A 128 -8.74 32.26 -3.88
N VAL A 129 -9.09 30.97 -3.81
CA VAL A 129 -8.25 30.02 -3.09
C VAL A 129 -6.91 29.84 -3.79
N VAL A 130 -6.91 29.79 -5.13
CA VAL A 130 -5.66 29.64 -5.85
C VAL A 130 -4.81 30.90 -5.70
N LYS A 131 -5.44 32.07 -5.72
CA LYS A 131 -4.67 33.30 -5.55
C LYS A 131 -4.05 33.38 -4.15
N LYS A 132 -4.83 33.07 -3.12
CA LYS A 132 -4.30 33.07 -1.76
C LYS A 132 -3.19 32.03 -1.61
N PHE A 133 -3.30 30.90 -2.31
CA PHE A 133 -2.27 29.88 -2.17
C PHE A 133 -0.98 30.30 -2.85
N PHE A 134 -1.07 30.95 -4.01
CA PHE A 134 0.15 31.52 -4.60
C PHE A 134 0.75 32.61 -3.72
N ASP A 135 -0.10 33.37 -3.01
CA ASP A 135 0.43 34.34 -2.06
C ASP A 135 1.17 33.65 -0.92
N VAL A 136 0.62 32.54 -0.41
CA VAL A 136 1.30 31.77 0.63
C VAL A 136 2.65 31.27 0.13
N ILE A 137 2.71 30.81 -1.12
CA ILE A 137 3.99 30.39 -1.70
C ILE A 137 4.99 31.54 -1.67
N LYS A 138 4.59 32.71 -2.20
CA LYS A 138 5.49 33.85 -2.23
C LYS A 138 5.98 34.20 -0.83
N TRP A 139 5.07 34.20 0.16
CA TRP A 139 5.47 34.58 1.50
C TRP A 139 6.42 33.57 2.11
N ALA A 140 6.17 32.28 1.90
CA ALA A 140 7.09 31.26 2.41
C ALA A 140 8.46 31.38 1.75
N VAL A 141 8.50 31.80 0.48
CA VAL A 141 9.79 31.99 -0.18
C VAL A 141 10.54 33.17 0.43
N GLU A 142 9.86 34.29 0.62
CA GLU A 142 10.54 35.44 1.22
C GLU A 142 10.99 35.15 2.64
N ARG A 143 10.16 34.43 3.42
CA ARG A 143 10.55 34.08 4.78
C ARG A 143 11.74 33.13 4.79
N GLY A 144 11.76 32.17 3.87
CA GLY A 144 12.89 31.25 3.79
C GLY A 144 14.20 31.95 3.52
N GLY A 145 14.19 32.94 2.64
CA GLY A 145 15.40 33.68 2.34
C GLY A 145 16.40 32.84 1.56
N ASN A 146 17.63 33.38 1.48
CA ASN A 146 18.73 32.70 0.81
C ASN A 146 19.25 31.59 1.72
N ASN A 147 18.64 30.41 1.58
CA ASN A 147 18.98 29.24 2.39
C ASN A 147 18.56 28.00 1.62
N PRO A 148 19.31 27.65 0.57
CA PRO A 148 18.76 26.79 -0.49
C PRO A 148 18.28 25.42 -0.05
N LYS A 149 18.75 24.90 1.09
CA LYS A 149 18.24 23.61 1.56
C LYS A 149 16.74 23.70 1.85
N PHE A 150 16.32 24.78 2.52
CA PHE A 150 14.91 24.97 2.83
C PHE A 150 14.10 25.14 1.55
N LEU A 151 14.62 25.89 0.58
CA LEU A 151 13.93 26.04 -0.69
C LEU A 151 13.83 24.71 -1.44
N SER A 152 14.81 23.83 -1.28
CA SER A 152 14.73 22.52 -1.91
C SER A 152 13.64 21.67 -1.26
N LEU A 153 13.58 21.68 0.07
CA LEU A 153 12.48 20.98 0.74
C LEU A 153 11.14 21.56 0.32
N LEU A 154 11.04 22.88 0.20
CA LEU A 154 9.79 23.51 -0.22
C LEU A 154 9.39 23.05 -1.61
N LYS A 155 10.34 23.06 -2.55
CA LYS A 155 10.06 22.61 -3.91
C LYS A 155 9.59 21.17 -3.92
N LEU A 156 10.29 20.29 -3.20
CA LEU A 156 9.91 18.88 -3.20
C LEU A 156 8.54 18.67 -2.58
N ILE A 157 8.28 19.35 -1.45
CA ILE A 157 7.02 19.14 -0.73
C ILE A 157 5.83 19.67 -1.54
N LEU A 158 6.02 20.77 -2.28
CA LEU A 158 4.91 21.26 -3.08
C LEU A 158 4.79 20.52 -4.41
N SER A 159 5.88 19.92 -4.89
CA SER A 159 5.80 19.17 -6.14
C SER A 159 4.94 17.92 -6.00
N ASN A 160 4.92 17.31 -4.82
CA ASN A 160 4.16 16.09 -4.58
C ASN A 160 2.66 16.39 -4.69
N PRO A 161 1.91 15.67 -5.52
CA PRO A 161 0.50 16.03 -5.73
C PRO A 161 -0.35 15.93 -4.47
N GLU A 162 -0.17 14.88 -3.66
CA GLU A 162 -0.98 14.72 -2.46
C GLU A 162 -0.80 15.90 -1.51
N ILE A 163 0.44 16.34 -1.33
CA ILE A 163 0.69 17.47 -0.43
C ILE A 163 0.09 18.74 -1.02
N PHE A 164 0.09 18.86 -2.35
CA PHE A 164 -0.54 20.02 -2.98
C PHE A 164 -2.04 20.03 -2.72
N LYS A 165 -2.69 18.87 -2.84
CA LYS A 165 -4.11 18.79 -2.55
C LYS A 165 -4.40 19.15 -1.10
N ILE A 166 -3.59 18.62 -0.17
CA ILE A 166 -3.78 18.92 1.25
C ILE A 166 -3.64 20.42 1.49
N LEU A 167 -2.62 21.03 0.87
CA LEU A 167 -2.42 22.48 1.03
C LEU A 167 -3.63 23.25 0.53
N LEU A 168 -4.14 22.91 -0.66
CA LEU A 168 -5.31 23.63 -1.17
C LEU A 168 -6.51 23.43 -0.25
N LEU A 169 -6.68 22.22 0.29
CA LEU A 169 -7.80 21.97 1.18
C LEU A 169 -7.71 22.82 2.44
N TRP A 170 -6.51 22.91 3.03
CA TRP A 170 -6.36 23.71 4.25
C TRP A 170 -6.41 25.20 3.98
N VAL A 171 -6.07 25.63 2.76
CA VAL A 171 -6.18 27.05 2.45
C VAL A 171 -7.64 27.43 2.20
N TYR A 172 -8.40 26.55 1.57
CA TYR A 172 -9.82 26.81 1.36
C TYR A 172 -10.55 26.97 2.69
N GLU A 173 -10.30 26.05 3.63
CA GLU A 173 -10.99 26.03 4.91
C GLU A 173 -10.61 27.21 5.80
N ASN A 174 -9.75 28.10 5.30
CA ASN A 174 -9.27 29.30 5.98
C ASN A 174 -8.33 28.99 7.14
N LYS A 175 -7.58 27.88 7.05
CA LYS A 175 -6.56 27.53 8.02
C LYS A 175 -5.18 28.07 7.63
N GLU A 176 -5.12 29.17 6.88
CA GLU A 176 -3.86 29.68 6.36
C GLU A 176 -2.81 29.86 7.45
N GLU A 177 -3.21 30.35 8.63
CA GLU A 177 -2.27 30.55 9.71
C GLU A 177 -1.60 29.24 10.12
N VAL A 178 -2.34 28.14 10.07
CA VAL A 178 -1.75 26.84 10.36
C VAL A 178 -0.63 26.53 9.37
N VAL A 179 -0.86 26.78 8.08
CA VAL A 179 0.15 26.51 7.08
C VAL A 179 1.37 27.38 7.29
N LYS A 180 1.17 28.66 7.57
CA LYS A 180 2.30 29.55 7.80
C LYS A 180 3.11 29.10 9.02
N LYS A 181 2.43 28.74 10.11
CA LYS A 181 3.14 28.25 11.28
C LYS A 181 3.93 27.00 10.97
N LEU A 182 3.36 26.10 10.14
CA LEU A 182 4.09 24.90 9.76
C LEU A 182 5.34 25.25 8.97
N PHE A 183 5.23 26.19 8.03
CA PHE A 183 6.41 26.55 7.24
C PHE A 183 7.48 27.21 8.10
N ASP A 184 7.08 28.01 9.10
CA ASP A 184 8.08 28.58 10.00
C ASP A 184 8.72 27.50 10.87
N VAL A 185 7.94 26.51 11.31
CA VAL A 185 8.52 25.43 12.10
C VAL A 185 9.50 24.63 11.26
N LEU A 186 9.19 24.42 9.98
CA LEU A 186 10.11 23.69 9.13
C LEU A 186 11.38 24.48 8.86
N LEU A 187 11.25 25.80 8.64
CA LEU A 187 12.42 26.64 8.48
C LEU A 187 13.34 26.57 9.70
N TYR A 188 12.74 26.67 10.89
CA TYR A 188 13.56 26.58 12.10
C TYR A 188 14.14 25.18 12.27
N ALA A 189 13.42 24.14 11.85
CA ALA A 189 13.98 22.80 11.92
C ALA A 189 15.21 22.67 11.04
N VAL A 190 15.17 23.27 9.86
CA VAL A 190 16.30 23.17 8.94
C VAL A 190 17.48 23.99 9.47
N LYS A 191 17.21 25.19 9.99
CA LYS A 191 18.31 26.02 10.48
C LYS A 191 18.95 25.43 11.72
N GLU A 192 18.15 24.98 12.69
CA GLU A 192 18.73 24.35 13.88
C GLU A 192 19.35 22.99 13.54
N GLY A 193 18.87 22.33 12.49
CA GLY A 193 19.47 21.07 12.08
C GLY A 193 20.86 21.26 11.50
N GLY A 194 21.16 22.45 10.99
CA GLY A 194 22.45 22.77 10.42
C GLY A 194 22.82 21.85 9.28
N ASP A 195 24.13 21.72 9.05
CA ASP A 195 24.64 20.92 7.95
C ASP A 195 24.88 19.50 8.42
N ASN A 196 23.95 18.61 8.10
CA ASN A 196 24.11 17.18 8.33
C ASN A 196 23.23 16.46 7.33
N GLU A 197 23.82 15.94 6.25
CA GLU A 197 23.02 15.46 5.13
C GLU A 197 22.10 14.31 5.53
N LYS A 198 22.51 13.51 6.51
CA LYS A 198 21.65 12.41 6.96
C LYS A 198 20.35 12.93 7.56
N PHE A 199 20.43 14.00 8.35
CA PHE A 199 19.22 14.55 8.96
C PHE A 199 18.33 15.20 7.92
N LEU A 200 18.91 15.89 6.92
CA LEU A 200 18.12 16.45 5.85
C LEU A 200 17.43 15.35 5.05
N GLU A 201 18.14 14.25 4.79
CA GLU A 201 17.52 13.11 4.10
C GLU A 201 16.38 12.53 4.90
N LEU A 202 16.54 12.45 6.23
CA LEU A 202 15.47 11.90 7.06
C LEU A 202 14.25 12.82 7.07
N LEU A 203 14.46 14.13 7.16
CA LEU A 203 13.34 15.07 7.08
C LEU A 203 12.65 14.96 5.73
N LYS A 204 13.43 14.87 4.65
CA LYS A 204 12.85 14.77 3.32
C LYS A 204 11.97 13.53 3.20
N GLU A 205 12.47 12.39 3.66
CA GLU A 205 11.72 11.15 3.58
C GLU A 205 10.46 11.20 4.45
N ILE A 206 10.59 11.71 5.68
CA ILE A 206 9.44 11.78 6.58
C ILE A 206 8.36 12.69 6.01
N LEU A 207 8.72 13.91 5.61
CA LEU A 207 7.73 14.85 5.09
C LEU A 207 7.20 14.44 3.73
N SER A 208 7.89 13.55 3.02
CA SER A 208 7.35 13.06 1.76
C SER A 208 6.16 12.13 1.94
N ASN A 209 5.94 11.63 3.16
CA ASN A 209 4.82 10.76 3.48
C ASN A 209 3.59 11.60 3.78
N PRO A 210 2.49 11.44 3.03
CA PRO A 210 1.33 12.34 3.20
C PRO A 210 0.69 12.26 4.58
N GLU A 211 0.64 11.06 5.19
CA GLU A 211 0.03 10.95 6.51
C GLU A 211 0.78 11.78 7.55
N ILE A 212 2.11 11.78 7.47
CA ILE A 212 2.90 12.54 8.44
C ILE A 212 2.64 14.04 8.27
N PHE A 213 2.52 14.50 7.03
CA PHE A 213 2.23 15.92 6.80
C PHE A 213 0.85 16.28 7.33
N GLU A 214 -0.14 15.41 7.10
CA GLU A 214 -1.46 15.64 7.66
C GLU A 214 -1.41 15.72 9.18
N ILE A 215 -0.69 14.80 9.82
CA ILE A 215 -0.58 14.82 11.29
C ILE A 215 0.08 16.10 11.77
N LEU A 216 1.16 16.52 11.11
CA LEU A 216 1.85 17.74 11.52
C LEU A 216 0.93 18.95 11.43
N LEU A 217 0.21 19.09 10.31
CA LEU A 217 -0.72 20.19 10.19
C LEU A 217 -1.80 20.13 11.26
N GLU A 218 -2.34 18.93 11.52
CA GLU A 218 -3.41 18.78 12.49
C GLU A 218 -2.94 19.11 13.90
N TRP A 219 -1.65 18.93 14.19
CA TRP A 219 -1.12 19.28 15.50
C TRP A 219 -0.73 20.75 15.62
N VAL A 220 -0.11 21.32 14.59
CA VAL A 220 0.22 22.75 14.64
C VAL A 220 -1.03 23.60 14.54
N GLU A 221 -2.17 23.00 14.16
CA GLU A 221 -3.44 23.72 14.22
C GLU A 221 -3.75 24.17 15.64
N GLU A 222 -3.61 23.27 16.61
CA GLU A 222 -3.97 23.54 18.00
C GLU A 222 -2.91 24.36 18.74
N ASN A 223 -2.02 25.05 18.02
CA ASN A 223 -0.92 25.80 18.62
C ASN A 223 -0.04 24.88 19.47
N LYS A 224 0.56 23.92 18.77
CA LYS A 224 1.49 22.98 19.37
C LYS A 224 2.85 23.06 18.68
N GLU A 225 3.22 24.26 18.24
CA GLU A 225 4.48 24.44 17.51
C GLU A 225 5.68 23.99 18.34
N ASP A 226 5.67 24.27 19.64
CA ASP A 226 6.80 23.86 20.47
C ASP A 226 6.95 22.35 20.50
N VAL A 227 5.83 21.63 20.45
CA VAL A 227 5.89 20.16 20.45
C VAL A 227 6.61 19.67 19.20
N VAL A 228 6.25 20.22 18.04
CA VAL A 228 6.87 19.77 16.79
C VAL A 228 8.34 20.16 16.75
N LYS A 229 8.67 21.34 17.26
CA LYS A 229 10.08 21.74 17.31
C LYS A 229 10.88 20.80 18.20
N LYS A 230 10.36 20.47 19.38
CA LYS A 230 11.05 19.53 20.24
C LYS A 230 11.17 18.15 19.60
N LEU A 231 10.16 17.74 18.82
CA LEU A 231 10.27 16.45 18.14
C LEU A 231 11.39 16.46 17.10
N PHE A 232 11.50 17.54 16.32
CA PHE A 232 12.61 17.60 15.38
C PHE A 232 13.96 17.69 16.09
N ASP A 233 14.00 18.32 17.26
CA ASP A 233 15.24 18.32 18.04
C ASP A 233 15.61 16.91 18.47
N VAL A 234 14.60 16.13 18.91
CA VAL A 234 14.87 14.75 19.33
C VAL A 234 15.33 13.91 18.15
N ILE A 235 14.74 14.12 16.97
CA ILE A 235 15.21 13.37 15.79
C ILE A 235 16.64 13.76 15.46
N LYS A 236 16.98 15.05 15.55
CA LYS A 236 18.36 15.47 15.29
C LYS A 236 19.33 14.81 16.25
N TYR A 237 18.96 14.77 17.53
CA TYR A 237 19.83 14.11 18.51
C TYR A 237 19.95 12.63 18.23
N ALA A 238 18.86 11.98 17.85
CA ALA A 238 18.91 10.54 17.57
C ALA A 238 19.81 10.25 16.37
N VAL A 239 19.79 11.13 15.36
CA VAL A 239 20.64 10.90 14.19
C VAL A 239 22.10 11.20 14.51
N GLU A 240 22.36 12.25 15.29
CA GLU A 240 23.73 12.55 15.67
C GLU A 240 24.33 11.46 16.54
N ARG A 241 23.54 10.91 17.47
CA ARG A 241 24.01 9.85 18.35
C ARG A 241 24.22 8.53 17.62
N GLY A 242 23.52 8.33 16.50
CA GLY A 242 23.62 7.05 15.80
C GLY A 242 24.94 6.80 15.10
N GLY A 243 25.67 7.86 14.77
CA GLY A 243 26.92 7.66 14.07
C GLY A 243 26.69 7.25 12.63
N ASP A 244 27.74 6.69 12.03
CA ASP A 244 27.69 6.21 10.65
C ASP A 244 27.09 4.81 10.55
N ASN A 245 26.71 4.21 11.67
CA ASN A 245 26.15 2.86 11.66
C ASN A 245 24.83 2.85 10.90
N GLU A 246 24.84 2.26 9.70
CA GLU A 246 23.71 2.41 8.79
C GLU A 246 22.46 1.70 9.29
N LYS A 247 22.60 0.68 10.12
CA LYS A 247 21.42 -0.08 10.52
C LYS A 247 20.53 0.70 11.49
N PHE A 248 21.13 1.46 12.41
CA PHE A 248 20.34 2.29 13.30
C PHE A 248 19.63 3.40 12.54
N TYR A 249 20.34 4.06 11.62
CA TYR A 249 19.74 5.09 10.80
C TYR A 249 18.61 4.50 9.96
N GLU A 250 18.77 3.27 9.49
CA GLU A 250 17.72 2.61 8.73
C GLU A 250 16.49 2.34 9.61
N LEU A 251 16.73 1.91 10.85
CA LEU A 251 15.60 1.71 11.77
C LEU A 251 14.86 3.01 12.02
N LEU A 252 15.59 4.11 12.22
CA LEU A 252 14.90 5.40 12.40
C LEU A 252 14.12 5.78 11.16
N LYS A 253 14.72 5.63 9.97
CA LYS A 253 14.03 5.99 8.74
C LYS A 253 12.77 5.16 8.56
N LEU A 254 12.78 3.91 9.04
CA LEU A 254 11.59 3.07 8.97
C LEU A 254 10.54 3.52 9.98
N LEU A 255 10.91 3.54 11.26
CA LEU A 255 9.93 3.78 12.32
C LEU A 255 9.31 5.17 12.22
N LEU A 256 10.10 6.18 11.87
CA LEU A 256 9.57 7.54 11.86
C LEU A 256 8.58 7.77 10.73
N SER A 257 8.66 6.99 9.65
CA SER A 257 7.69 7.15 8.56
C SER A 257 6.34 6.53 8.91
N ASN A 258 6.32 5.52 9.77
CA ASN A 258 5.10 4.87 10.21
C ASN A 258 4.27 5.83 11.05
N PRO A 259 3.07 6.23 10.61
CA PRO A 259 2.35 7.31 11.30
C PRO A 259 1.98 6.99 12.75
N GLU A 260 1.72 5.72 13.08
CA GLU A 260 1.37 5.38 14.46
C GLU A 260 2.51 5.71 15.42
N ILE A 261 3.74 5.36 15.04
CA ILE A 261 4.89 5.64 15.88
C ILE A 261 5.11 7.14 16.00
N PHE A 262 4.85 7.88 14.93
CA PHE A 262 5.04 9.33 14.98
C PHE A 262 4.03 9.98 15.90
N LYS A 263 2.77 9.50 15.87
CA LYS A 263 1.76 9.98 16.79
C LYS A 263 2.16 9.68 18.23
N ILE A 264 2.57 8.44 18.50
CA ILE A 264 3.00 8.06 19.85
C ILE A 264 4.15 8.93 20.32
N LEU A 265 5.10 9.23 19.43
CA LEU A 265 6.23 10.07 19.80
C LEU A 265 5.81 11.50 20.09
N LEU A 266 4.89 12.04 19.30
CA LEU A 266 4.36 13.38 19.59
C LEU A 266 3.70 13.41 20.96
N GLU A 267 2.87 12.42 21.27
CA GLU A 267 2.13 12.44 22.52
C GLU A 267 3.04 12.41 23.74
N TRP A 268 4.23 11.83 23.62
CA TRP A 268 5.17 11.79 24.73
C TRP A 268 6.33 12.77 24.59
N VAL A 269 6.35 13.56 23.52
CA VAL A 269 7.22 14.73 23.47
C VAL A 269 6.48 15.98 23.96
N GLU A 270 5.15 15.98 23.91
CA GLU A 270 4.36 17.09 24.44
C GLU A 270 4.61 17.33 25.94
N ILE A 271 4.48 16.28 26.74
CA ILE A 271 4.24 16.40 28.17
C ILE A 271 5.56 16.48 28.93
N ASN A 272 6.63 16.82 28.21
CA ASN A 272 7.98 16.97 28.79
C ASN A 272 8.54 15.63 29.24
N LYS A 273 8.34 14.60 28.42
CA LYS A 273 8.99 13.31 28.58
C LYS A 273 9.99 13.04 27.45
N GLU A 274 10.57 14.10 26.88
CA GLU A 274 11.44 13.92 25.73
C GLU A 274 12.73 13.20 26.07
N ASP A 275 13.24 13.36 27.31
CA ASP A 275 14.46 12.63 27.66
C ASP A 275 14.20 11.13 27.74
N VAL A 276 12.96 10.74 28.05
CA VAL A 276 12.59 9.33 27.97
C VAL A 276 12.75 8.83 26.54
N VAL A 277 12.33 9.63 25.57
CA VAL A 277 12.50 9.22 24.17
C VAL A 277 13.97 9.17 23.81
N LYS A 278 14.78 10.11 24.34
CA LYS A 278 16.21 10.07 24.08
C LYS A 278 16.84 8.78 24.62
N LYS A 279 16.53 8.43 25.86
CA LYS A 279 17.07 7.20 26.44
C LYS A 279 16.58 5.98 25.68
N PHE A 280 15.34 6.00 25.20
CA PHE A 280 14.83 4.86 24.45
C PHE A 280 15.57 4.70 23.13
N PHE A 281 15.86 5.82 22.44
CA PHE A 281 16.65 5.72 21.23
C PHE A 281 18.06 5.22 21.51
N ASP A 282 18.63 5.62 22.63
CA ASP A 282 19.93 5.10 23.01
C ASP A 282 19.85 3.60 23.32
N VAL A 283 18.73 3.14 23.88
CA VAL A 283 18.55 1.71 24.12
C VAL A 283 18.42 0.96 22.81
N ILE A 284 17.77 1.55 21.82
CA ILE A 284 17.72 0.93 20.50
C ILE A 284 19.12 0.79 19.93
N LYS A 285 19.94 1.84 20.01
CA LYS A 285 21.32 1.74 19.55
C LYS A 285 22.06 0.63 20.29
N TRP A 286 21.88 0.56 21.61
CA TRP A 286 22.56 -0.46 22.40
C TRP A 286 22.12 -1.86 21.99
N ALA A 287 20.82 -2.06 21.78
CA ALA A 287 20.33 -3.38 21.39
C ALA A 287 20.85 -3.79 20.03
N VAL A 288 20.94 -2.84 19.09
CA VAL A 288 21.46 -3.16 17.77
C VAL A 288 22.94 -3.52 17.85
N GLU A 289 23.71 -2.76 18.63
CA GLU A 289 25.15 -3.04 18.73
C GLU A 289 25.41 -4.32 19.51
N GLU A 290 24.59 -4.64 20.50
CA GLU A 290 24.71 -5.88 21.26
C GLU A 290 24.22 -7.07 20.45
N GLY A 291 23.37 -6.85 19.46
CA GLY A 291 22.90 -7.93 18.63
C GLY A 291 23.83 -8.25 17.48
N GLY A 292 24.74 -7.34 17.16
CA GLY A 292 25.64 -7.55 16.04
C GLY A 292 24.91 -7.50 14.70
N ASP A 293 25.60 -8.02 13.69
CA ASP A 293 25.09 -8.04 12.32
C ASP A 293 24.35 -9.34 12.01
N ASN A 294 23.81 -10.00 13.03
CA ASN A 294 23.07 -11.24 12.89
C ASN A 294 21.71 -10.91 12.30
N PRO A 295 21.44 -11.29 11.04
CA PRO A 295 20.21 -10.81 10.38
C PRO A 295 18.93 -11.36 10.99
N VAL A 296 18.96 -12.53 11.62
CA VAL A 296 17.77 -13.07 12.26
C VAL A 296 17.35 -12.19 13.43
N PHE A 297 18.29 -11.90 14.33
CA PHE A 297 17.97 -11.08 15.49
C PHE A 297 17.57 -9.66 15.08
N TYR A 298 18.20 -9.14 14.03
CA TYR A 298 17.82 -7.82 13.53
C TYR A 298 16.40 -7.85 12.99
N ARG A 299 16.03 -8.93 12.28
CA ARG A 299 14.66 -9.08 11.80
C ARG A 299 13.68 -9.13 12.97
N LEU A 300 14.02 -9.87 14.02
CA LEU A 300 13.15 -9.94 15.19
C LEU A 300 13.00 -8.58 15.84
N LEU A 301 14.11 -7.83 15.97
CA LEU A 301 14.04 -6.51 16.59
C LEU A 301 13.18 -5.58 15.77
N LYS A 302 13.26 -5.66 14.44
CA LYS A 302 12.43 -4.82 13.59
C LYS A 302 10.97 -5.19 13.70
N LEU A 303 10.66 -6.48 13.77
CA LEU A 303 9.27 -6.90 13.92
C LEU A 303 8.72 -6.51 15.29
N ILE A 304 9.56 -6.54 16.32
CA ILE A 304 9.11 -6.19 17.67
C ILE A 304 8.86 -4.70 17.79
N LEU A 305 9.80 -3.88 17.31
CA LEU A 305 9.65 -2.43 17.48
C LEU A 305 8.67 -1.82 16.49
N SER A 306 8.45 -2.45 15.33
CA SER A 306 7.46 -1.91 14.41
C SER A 306 6.07 -1.94 15.03
N ASN A 307 5.80 -2.89 15.90
CA ASN A 307 4.50 -3.06 16.56
C ASN A 307 4.24 -1.91 17.52
N PRO A 308 3.17 -1.13 17.33
CA PRO A 308 2.99 0.07 18.17
C PRO A 308 2.80 -0.23 19.65
N GLU A 309 2.08 -1.32 19.97
CA GLU A 309 1.81 -1.60 21.38
C GLU A 309 3.09 -1.92 22.13
N ILE A 310 3.98 -2.72 21.53
CA ILE A 310 5.26 -3.03 22.15
C ILE A 310 6.09 -1.76 22.29
N PHE A 311 6.01 -0.87 21.30
CA PHE A 311 6.70 0.42 21.40
C PHE A 311 6.21 1.20 22.61
N LYS A 312 4.90 1.26 22.82
CA LYS A 312 4.36 1.96 23.99
C LYS A 312 4.82 1.31 25.29
N ILE A 313 4.82 -0.02 25.32
CA ILE A 313 5.24 -0.74 26.53
C ILE A 313 6.70 -0.42 26.85
N LEU A 314 7.57 -0.44 25.83
CA LEU A 314 8.97 -0.13 26.06
C LEU A 314 9.17 1.30 26.52
N LEU A 315 8.45 2.25 25.93
CA LEU A 315 8.53 3.62 26.42
C LEU A 315 8.10 3.71 27.87
N GLU A 316 6.98 3.08 28.21
CA GLU A 316 6.48 3.10 29.59
C GLU A 316 7.47 2.48 30.55
N TRP A 317 8.22 1.47 30.11
CA TRP A 317 9.18 0.83 31.01
C TRP A 317 10.49 1.60 31.12
N VAL A 318 10.92 2.28 30.06
CA VAL A 318 12.12 3.11 30.20
C VAL A 318 11.80 4.43 30.88
N ASP A 319 10.53 4.79 31.02
CA ASP A 319 10.14 5.98 31.76
C ASP A 319 10.59 5.88 33.21
N ILE A 320 10.34 4.75 33.85
CA ILE A 320 10.46 4.63 35.30
C ILE A 320 11.86 4.16 35.69
N ASN A 321 12.82 4.29 34.76
CA ASN A 321 14.22 3.96 34.99
C ASN A 321 14.46 2.45 35.09
N ASN A 322 13.79 1.68 34.23
CA ASN A 322 14.04 0.26 34.10
C ASN A 322 14.73 -0.06 32.78
N GLU A 323 15.65 0.82 32.38
CA GLU A 323 16.40 0.64 31.15
C GLU A 323 17.13 -0.70 31.14
N ASP A 324 17.73 -1.07 32.28
CA ASP A 324 18.47 -2.33 32.32
C ASP A 324 17.56 -3.53 32.16
N VAL A 325 16.27 -3.41 32.48
CA VAL A 325 15.36 -4.51 32.26
C VAL A 325 15.14 -4.75 30.77
N VAL A 326 14.95 -3.67 30.00
CA VAL A 326 14.83 -3.80 28.56
C VAL A 326 16.12 -4.36 27.96
N LYS A 327 17.27 -3.91 28.47
CA LYS A 327 18.53 -4.45 27.99
C LYS A 327 18.65 -5.94 28.26
N LYS A 328 18.34 -6.37 29.48
CA LYS A 328 18.44 -7.81 29.79
C LYS A 328 17.47 -8.62 28.94
N LEU A 329 16.27 -8.09 28.68
CA LEU A 329 15.32 -8.82 27.82
C LEU A 329 15.88 -8.97 26.41
N PHE A 330 16.42 -7.90 25.84
CA PHE A 330 16.99 -8.02 24.50
C PHE A 330 18.19 -8.96 24.48
N SER A 331 18.96 -8.99 25.58
CA SER A 331 20.08 -9.91 25.65
C SER A 331 19.61 -11.37 25.68
N VAL A 332 18.55 -11.65 26.46
CA VAL A 332 18.00 -13.00 26.50
C VAL A 332 17.49 -13.40 25.12
N ILE A 333 16.78 -12.50 24.44
CA ILE A 333 16.31 -12.81 23.09
C ILE A 333 17.48 -13.09 22.16
N LYS A 334 18.54 -12.28 22.25
CA LYS A 334 19.70 -12.47 21.38
C LYS A 334 20.34 -13.84 21.62
N GLN A 335 20.54 -14.21 22.88
CA GLN A 335 21.17 -15.49 23.16
C GLN A 335 20.29 -16.65 22.74
N ALA A 336 18.97 -16.51 22.88
CA ALA A 336 18.07 -17.57 22.44
C ALA A 336 18.10 -17.72 20.94
N VAL A 337 18.17 -16.61 20.20
CA VAL A 337 18.27 -16.69 18.74
C VAL A 337 19.61 -17.29 18.34
N GLU A 338 20.69 -16.94 19.04
CA GLU A 338 21.99 -17.49 18.71
C GLU A 338 22.03 -19.00 18.92
N ASP A 339 21.45 -19.48 20.02
CA ASP A 339 21.36 -20.92 20.23
C ASP A 339 20.43 -21.60 19.22
N GLY A 340 19.55 -20.83 18.57
CA GLY A 340 18.65 -21.40 17.59
C GLY A 340 19.32 -21.87 16.31
N GLY A 341 20.51 -21.38 16.03
CA GLY A 341 21.21 -21.78 14.82
C GLY A 341 20.40 -21.51 13.57
N ASN A 342 20.33 -22.53 12.70
CA ASN A 342 19.59 -22.46 11.45
C ASN A 342 18.23 -23.15 11.52
N ASN A 343 17.76 -23.46 12.73
CA ASN A 343 16.49 -24.14 12.93
C ASN A 343 15.36 -23.11 12.79
N MET A 344 14.96 -22.86 11.55
CA MET A 344 14.05 -21.76 11.28
C MET A 344 12.63 -22.02 11.75
N VAL A 345 12.22 -23.29 11.85
CA VAL A 345 10.87 -23.54 12.37
C VAL A 345 10.80 -23.21 13.85
N PHE A 346 11.92 -23.33 14.56
CA PHE A 346 11.97 -22.90 15.96
C PHE A 346 11.93 -21.38 16.08
N ILE A 347 12.72 -20.69 15.25
CA ILE A 347 12.75 -19.23 15.27
C ILE A 347 11.39 -18.66 14.91
N ASP A 348 10.60 -19.38 14.09
CA ASP A 348 9.24 -18.95 13.84
C ASP A 348 8.44 -18.88 15.14
N LEU A 349 8.70 -19.80 16.07
CA LEU A 349 7.98 -19.76 17.33
C LEU A 349 8.36 -18.54 18.17
N LEU A 350 9.62 -18.11 18.14
CA LEU A 350 9.95 -16.86 18.81
C LEU A 350 9.28 -15.68 18.12
N GLU A 351 9.23 -15.69 16.79
CA GLU A 351 8.57 -14.61 16.07
C GLU A 351 7.07 -14.58 16.38
N LEU A 352 6.51 -15.72 16.78
CA LEU A 352 5.10 -15.74 17.18
C LEU A 352 4.91 -15.29 18.62
N ILE A 353 5.72 -15.83 19.53
CA ILE A 353 5.56 -15.50 20.96
C ILE A 353 5.84 -14.03 21.22
N LEU A 354 6.97 -13.52 20.72
CA LEU A 354 7.35 -12.15 21.03
C LEU A 354 6.46 -11.12 20.33
N SER A 355 5.64 -11.54 19.38
CA SER A 355 4.76 -10.60 18.70
C SER A 355 3.54 -10.25 19.53
N ASN A 356 3.10 -11.15 20.41
CA ASN A 356 1.90 -10.93 21.19
C ASN A 356 2.23 -10.03 22.38
N PRO A 357 1.64 -8.84 22.49
CA PRO A 357 2.11 -7.89 23.51
C PRO A 357 1.87 -8.35 24.94
N GLU A 358 0.84 -9.17 25.18
CA GLU A 358 0.64 -9.67 26.54
C GLU A 358 1.78 -10.59 26.97
N ILE A 359 2.25 -11.45 26.07
CA ILE A 359 3.35 -12.33 26.41
C ILE A 359 4.65 -11.55 26.53
N PHE A 360 4.79 -10.45 25.77
CA PHE A 360 5.96 -9.61 25.94
C PHE A 360 5.93 -8.90 27.28
N GLU A 361 4.76 -8.43 27.72
CA GLU A 361 4.62 -7.87 29.06
C GLU A 361 5.00 -8.89 30.13
N ILE A 362 4.51 -10.12 29.98
CA ILE A 362 4.83 -11.19 30.94
C ILE A 362 6.33 -11.42 30.99
N LEU A 363 6.96 -11.61 29.82
CA LEU A 363 8.40 -11.83 29.79
C LEU A 363 9.17 -10.68 30.41
N LEU A 364 8.72 -9.44 30.15
CA LEU A 364 9.44 -8.29 30.67
C LEU A 364 9.30 -8.20 32.19
N LEU A 365 8.13 -8.55 32.72
CA LEU A 365 7.98 -8.61 34.17
C LEU A 365 8.84 -9.70 34.78
N TRP A 366 8.96 -10.85 34.10
CA TRP A 366 9.74 -11.95 34.66
C TRP A 366 11.23 -11.69 34.59
N VAL A 367 11.71 -10.99 33.56
CA VAL A 367 13.12 -10.65 33.51
C VAL A 367 13.43 -9.52 34.47
N HIS A 368 12.42 -8.68 34.78
CA HIS A 368 12.64 -7.60 35.73
C HIS A 368 13.04 -8.11 37.11
N ILE A 369 12.43 -9.20 37.57
CA ILE A 369 12.55 -9.61 38.96
C ILE A 369 13.70 -10.59 39.16
N ASN A 370 14.62 -10.64 38.19
CA ASN A 370 15.85 -11.42 38.23
C ASN A 370 15.62 -12.92 38.05
N ARG A 371 14.46 -13.32 37.55
CA ARG A 371 14.20 -14.72 37.21
C ARG A 371 14.53 -15.02 35.75
N GLU A 372 15.52 -14.33 35.18
CA GLU A 372 15.80 -14.47 33.75
C GLU A 372 16.16 -15.90 33.37
N ASP A 373 16.73 -16.68 34.31
CA ASP A 373 17.06 -18.06 33.99
C ASP A 373 15.82 -18.88 33.74
N VAL A 374 14.69 -18.51 34.37
CA VAL A 374 13.43 -19.20 34.10
C VAL A 374 13.02 -19.02 32.65
N VAL A 375 13.08 -17.78 32.16
CA VAL A 375 12.79 -17.51 30.76
C VAL A 375 13.76 -18.26 29.84
N LYS A 376 15.04 -18.27 30.21
CA LYS A 376 16.04 -18.96 29.38
C LYS A 376 15.72 -20.44 29.26
N LYS A 377 15.49 -21.11 30.40
CA LYS A 377 15.18 -22.53 30.37
C LYS A 377 13.84 -22.80 29.71
N LEU A 378 12.88 -21.88 29.78
CA LEU A 378 11.64 -22.05 29.04
C LEU A 378 11.90 -22.06 27.54
N PHE A 379 12.70 -21.12 27.06
CA PHE A 379 13.03 -21.12 25.64
C PHE A 379 13.77 -22.39 25.25
N ASP A 380 14.66 -22.88 26.12
CA ASP A 380 15.37 -24.12 25.80
C ASP A 380 14.44 -25.32 25.80
N VAL A 381 13.45 -25.36 26.69
CA VAL A 381 12.48 -26.45 26.68
C VAL A 381 11.63 -26.39 25.42
N ILE A 382 11.24 -25.19 24.99
CA ILE A 382 10.54 -25.07 23.72
C ILE A 382 11.40 -25.59 22.58
N LYS A 383 12.71 -25.29 22.61
CA LYS A 383 13.59 -25.79 21.56
C LYS A 383 13.72 -27.31 21.59
N TRP A 384 13.91 -27.88 22.78
CA TRP A 384 14.06 -29.33 22.90
C TRP A 384 12.73 -30.07 22.84
N ALA A 385 11.63 -29.36 22.62
CA ALA A 385 10.38 -29.98 22.20
C ALA A 385 10.14 -29.85 20.71
N VAL A 386 10.48 -28.71 20.12
CA VAL A 386 10.37 -28.56 18.67
C VAL A 386 11.35 -29.49 17.96
N GLU A 387 12.53 -29.68 18.53
CA GLU A 387 13.48 -30.63 17.94
C GLU A 387 12.95 -32.06 17.98
N ASP A 388 12.10 -32.37 18.96
CA ASP A 388 11.51 -33.70 19.04
C ASP A 388 10.28 -33.82 18.16
N GLY A 389 9.59 -32.71 17.88
CA GLY A 389 8.47 -32.76 16.96
C GLY A 389 8.86 -33.25 15.58
N GLY A 390 10.03 -32.80 15.10
CA GLY A 390 10.55 -33.28 13.83
C GLY A 390 9.83 -32.69 12.63
N ASN A 391 9.26 -33.56 11.79
CA ASN A 391 8.53 -33.13 10.60
C ASN A 391 7.04 -33.48 10.66
N ASN A 392 6.54 -33.94 11.81
CA ASN A 392 5.11 -34.18 11.98
C ASN A 392 4.43 -32.84 12.21
N MET A 393 4.15 -32.15 11.10
CA MET A 393 3.79 -30.74 11.14
C MET A 393 2.52 -30.48 11.95
N VAL A 394 1.64 -31.49 12.09
CA VAL A 394 0.44 -31.28 12.88
C VAL A 394 0.78 -31.03 14.34
N PHE A 395 1.85 -31.67 14.84
CA PHE A 395 2.28 -31.41 16.21
C PHE A 395 2.78 -29.98 16.36
N ILE A 396 3.59 -29.51 15.41
CA ILE A 396 4.08 -28.14 15.46
C ILE A 396 2.94 -27.15 15.33
N HIS A 397 1.89 -27.50 14.59
CA HIS A 397 0.72 -26.63 14.52
C HIS A 397 0.00 -26.56 15.86
N LEU A 398 -0.14 -27.71 16.53
CA LEU A 398 -0.72 -27.70 17.87
C LEU A 398 0.12 -26.86 18.81
N LEU A 399 1.44 -26.92 18.67
CA LEU A 399 2.30 -26.14 19.55
C LEU A 399 2.18 -24.64 19.27
N ARG A 400 2.10 -24.27 18.00
CA ARG A 400 1.86 -22.87 17.64
C ARG A 400 0.57 -22.38 18.25
N LYS A 401 -0.49 -23.19 18.18
CA LYS A 401 -1.76 -22.79 18.77
C LYS A 401 -1.66 -22.71 20.29
N LEU A 402 -0.89 -23.61 20.90
CA LEU A 402 -0.81 -23.68 22.36
C LEU A 402 -0.07 -22.48 22.93
N LEU A 403 1.11 -22.16 22.39
CA LEU A 403 1.94 -21.14 23.02
C LEU A 403 1.41 -19.72 22.85
N SER A 404 0.52 -19.49 21.90
CA SER A 404 0.05 -18.14 21.65
C SER A 404 -0.78 -17.57 22.80
N ASN A 405 -1.36 -18.42 23.63
CA ASN A 405 -2.22 -17.92 24.70
C ASN A 405 -1.39 -17.45 25.88
N PRO A 406 -1.68 -16.27 26.45
CA PRO A 406 -0.85 -15.77 27.55
C PRO A 406 -0.94 -16.60 28.82
N GLU A 407 -2.09 -17.18 29.13
CA GLU A 407 -2.21 -17.94 30.37
C GLU A 407 -1.41 -19.24 30.31
N ILE A 408 -1.37 -19.88 29.14
CA ILE A 408 -0.54 -21.08 28.98
C ILE A 408 0.93 -20.75 29.20
N PHE A 409 1.39 -19.62 28.64
CA PHE A 409 2.77 -19.21 28.84
C PHE A 409 3.04 -18.88 30.30
N GLU A 410 2.09 -18.24 30.97
CA GLU A 410 2.26 -17.94 32.39
C GLU A 410 2.39 -19.22 33.20
N ILE A 411 1.54 -20.21 32.92
CA ILE A 411 1.60 -21.47 33.67
C ILE A 411 2.91 -22.21 33.39
N LEU A 412 3.36 -22.19 32.13
CA LEU A 412 4.64 -22.83 31.82
C LEU A 412 5.79 -22.16 32.57
N LEU A 413 5.83 -20.82 32.57
CA LEU A 413 6.84 -20.12 33.35
C LEU A 413 6.73 -20.47 34.83
N LEU A 414 5.51 -20.61 35.33
CA LEU A 414 5.33 -20.93 36.74
C LEU A 414 5.90 -22.30 37.08
N TRP A 415 5.68 -23.30 36.21
CA TRP A 415 6.22 -24.63 36.48
C TRP A 415 7.72 -24.69 36.24
N VAL A 416 8.26 -23.85 35.34
CA VAL A 416 9.70 -23.81 35.19
C VAL A 416 10.35 -23.17 36.42
N ASP A 417 9.65 -22.22 37.05
CA ASP A 417 10.19 -21.53 38.23
C ASP A 417 10.47 -22.50 39.37
N ILE A 418 9.44 -23.22 39.81
CA ILE A 418 9.48 -23.94 41.09
C ILE A 418 10.35 -25.19 40.99
N GLY A 419 10.95 -25.44 39.83
CA GLY A 419 11.88 -26.54 39.68
C GLY A 419 11.35 -27.75 38.94
N ARG A 420 10.13 -27.69 38.40
CA ARG A 420 9.51 -28.85 37.76
C ARG A 420 9.73 -28.87 36.26
N GLU A 421 10.89 -28.38 35.80
CA GLU A 421 11.20 -28.36 34.38
C GLU A 421 11.01 -29.74 33.74
N GLU A 422 11.45 -30.79 34.44
CA GLU A 422 11.32 -32.15 33.90
C GLU A 422 9.87 -32.50 33.60
N VAL A 423 8.92 -31.95 34.37
CA VAL A 423 7.52 -32.26 34.15
C VAL A 423 7.03 -31.64 32.85
N VAL A 424 7.45 -30.40 32.57
CA VAL A 424 7.08 -29.77 31.30
C VAL A 424 7.72 -30.51 30.14
N LYS A 425 8.98 -30.91 30.31
CA LYS A 425 9.68 -31.66 29.27
C LYS A 425 8.94 -32.95 28.95
N LYS A 426 8.46 -33.64 30.00
CA LYS A 426 7.71 -34.87 29.80
C LYS A 426 6.34 -34.59 29.16
N PHE A 427 5.73 -33.46 29.52
CA PHE A 427 4.40 -33.15 29.00
C PHE A 427 4.43 -32.92 27.49
N PHE A 428 5.40 -32.16 27.00
CA PHE A 428 5.48 -31.96 25.55
C PHE A 428 5.69 -33.28 24.81
N GLU A 429 6.48 -34.19 25.39
CA GLU A 429 6.66 -35.49 24.75
C GLU A 429 5.40 -36.35 24.82
N LYS A 430 4.61 -36.21 25.88
CA LYS A 430 3.33 -36.90 25.93
C LYS A 430 2.37 -36.38 24.87
N VAL A 431 2.38 -35.06 24.64
CA VAL A 431 1.58 -34.51 23.56
C VAL A 431 2.03 -35.07 22.21
N LEU A 432 3.36 -35.14 22.01
CA LEU A 432 3.87 -35.75 20.79
C LEU A 432 3.38 -37.20 20.64
N GLU A 433 3.37 -37.94 21.74
CA GLU A 433 2.92 -39.33 21.70
C GLU A 433 1.45 -39.42 21.33
N ALA A 434 0.62 -38.55 21.91
CA ALA A 434 -0.80 -38.55 21.57
C ALA A 434 -1.03 -38.19 20.11
N VAL A 435 -0.22 -37.26 19.57
CA VAL A 435 -0.36 -36.88 18.18
C VAL A 435 0.02 -38.03 17.26
N LYS A 436 1.16 -38.68 17.53
CA LYS A 436 1.54 -39.83 16.73
C LYS A 436 0.54 -40.97 16.86
N GLU A 437 -0.13 -41.08 18.02
CA GLU A 437 -1.17 -42.09 18.17
C GLU A 437 -2.40 -41.76 17.34
N GLY A 438 -2.76 -40.47 17.27
CA GLY A 438 -3.92 -40.08 16.50
C GLY A 438 -3.75 -40.36 15.01
N GLY A 439 -2.53 -40.22 14.50
CA GLY A 439 -2.30 -40.53 13.09
C GLY A 439 -2.93 -39.50 12.19
N ASN A 440 -3.61 -39.97 11.16
CA ASN A 440 -4.29 -39.12 10.19
C ASN A 440 -5.77 -39.02 10.44
N ASP A 441 -6.25 -39.49 11.59
CA ASP A 441 -7.66 -39.39 11.97
C ASP A 441 -7.88 -38.02 12.59
N MET A 442 -8.44 -37.10 11.80
CA MET A 442 -8.45 -35.69 12.19
C MET A 442 -9.37 -35.42 13.38
N ILE A 443 -10.38 -36.26 13.60
CA ILE A 443 -11.30 -35.98 14.72
C ILE A 443 -10.59 -36.15 16.05
N GLU A 444 -9.63 -37.09 16.14
CA GLU A 444 -8.87 -37.24 17.38
C GLU A 444 -7.99 -36.02 17.63
N ILE A 445 -7.35 -35.50 16.59
CA ILE A 445 -6.56 -34.28 16.73
C ILE A 445 -7.44 -33.11 17.12
N LYS A 446 -8.66 -33.06 16.59
CA LYS A 446 -9.60 -32.01 16.97
C LYS A 446 -9.93 -32.08 18.46
N LYS A 447 -10.26 -33.27 18.95
CA LYS A 447 -10.57 -33.41 20.37
C LYS A 447 -9.35 -33.09 21.24
N LEU A 448 -8.17 -33.51 20.81
CA LEU A 448 -6.94 -33.18 21.56
C LEU A 448 -6.72 -31.68 21.62
N GLU A 449 -6.86 -31.00 20.48
CA GLU A 449 -6.71 -29.55 20.46
C GLU A 449 -7.73 -28.88 21.36
N GLU A 450 -8.96 -29.39 21.38
CA GLU A 450 -9.98 -28.81 22.23
C GLU A 450 -9.68 -29.03 23.71
N ILE A 451 -9.10 -30.18 24.07
CA ILE A 451 -8.91 -30.48 25.49
C ILE A 451 -7.69 -29.76 26.05
N LEU A 452 -6.59 -29.71 25.29
CA LEU A 452 -5.37 -29.13 25.84
C LEU A 452 -5.34 -27.61 25.81
N LEU A 453 -6.12 -26.98 24.93
CA LEU A 453 -6.00 -25.54 24.69
C LEU A 453 -6.53 -24.68 25.84
N ASP A 454 -7.27 -25.26 26.78
CA ASP A 454 -7.92 -24.47 27.82
C ASP A 454 -7.07 -24.49 29.08
N PRO A 455 -6.65 -23.33 29.59
CA PRO A 455 -5.73 -23.31 30.74
C PRO A 455 -6.19 -24.13 31.93
N GLU A 456 -7.49 -24.12 32.24
CA GLU A 456 -7.97 -24.86 33.40
C GLU A 456 -7.74 -26.35 33.24
N LYS A 457 -7.96 -26.88 32.03
CA LYS A 457 -7.67 -28.28 31.77
C LYS A 457 -6.17 -28.51 31.61
N PHE A 458 -5.43 -27.48 31.19
CA PHE A 458 -3.98 -27.58 31.11
C PHE A 458 -3.37 -27.80 32.48
N GLU A 459 -3.91 -27.12 33.50
CA GLU A 459 -3.47 -27.36 34.87
C GLU A 459 -3.67 -28.82 35.26
N GLU A 460 -4.85 -29.37 34.97
CA GLU A 460 -5.12 -30.76 35.30
C GLU A 460 -4.18 -31.69 34.55
N LEU A 461 -3.86 -31.37 33.30
CA LEU A 461 -2.95 -32.20 32.52
C LEU A 461 -1.56 -32.21 33.14
N LEU A 462 -1.00 -31.03 33.42
CA LEU A 462 0.32 -31.00 34.06
C LEU A 462 0.30 -31.64 35.44
N LEU A 463 -0.85 -31.57 36.14
CA LEU A 463 -0.93 -32.16 37.47
C LEU A 463 -1.00 -33.67 37.40
N GLU A 464 -1.53 -34.23 36.31
CA GLU A 464 -1.66 -35.67 36.19
C GLU A 464 -0.34 -36.34 35.81
N VAL A 465 0.53 -35.64 35.07
CA VAL A 465 1.81 -36.20 34.68
C VAL A 465 2.73 -36.30 35.89
N MET B 1 29.42 43.29 -101.80
CA MET B 1 30.54 43.98 -101.19
C MET B 1 30.60 43.72 -99.68
N VAL B 2 29.45 43.88 -99.02
CA VAL B 2 29.42 43.80 -97.57
C VAL B 2 29.76 42.40 -97.08
N TYR B 3 29.29 41.37 -97.80
CA TYR B 3 29.56 40.00 -97.37
C TYR B 3 31.04 39.67 -97.46
N GLU B 4 31.70 40.10 -98.55
CA GLU B 4 33.13 39.84 -98.69
C GLU B 4 33.93 40.61 -97.65
N ARG B 5 33.53 41.85 -97.37
CA ARG B 5 34.20 42.63 -96.33
C ARG B 5 34.06 41.95 -94.98
N LEU B 6 32.85 41.48 -94.65
CA LEU B 6 32.65 40.80 -93.37
C LEU B 6 33.49 39.52 -93.30
N LYS B 7 33.50 38.73 -94.37
CA LYS B 7 34.29 37.50 -94.37
C LYS B 7 35.78 37.80 -94.18
N GLU B 8 36.28 38.82 -94.89
CA GLU B 8 37.69 39.15 -94.77
C GLU B 8 38.03 39.67 -93.37
N LEU B 9 37.16 40.49 -92.80
CA LEU B 9 37.38 40.97 -91.44
C LEU B 9 37.40 39.81 -90.46
N ILE B 10 36.51 38.83 -90.65
CA ILE B 10 36.46 37.69 -89.74
C ILE B 10 37.71 36.84 -89.88
N GLU B 11 38.18 36.63 -91.11
CA GLU B 11 39.35 35.79 -91.32
C GLU B 11 40.64 36.43 -90.83
N GLU B 12 40.67 37.75 -90.65
CA GLU B 12 41.88 38.44 -90.21
C GLU B 12 42.15 38.26 -88.72
N ASN B 13 41.17 37.84 -87.94
CA ASN B 13 41.41 37.60 -86.52
C ASN B 13 42.27 36.35 -86.37
N PRO B 14 43.41 36.43 -85.68
CA PRO B 14 44.36 35.31 -85.72
C PRO B 14 43.85 34.04 -85.04
N GLU B 15 43.12 34.16 -83.93
CA GLU B 15 42.56 32.96 -83.31
C GLU B 15 41.55 32.29 -84.23
N ILE B 16 40.76 33.08 -84.96
CA ILE B 16 39.84 32.53 -85.93
C ILE B 16 40.59 31.79 -87.02
N GLN B 17 41.70 32.36 -87.49
CA GLN B 17 42.50 31.69 -88.51
C GLN B 17 43.07 30.38 -87.99
N GLU B 18 43.53 30.36 -86.73
CA GLU B 18 44.07 29.13 -86.17
C GLU B 18 43.00 28.06 -86.05
N ILE B 19 41.83 28.43 -85.54
CA ILE B 19 40.76 27.44 -85.38
C ILE B 19 40.27 26.96 -86.75
N LEU B 20 40.27 27.84 -87.75
CA LEU B 20 39.89 27.42 -89.10
C LEU B 20 40.93 26.49 -89.70
N GLU B 21 42.21 26.71 -89.39
CA GLU B 21 43.25 25.79 -89.83
C GLU B 21 43.07 24.42 -89.19
N LEU B 22 42.76 24.40 -87.89
CA LEU B 22 42.50 23.12 -87.21
C LEU B 22 41.29 22.41 -87.82
N TRP B 23 40.23 23.16 -88.11
CA TRP B 23 39.04 22.58 -88.73
C TRP B 23 39.30 22.13 -90.15
N LYS B 24 40.29 22.73 -90.82
CA LYS B 24 40.74 22.20 -92.10
C LYS B 24 41.44 20.86 -91.92
N PHE B 25 42.36 20.78 -90.96
CA PHE B 25 43.14 19.55 -90.79
C PHE B 25 42.32 18.42 -90.19
N ILE B 26 41.30 18.74 -89.39
CA ILE B 26 40.53 17.70 -88.70
C ILE B 26 39.61 17.00 -89.70
N GLY B 27 39.57 17.49 -90.94
CA GLY B 27 38.76 16.85 -91.96
C GLY B 27 37.28 17.16 -91.91
N ARG B 28 36.91 18.36 -91.49
CA ARG B 28 35.51 18.77 -91.38
C ARG B 28 35.30 20.11 -92.08
N GLU B 29 35.84 20.24 -93.29
CA GLU B 29 35.77 21.50 -94.02
C GLU B 29 34.33 21.91 -94.31
N ASP B 30 33.42 20.93 -94.46
CA ASP B 30 32.03 21.27 -94.72
C ASP B 30 31.40 22.03 -93.58
N VAL B 31 31.94 21.90 -92.36
CA VAL B 31 31.45 22.69 -91.24
C VAL B 31 31.76 24.16 -91.45
N VAL B 32 32.99 24.47 -91.88
CA VAL B 32 33.36 25.85 -92.16
C VAL B 32 32.56 26.39 -93.33
N GLU B 33 32.37 25.57 -94.37
CA GLU B 33 31.56 26.00 -95.51
C GLU B 33 30.13 26.30 -95.09
N LYS B 34 29.55 25.45 -94.25
CA LYS B 34 28.19 25.67 -93.77
C LYS B 34 28.09 26.93 -92.92
N LEU B 35 29.10 27.19 -92.09
CA LEU B 35 29.06 28.41 -91.27
C LEU B 35 29.14 29.65 -92.13
N PHE B 36 29.99 29.64 -93.16
CA PHE B 36 30.01 30.79 -94.07
C PHE B 36 28.73 30.88 -94.89
N GLU B 37 28.06 29.76 -95.15
CA GLU B 37 26.75 29.81 -95.79
C GLU B 37 25.74 30.51 -94.88
N VAL B 38 25.73 30.17 -93.59
CA VAL B 38 24.85 30.83 -92.64
C VAL B 38 25.17 32.32 -92.55
N ILE B 39 26.46 32.67 -92.60
CA ILE B 39 26.84 34.08 -92.57
C ILE B 39 26.32 34.80 -93.81
N LYS B 40 26.46 34.19 -94.99
CA LYS B 40 25.93 34.79 -96.21
C LYS B 40 24.43 34.98 -96.11
N TRP B 41 23.72 33.97 -95.60
CA TRP B 41 22.27 34.07 -95.48
C TRP B 41 21.88 35.20 -94.52
N ALA B 42 22.60 35.32 -93.40
CA ALA B 42 22.29 36.39 -92.45
C ALA B 42 22.55 37.76 -93.06
N VAL B 43 23.63 37.90 -93.82
CA VAL B 43 23.91 39.18 -94.47
C VAL B 43 22.83 39.51 -95.50
N GLU B 44 22.40 38.52 -96.29
CA GLU B 44 21.36 38.76 -97.27
C GLU B 44 20.03 39.11 -96.60
N GLU B 45 19.75 38.51 -95.44
CA GLU B 45 18.53 38.83 -94.72
C GLU B 45 18.60 40.21 -94.10
N GLY B 46 19.79 40.66 -93.70
CA GLY B 46 19.92 41.98 -93.09
C GLY B 46 19.60 43.10 -94.06
N GLY B 47 20.06 42.98 -95.31
CA GLY B 47 19.78 44.00 -96.29
C GLY B 47 20.46 45.31 -95.98
N ASN B 48 19.76 46.41 -96.25
CA ASN B 48 20.29 47.76 -96.05
C ASN B 48 20.28 48.21 -94.60
N ASN B 49 19.99 47.31 -93.65
CA ASN B 49 20.01 47.64 -92.22
C ASN B 49 21.43 47.45 -91.72
N MET B 50 22.24 48.50 -91.90
CA MET B 50 23.66 48.40 -91.61
C MET B 50 23.94 48.20 -90.12
N VAL B 51 23.01 48.63 -89.26
CA VAL B 51 23.21 48.42 -87.82
C VAL B 51 23.26 46.93 -87.50
N PHE B 52 22.41 46.14 -88.17
CA PHE B 52 22.44 44.69 -87.94
C PHE B 52 23.71 44.08 -88.48
N ILE B 53 24.23 44.61 -89.59
CA ILE B 53 25.51 44.14 -90.12
C ILE B 53 26.63 44.45 -89.14
N SER B 54 26.58 45.61 -88.49
CA SER B 54 27.56 45.94 -87.48
C SER B 54 27.46 45.01 -86.28
N LEU B 55 26.23 44.67 -85.88
CA LEU B 55 26.05 43.68 -84.82
C LEU B 55 26.65 42.34 -85.21
N LEU B 56 26.46 41.92 -86.46
CA LEU B 56 27.04 40.66 -86.91
C LEU B 56 28.57 40.73 -86.89
N LYS B 57 29.13 41.86 -87.32
CA LYS B 57 30.58 42.04 -87.24
C LYS B 57 31.07 41.88 -85.81
N GLU B 58 30.42 42.57 -84.87
CA GLU B 58 30.85 42.50 -83.47
C GLU B 58 30.71 41.08 -82.91
N ILE B 59 29.58 40.44 -83.18
CA ILE B 59 29.33 39.11 -82.61
C ILE B 59 30.27 38.07 -83.20
N LEU B 60 30.53 38.14 -84.50
CA LEU B 60 31.34 37.13 -85.17
C LEU B 60 32.84 37.35 -85.00
N SER B 61 33.27 38.61 -84.82
CA SER B 61 34.69 38.88 -84.64
C SER B 61 35.22 38.31 -83.33
N ASN B 62 34.37 38.19 -82.33
CA ASN B 62 34.77 37.62 -81.05
C ASN B 62 35.09 36.13 -81.26
N PRO B 63 36.26 35.66 -80.84
CA PRO B 63 36.64 34.27 -81.16
C PRO B 63 35.76 33.22 -80.50
N GLU B 64 35.36 33.44 -79.24
CA GLU B 64 34.60 32.43 -78.52
C GLU B 64 33.23 32.22 -79.15
N ILE B 65 32.58 33.29 -79.60
CA ILE B 65 31.29 33.15 -80.26
C ILE B 65 31.43 32.36 -81.55
N PHE B 66 32.47 32.65 -82.33
CA PHE B 66 32.71 31.91 -83.56
C PHE B 66 32.98 30.43 -83.27
N GLU B 67 33.72 30.15 -82.19
CA GLU B 67 33.98 28.76 -81.83
C GLU B 67 32.69 28.04 -81.44
N ILE B 68 31.84 28.69 -80.67
CA ILE B 68 30.56 28.08 -80.28
C ILE B 68 29.70 27.84 -81.51
N LEU B 69 29.71 28.79 -82.45
CA LEU B 69 28.96 28.61 -83.69
C LEU B 69 29.50 27.41 -84.48
N LEU B 70 30.83 27.27 -84.55
CA LEU B 70 31.41 26.12 -85.22
C LEU B 70 30.95 24.82 -84.57
N LYS B 71 30.98 24.76 -83.24
CA LYS B 71 30.50 23.57 -82.54
C LYS B 71 29.04 23.27 -82.86
N TRP B 72 28.20 24.32 -82.91
CA TRP B 72 26.77 24.10 -83.13
C TRP B 72 26.43 23.81 -84.58
N VAL B 73 27.30 24.17 -85.52
CA VAL B 73 27.11 23.74 -86.91
C VAL B 73 27.63 22.33 -87.12
N ASP B 74 28.69 21.94 -86.41
CA ASP B 74 29.26 20.61 -86.59
C ASP B 74 28.25 19.52 -86.30
N ILE B 75 27.62 19.57 -85.12
CA ILE B 75 26.80 18.46 -84.65
C ILE B 75 25.46 18.46 -85.37
N GLY B 76 25.28 19.38 -86.31
CA GLY B 76 24.08 19.40 -87.13
C GLY B 76 22.94 20.22 -86.58
N ARG B 77 23.22 21.45 -86.16
CA ARG B 77 22.19 22.34 -85.60
C ARG B 77 22.26 23.71 -86.24
N GLU B 78 22.64 23.78 -87.51
CA GLU B 78 22.77 25.07 -88.19
C GLU B 78 21.43 25.81 -88.27
N ASP B 79 20.33 25.06 -88.35
CA ASP B 79 19.01 25.70 -88.37
C ASP B 79 18.76 26.48 -87.09
N VAL B 80 19.31 26.03 -85.96
CA VAL B 80 19.15 26.80 -84.73
C VAL B 80 19.86 28.14 -84.83
N VAL B 81 21.04 28.15 -85.47
CA VAL B 81 21.78 29.40 -85.63
C VAL B 81 21.04 30.33 -86.58
N LYS B 82 20.50 29.78 -87.68
CA LYS B 82 19.73 30.59 -88.61
C LYS B 82 18.50 31.20 -87.94
N LYS B 83 17.79 30.40 -87.14
CA LYS B 83 16.63 30.92 -86.41
C LYS B 83 17.05 32.02 -85.44
N LEU B 84 18.16 31.82 -84.73
CA LEU B 84 18.62 32.84 -83.79
C LEU B 84 18.95 34.14 -84.50
N PHE B 85 19.64 34.06 -85.65
CA PHE B 85 19.98 35.28 -86.37
C PHE B 85 18.73 35.96 -86.94
N SER B 86 17.74 35.18 -87.39
CA SER B 86 16.49 35.79 -87.82
C SER B 86 15.80 36.50 -86.66
N VAL B 87 15.85 35.91 -85.46
CA VAL B 87 15.22 36.53 -84.31
C VAL B 87 15.94 37.83 -83.94
N ILE B 88 17.28 37.82 -84.02
CA ILE B 88 18.04 39.04 -83.74
C ILE B 88 17.72 40.11 -84.77
N LYS B 89 17.61 39.72 -86.04
CA LYS B 89 17.27 40.67 -87.10
C LYS B 89 15.91 41.30 -86.85
N GLN B 90 14.91 40.49 -86.49
CA GLN B 90 13.59 41.05 -86.24
C GLN B 90 13.58 41.93 -85.00
N ALA B 91 14.31 41.55 -83.95
CA ALA B 91 14.35 42.38 -82.75
C ALA B 91 15.04 43.71 -83.02
N VAL B 92 16.07 43.72 -83.87
CA VAL B 92 16.75 44.97 -84.19
C VAL B 92 15.87 45.84 -85.08
N GLU B 93 15.18 45.24 -86.05
CA GLU B 93 14.28 46.02 -86.91
C GLU B 93 13.16 46.65 -86.11
N ASP B 94 12.48 45.86 -85.27
CA ASP B 94 11.37 46.39 -84.49
C ASP B 94 11.83 47.25 -83.33
N GLY B 95 13.09 47.14 -82.91
CA GLY B 95 13.60 48.00 -81.85
C GLY B 95 13.70 49.46 -82.24
N GLY B 96 13.79 49.75 -83.54
CA GLY B 96 13.87 51.12 -83.99
C GLY B 96 15.28 51.66 -83.92
N ASN B 97 15.37 52.99 -83.78
CA ASN B 97 16.65 53.70 -83.73
C ASN B 97 17.04 54.07 -82.31
N ASN B 98 16.68 53.25 -81.33
CA ASN B 98 17.08 53.47 -79.93
C ASN B 98 18.49 52.95 -79.78
N MET B 99 19.47 53.86 -79.86
CA MET B 99 20.87 53.47 -79.87
C MET B 99 21.29 52.82 -78.55
N VAL B 100 20.63 53.16 -77.45
CA VAL B 100 20.97 52.52 -76.18
C VAL B 100 20.50 51.07 -76.17
N PHE B 101 19.34 50.78 -76.79
CA PHE B 101 18.88 49.40 -76.90
C PHE B 101 19.80 48.57 -77.78
N LEU B 102 20.25 49.15 -78.90
CA LEU B 102 21.21 48.47 -79.75
C LEU B 102 22.54 48.27 -79.03
N SER B 103 22.94 49.21 -78.18
CA SER B 103 24.14 49.02 -77.39
C SER B 103 23.98 47.87 -76.40
N LEU B 104 22.81 47.76 -75.78
CA LEU B 104 22.56 46.64 -74.86
C LEU B 104 22.57 45.31 -75.60
N LEU B 105 22.00 45.26 -76.80
CA LEU B 105 22.06 44.03 -77.59
C LEU B 105 23.50 43.70 -77.97
N LYS B 106 24.28 44.71 -78.35
CA LYS B 106 25.69 44.48 -78.65
C LYS B 106 26.44 43.94 -77.44
N GLU B 107 26.08 44.43 -76.25
CA GLU B 107 26.73 43.97 -75.02
C GLU B 107 26.34 42.53 -74.71
N LEU B 108 25.04 42.25 -74.61
CA LEU B 108 24.58 40.95 -74.15
C LEU B 108 25.03 39.82 -75.08
N LEU B 109 24.97 40.06 -76.39
CA LEU B 109 25.36 39.03 -77.35
C LEU B 109 26.86 38.83 -77.45
N SER B 110 27.66 39.76 -76.90
CA SER B 110 29.10 39.57 -76.90
C SER B 110 29.55 38.63 -75.79
N ASN B 111 28.74 38.50 -74.74
CA ASN B 111 29.06 37.60 -73.64
C ASN B 111 28.81 36.16 -74.07
N PRO B 112 29.80 35.27 -74.00
CA PRO B 112 29.59 33.92 -74.57
C PRO B 112 28.55 33.09 -73.84
N GLU B 113 28.40 33.25 -72.53
CA GLU B 113 27.41 32.46 -71.81
C GLU B 113 25.99 32.84 -72.21
N ILE B 114 25.74 34.14 -72.42
CA ILE B 114 24.43 34.59 -72.86
C ILE B 114 24.11 34.01 -74.24
N PHE B 115 25.09 34.03 -75.14
CA PHE B 115 24.86 33.50 -76.48
C PHE B 115 24.63 31.99 -76.44
N GLU B 116 25.35 31.27 -75.58
CA GLU B 116 25.14 29.84 -75.45
C GLU B 116 23.73 29.54 -74.92
N ILE B 117 23.29 30.29 -73.90
CA ILE B 117 21.95 30.08 -73.37
C ILE B 117 20.89 30.37 -74.42
N LEU B 118 21.08 31.46 -75.18
CA LEU B 118 20.11 31.78 -76.23
C LEU B 118 20.06 30.70 -77.30
N LEU B 119 21.22 30.16 -77.69
CA LEU B 119 21.21 29.07 -78.66
C LEU B 119 20.47 27.86 -78.09
N LEU B 120 20.79 27.48 -76.85
CA LEU B 120 20.11 26.35 -76.22
C LEU B 120 18.60 26.56 -76.16
N TRP B 121 18.17 27.81 -75.99
CA TRP B 121 16.75 28.10 -75.84
C TRP B 121 16.04 28.24 -77.18
N VAL B 122 16.75 28.55 -78.24
CA VAL B 122 16.17 28.50 -79.58
C VAL B 122 16.11 27.05 -80.08
N GLU B 123 17.03 26.20 -79.61
CA GLU B 123 17.02 24.79 -80.02
C GLU B 123 15.72 24.10 -79.63
N ILE B 124 15.25 24.33 -78.40
CA ILE B 124 14.10 23.62 -77.85
C ILE B 124 12.81 24.11 -78.51
N ASN B 125 12.96 25.01 -79.49
CA ASN B 125 11.82 25.61 -80.21
C ASN B 125 10.98 26.47 -79.28
N ARG B 126 11.65 27.30 -78.49
CA ARG B 126 11.02 28.29 -77.64
C ARG B 126 11.34 29.69 -78.14
N GLU B 127 11.21 29.86 -79.46
CA GLU B 127 11.61 31.11 -80.12
C GLU B 127 10.82 32.30 -79.59
N ASP B 128 9.52 32.12 -79.37
CA ASP B 128 8.69 33.22 -78.87
C ASP B 128 9.17 33.71 -77.51
N VAL B 129 9.78 32.84 -76.71
CA VAL B 129 10.30 33.27 -75.41
C VAL B 129 11.43 34.27 -75.61
N VAL B 130 12.35 34.00 -76.54
CA VAL B 130 13.42 34.94 -76.83
C VAL B 130 12.86 36.25 -77.38
N LYS B 131 11.88 36.16 -78.28
CA LYS B 131 11.26 37.38 -78.81
C LYS B 131 10.65 38.22 -77.70
N LYS B 132 9.84 37.60 -76.83
CA LYS B 132 9.19 38.33 -75.75
C LYS B 132 10.21 38.88 -74.77
N PHE B 133 11.33 38.18 -74.57
CA PHE B 133 12.34 38.70 -73.66
C PHE B 133 13.02 39.93 -74.23
N PHE B 134 13.30 39.93 -75.54
CA PHE B 134 13.83 41.15 -76.15
C PHE B 134 12.80 42.28 -76.10
N ASP B 135 11.51 41.95 -76.21
CA ASP B 135 10.48 42.95 -76.02
C ASP B 135 10.51 43.53 -74.62
N VAL B 136 10.76 42.68 -73.61
CA VAL B 136 10.83 43.16 -72.23
C VAL B 136 12.03 44.08 -72.03
N ILE B 137 13.17 43.72 -72.63
CA ILE B 137 14.34 44.61 -72.54
C ILE B 137 14.04 45.95 -73.20
N LYS B 138 13.42 45.93 -74.38
CA LYS B 138 13.06 47.18 -75.05
C LYS B 138 12.12 48.02 -74.20
N TRP B 139 11.15 47.38 -73.56
CA TRP B 139 10.21 48.10 -72.71
C TRP B 139 10.90 48.69 -71.49
N ALA B 140 11.83 47.95 -70.89
CA ALA B 140 12.55 48.47 -69.74
C ALA B 140 13.42 49.66 -70.12
N VAL B 141 14.05 49.60 -71.29
CA VAL B 141 14.82 50.75 -71.77
C VAL B 141 13.91 51.94 -72.04
N GLU B 142 12.72 51.69 -72.59
CA GLU B 142 11.77 52.77 -72.82
C GLU B 142 11.32 53.42 -71.51
N ARG B 143 11.10 52.60 -70.48
CA ARG B 143 10.65 53.13 -69.19
C ARG B 143 11.78 53.89 -68.50
N GLY B 144 13.00 53.38 -68.58
CA GLY B 144 14.12 54.01 -67.88
C GLY B 144 14.34 55.45 -68.33
N GLY B 145 14.34 55.67 -69.63
CA GLY B 145 14.56 57.00 -70.20
C GLY B 145 15.88 57.60 -69.76
N ASN B 146 15.88 58.93 -69.62
CA ASN B 146 17.08 59.66 -69.21
C ASN B 146 17.26 59.50 -67.72
N ASN B 147 17.92 58.43 -67.31
CA ASN B 147 18.27 58.17 -65.92
C ASN B 147 19.42 57.16 -65.93
N PRO B 148 20.64 57.59 -66.25
CA PRO B 148 21.69 56.62 -66.60
C PRO B 148 22.03 55.63 -65.50
N LYS B 149 21.81 55.97 -64.23
CA LYS B 149 22.07 55.02 -63.16
C LYS B 149 21.20 53.77 -63.30
N PHE B 150 19.93 53.96 -63.67
CA PHE B 150 19.04 52.82 -63.82
C PHE B 150 19.42 51.97 -65.02
N LEU B 151 19.82 52.62 -66.12
CA LEU B 151 20.27 51.85 -67.28
C LEU B 151 21.56 51.09 -66.98
N SER B 152 22.42 51.66 -66.14
CA SER B 152 23.63 50.95 -65.72
C SER B 152 23.28 49.74 -64.87
N LEU B 153 22.37 49.91 -63.91
CA LEU B 153 21.90 48.77 -63.12
C LEU B 153 21.30 47.69 -64.03
N LEU B 154 20.48 48.09 -65.00
CA LEU B 154 19.87 47.13 -65.91
C LEU B 154 20.94 46.38 -66.71
N LYS B 155 21.93 47.11 -67.23
CA LYS B 155 22.99 46.47 -68.00
C LYS B 155 23.76 45.48 -67.15
N LEU B 156 24.10 45.87 -65.91
CA LEU B 156 24.85 44.96 -65.04
C LEU B 156 24.02 43.73 -64.67
N ILE B 157 22.75 43.94 -64.32
CA ILE B 157 21.89 42.84 -63.92
C ILE B 157 21.69 41.85 -65.07
N LEU B 158 21.51 42.35 -66.29
CA LEU B 158 21.32 41.44 -67.42
C LEU B 158 22.64 40.82 -67.86
N SER B 159 23.78 41.47 -67.61
CA SER B 159 25.05 40.88 -67.98
C SER B 159 25.39 39.67 -67.13
N ASN B 160 24.85 39.60 -65.92
CA ASN B 160 25.11 38.47 -65.04
C ASN B 160 24.40 37.23 -65.56
N PRO B 161 25.12 36.13 -65.80
CA PRO B 161 24.46 34.97 -66.43
C PRO B 161 23.38 34.33 -65.60
N GLU B 162 23.52 34.28 -64.27
CA GLU B 162 22.51 33.66 -63.43
C GLU B 162 21.21 34.48 -63.44
N ILE B 163 21.32 35.79 -63.28
CA ILE B 163 20.15 36.65 -63.36
C ILE B 163 19.50 36.53 -64.74
N PHE B 164 20.33 36.42 -65.79
CA PHE B 164 19.79 36.25 -67.14
C PHE B 164 18.99 34.96 -67.26
N LYS B 165 19.52 33.88 -66.69
CA LYS B 165 18.79 32.61 -66.73
C LYS B 165 17.48 32.69 -65.96
N ILE B 166 17.49 33.36 -64.80
CA ILE B 166 16.26 33.50 -64.02
C ILE B 166 15.23 34.31 -64.79
N LEU B 167 15.68 35.40 -65.44
CA LEU B 167 14.77 36.18 -66.28
C LEU B 167 14.17 35.34 -67.38
N LEU B 168 15.01 34.59 -68.11
CA LEU B 168 14.50 33.75 -69.18
C LEU B 168 13.47 32.74 -68.67
N LEU B 169 13.75 32.14 -67.51
CA LEU B 169 12.81 31.17 -66.96
C LEU B 169 11.49 31.83 -66.59
N TRP B 170 11.54 33.02 -66.00
CA TRP B 170 10.31 33.69 -65.60
C TRP B 170 9.51 34.19 -66.80
N VAL B 171 10.18 34.59 -67.88
CA VAL B 171 9.45 34.99 -69.08
C VAL B 171 8.83 33.77 -69.75
N TYR B 172 9.52 32.62 -69.71
CA TYR B 172 8.94 31.39 -70.24
C TYR B 172 7.64 31.04 -69.54
N GLU B 173 7.58 31.25 -68.22
CA GLU B 173 6.41 30.91 -67.42
C GLU B 173 5.27 31.92 -67.52
N ASN B 174 5.33 32.84 -68.49
CA ASN B 174 4.32 33.87 -68.70
C ASN B 174 4.15 34.79 -67.50
N LYS B 175 5.21 34.96 -66.71
CA LYS B 175 5.18 35.89 -65.59
C LYS B 175 5.67 37.27 -66.03
N GLU B 176 5.51 37.57 -67.32
CA GLU B 176 6.06 38.79 -67.89
C GLU B 176 5.65 40.03 -67.11
N GLU B 177 4.39 40.08 -66.66
CA GLU B 177 3.93 41.25 -65.91
C GLU B 177 4.68 41.40 -64.59
N VAL B 178 5.05 40.29 -63.95
CA VAL B 178 5.83 40.38 -62.72
C VAL B 178 7.21 40.99 -62.99
N VAL B 179 7.84 40.59 -64.10
CA VAL B 179 9.13 41.15 -64.47
C VAL B 179 9.00 42.65 -64.75
N LYS B 180 7.95 43.03 -65.47
CA LYS B 180 7.73 44.44 -65.75
C LYS B 180 7.56 45.24 -64.46
N LYS B 181 6.74 44.71 -63.54
CA LYS B 181 6.56 45.39 -62.26
C LYS B 181 7.88 45.52 -61.50
N LEU B 182 8.72 44.48 -61.56
CA LEU B 182 9.99 44.54 -60.85
C LEU B 182 10.91 45.61 -61.44
N PHE B 183 11.00 45.67 -62.77
CA PHE B 183 11.83 46.71 -63.37
C PHE B 183 11.27 48.10 -63.10
N ASP B 184 9.95 48.23 -63.03
CA ASP B 184 9.36 49.52 -62.68
C ASP B 184 9.72 49.91 -61.25
N VAL B 185 9.68 48.93 -60.33
CA VAL B 185 10.05 49.21 -58.95
C VAL B 185 11.52 49.59 -58.84
N LEU B 186 12.38 48.93 -59.63
CA LEU B 186 13.79 49.32 -59.63
C LEU B 186 13.98 50.74 -60.14
N LEU B 187 13.26 51.10 -61.22
CA LEU B 187 13.35 52.46 -61.75
C LEU B 187 12.95 53.49 -60.69
N TYR B 188 11.82 53.27 -60.04
CA TYR B 188 11.39 54.25 -59.05
C TYR B 188 12.25 54.22 -57.78
N ALA B 189 12.87 53.07 -57.46
CA ALA B 189 13.80 53.04 -56.34
C ALA B 189 15.04 53.87 -56.63
N VAL B 190 15.55 53.78 -57.86
CA VAL B 190 16.69 54.62 -58.23
C VAL B 190 16.29 56.09 -58.26
N LYS B 191 15.07 56.38 -58.71
CA LYS B 191 14.60 57.77 -58.75
C LYS B 191 14.50 58.37 -57.35
N GLU B 192 13.79 57.67 -56.45
CA GLU B 192 13.63 58.18 -55.09
C GLU B 192 14.94 58.15 -54.31
N GLY B 193 15.86 57.25 -54.69
CA GLY B 193 17.16 57.24 -54.04
C GLY B 193 18.03 58.43 -54.38
N GLY B 194 17.70 59.15 -55.45
CA GLY B 194 18.43 60.34 -55.82
C GLY B 194 19.91 60.12 -55.96
N ASP B 195 20.68 61.17 -55.67
CA ASP B 195 22.14 61.10 -55.77
C ASP B 195 22.70 60.72 -54.41
N ASN B 196 23.02 59.45 -54.24
CA ASN B 196 23.65 58.95 -53.02
C ASN B 196 24.44 57.70 -53.40
N GLU B 197 25.75 57.84 -53.55
CA GLU B 197 26.54 56.77 -54.14
C GLU B 197 26.54 55.52 -53.26
N LYS B 198 26.53 55.69 -51.95
CA LYS B 198 26.56 54.52 -51.07
C LYS B 198 25.28 53.71 -51.16
N PHE B 199 24.13 54.39 -51.24
CA PHE B 199 22.86 53.67 -51.39
C PHE B 199 22.78 52.96 -52.73
N LEU B 200 23.21 53.65 -53.81
CA LEU B 200 23.24 53.00 -55.12
C LEU B 200 24.19 51.81 -55.13
N GLU B 201 25.31 51.90 -54.41
CA GLU B 201 26.23 50.77 -54.32
C GLU B 201 25.59 49.59 -53.59
N LEU B 202 24.92 49.86 -52.47
CA LEU B 202 24.24 48.78 -51.76
C LEU B 202 23.15 48.16 -52.62
N LEU B 203 22.41 48.97 -53.37
CA LEU B 203 21.37 48.44 -54.25
C LEU B 203 21.98 47.56 -55.34
N LYS B 204 23.07 48.03 -55.95
CA LYS B 204 23.75 47.25 -56.98
C LYS B 204 24.24 45.90 -56.42
N GLU B 205 24.86 45.94 -55.24
CA GLU B 205 25.36 44.71 -54.64
C GLU B 205 24.22 43.75 -54.29
N ILE B 206 23.14 44.27 -53.70
CA ILE B 206 22.04 43.43 -53.26
C ILE B 206 21.33 42.80 -54.45
N LEU B 207 21.09 43.57 -55.50
CA LEU B 207 20.37 43.03 -56.66
C LEU B 207 21.18 42.02 -57.45
N SER B 208 22.50 41.98 -57.24
CA SER B 208 23.34 41.06 -58.00
C SER B 208 23.19 39.62 -57.54
N ASN B 209 22.75 39.39 -56.32
CA ASN B 209 22.59 38.02 -55.83
C ASN B 209 21.37 37.38 -56.46
N PRO B 210 21.50 36.16 -57.01
CA PRO B 210 20.32 35.53 -57.63
C PRO B 210 19.22 35.18 -56.65
N GLU B 211 19.57 34.75 -55.43
CA GLU B 211 18.54 34.40 -54.46
C GLU B 211 17.74 35.63 -54.03
N ILE B 212 18.42 36.76 -53.83
CA ILE B 212 17.70 37.99 -53.48
C ILE B 212 16.79 38.41 -54.62
N PHE B 213 17.26 38.28 -55.86
CA PHE B 213 16.43 38.64 -57.00
C PHE B 213 15.20 37.75 -57.09
N GLU B 214 15.35 36.46 -56.82
CA GLU B 214 14.20 35.57 -56.89
C GLU B 214 13.24 35.84 -55.74
N ILE B 215 13.76 36.18 -54.55
CA ILE B 215 12.89 36.57 -53.45
C ILE B 215 12.08 37.81 -53.82
N LEU B 216 12.74 38.79 -54.45
CA LEU B 216 12.02 40.00 -54.88
C LEU B 216 10.93 39.66 -55.88
N LEU B 217 11.24 38.80 -56.85
CA LEU B 217 10.23 38.40 -57.83
C LEU B 217 9.06 37.68 -57.16
N GLU B 218 9.36 36.80 -56.20
CA GLU B 218 8.32 36.03 -55.52
C GLU B 218 7.49 36.87 -54.57
N TRP B 219 7.84 38.13 -54.36
CA TRP B 219 7.03 39.06 -53.57
C TRP B 219 6.29 40.07 -54.44
N VAL B 220 6.90 40.52 -55.53
CA VAL B 220 6.19 41.38 -56.46
C VAL B 220 5.22 40.59 -57.33
N GLU B 221 5.34 39.25 -57.35
CA GLU B 221 4.37 38.46 -58.09
C GLU B 221 3.02 38.39 -57.37
N GLU B 222 3.02 38.53 -56.06
CA GLU B 222 1.79 38.52 -55.28
C GLU B 222 1.14 39.90 -55.18
N ASN B 223 1.61 40.87 -55.96
CA ASN B 223 1.13 42.24 -55.91
C ASN B 223 1.43 42.87 -54.55
N LYS B 224 2.68 42.77 -54.13
CA LYS B 224 3.16 43.39 -52.90
C LYS B 224 4.21 44.45 -53.22
N GLU B 225 3.97 45.23 -54.27
CA GLU B 225 4.93 46.23 -54.71
C GLU B 225 5.18 47.26 -53.62
N ASP B 226 4.14 47.61 -52.86
CA ASP B 226 4.32 48.55 -51.76
C ASP B 226 5.31 48.03 -50.74
N VAL B 227 5.29 46.71 -50.49
CA VAL B 227 6.22 46.12 -49.52
C VAL B 227 7.66 46.33 -49.97
N VAL B 228 7.94 46.03 -51.24
CA VAL B 228 9.31 46.16 -51.75
C VAL B 228 9.73 47.63 -51.75
N LYS B 229 8.81 48.53 -52.13
CA LYS B 229 9.15 49.95 -52.11
C LYS B 229 9.48 50.42 -50.70
N LYS B 230 8.68 50.00 -49.72
CA LYS B 230 8.96 50.37 -48.33
C LYS B 230 10.31 49.82 -47.88
N LEU B 231 10.64 48.59 -48.28
CA LEU B 231 11.92 48.03 -47.87
C LEU B 231 13.08 48.80 -48.47
N PHE B 232 12.98 49.17 -49.75
CA PHE B 232 14.05 49.98 -50.35
C PHE B 232 14.14 51.35 -49.70
N ASP B 233 13.01 51.92 -49.29
CA ASP B 233 13.04 53.17 -48.55
C ASP B 233 13.75 53.00 -47.21
N VAL B 234 13.51 51.89 -46.54
CA VAL B 234 14.15 51.66 -45.24
C VAL B 234 15.65 51.44 -45.42
N ILE B 235 16.07 50.77 -46.49
CA ILE B 235 17.50 50.65 -46.77
C ILE B 235 18.11 52.02 -47.05
N LYS B 236 17.42 52.84 -47.84
CA LYS B 236 17.93 54.19 -48.11
C LYS B 236 18.06 54.99 -46.81
N TYR B 237 17.09 54.86 -45.92
CA TYR B 237 17.19 55.53 -44.61
C TYR B 237 18.37 55.00 -43.81
N ALA B 238 18.55 53.68 -43.77
CA ALA B 238 19.65 53.10 -43.01
C ALA B 238 20.99 53.58 -43.54
N VAL B 239 21.08 53.84 -44.85
CA VAL B 239 22.31 54.39 -45.41
C VAL B 239 22.46 55.85 -45.01
N GLU B 240 21.40 56.65 -45.19
CA GLU B 240 21.48 58.07 -44.89
C GLU B 240 21.65 58.34 -43.40
N ARG B 241 20.94 57.59 -42.56
CA ARG B 241 21.07 57.75 -41.11
C ARG B 241 22.34 57.09 -40.57
N GLY B 242 22.91 56.13 -41.30
CA GLY B 242 24.11 55.46 -40.81
C GLY B 242 25.30 56.39 -40.72
N GLY B 243 25.33 57.43 -41.54
CA GLY B 243 26.45 58.35 -41.56
C GLY B 243 27.70 57.71 -42.12
N ASP B 244 28.79 58.46 -42.15
CA ASP B 244 30.05 57.96 -42.70
C ASP B 244 30.79 57.15 -41.63
N ASN B 245 30.74 55.84 -41.77
CA ASN B 245 31.46 54.94 -40.86
C ASN B 245 31.65 53.63 -41.61
N GLU B 246 32.90 53.28 -41.91
CA GLU B 246 33.16 52.10 -42.72
C GLU B 246 32.65 50.84 -42.04
N LYS B 247 32.75 50.78 -40.72
CA LYS B 247 32.38 49.55 -40.00
C LYS B 247 30.89 49.29 -40.06
N PHE B 248 30.07 50.33 -39.85
CA PHE B 248 28.63 50.13 -39.88
C PHE B 248 28.15 49.85 -41.30
N TYR B 249 28.74 50.51 -42.29
CA TYR B 249 28.37 50.24 -43.67
C TYR B 249 28.71 48.82 -44.07
N GLU B 250 29.89 48.33 -43.65
CA GLU B 250 30.25 46.94 -43.89
C GLU B 250 29.26 45.99 -43.22
N LEU B 251 28.91 46.27 -41.96
CA LEU B 251 27.94 45.44 -41.25
C LEU B 251 26.60 45.42 -41.98
N LEU B 252 26.13 46.58 -42.44
CA LEU B 252 24.86 46.65 -43.14
C LEU B 252 24.91 45.87 -44.44
N LYS B 253 26.01 45.98 -45.19
CA LYS B 253 26.13 45.23 -46.43
C LYS B 253 26.10 43.73 -46.16
N LEU B 254 26.81 43.30 -45.11
CA LEU B 254 26.83 41.88 -44.75
C LEU B 254 25.43 41.40 -44.37
N LEU B 255 24.72 42.17 -43.56
CA LEU B 255 23.39 41.74 -43.11
C LEU B 255 22.40 41.70 -44.27
N LEU B 256 22.43 42.69 -45.17
CA LEU B 256 21.48 42.70 -46.27
C LEU B 256 21.82 41.67 -47.34
N SER B 257 23.11 41.34 -47.52
CA SER B 257 23.47 40.33 -48.49
C SER B 257 22.94 38.95 -48.09
N ASN B 258 22.90 38.68 -46.79
CA ASN B 258 22.41 37.40 -46.29
C ASN B 258 20.93 37.27 -46.62
N PRO B 259 20.51 36.23 -47.35
CA PRO B 259 19.11 36.17 -47.80
C PRO B 259 18.11 36.00 -46.68
N GLU B 260 18.46 35.28 -45.61
CA GLU B 260 17.50 35.05 -44.53
C GLU B 260 17.11 36.37 -43.85
N ILE B 261 18.09 37.24 -43.61
CA ILE B 261 17.80 38.54 -43.01
C ILE B 261 16.94 39.37 -43.95
N PHE B 262 17.16 39.27 -45.25
CA PHE B 262 16.35 40.00 -46.20
C PHE B 262 14.90 39.51 -46.19
N LYS B 263 14.71 38.20 -46.13
CA LYS B 263 13.38 37.62 -46.01
C LYS B 263 12.69 38.10 -44.73
N ILE B 264 13.42 38.09 -43.62
CA ILE B 264 12.84 38.54 -42.35
C ILE B 264 12.44 40.01 -42.44
N LEU B 265 13.30 40.84 -43.04
CA LEU B 265 12.97 42.26 -43.17
C LEU B 265 11.75 42.48 -44.05
N LEU B 266 11.62 41.72 -45.13
CA LEU B 266 10.41 41.83 -45.96
C LEU B 266 9.18 41.47 -45.16
N GLU B 267 9.22 40.32 -44.45
CA GLU B 267 8.07 39.89 -43.67
C GLU B 267 7.72 40.89 -42.58
N TRP B 268 8.72 41.59 -42.05
CA TRP B 268 8.48 42.53 -40.95
C TRP B 268 8.10 43.92 -41.44
N VAL B 269 8.41 44.28 -42.69
CA VAL B 269 7.95 45.55 -43.25
C VAL B 269 6.56 45.39 -43.88
N GLU B 270 6.18 44.16 -44.22
CA GLU B 270 4.84 43.94 -44.77
C GLU B 270 3.75 44.44 -43.84
N ILE B 271 3.91 44.18 -42.54
CA ILE B 271 2.81 44.29 -41.59
C ILE B 271 2.77 45.69 -41.00
N ASN B 272 3.42 46.64 -41.68
CA ASN B 272 3.43 48.05 -41.30
C ASN B 272 4.11 48.25 -39.94
N LYS B 273 5.36 47.82 -39.89
CA LYS B 273 6.22 47.99 -38.72
C LYS B 273 7.53 48.64 -39.13
N GLU B 274 7.42 49.72 -39.92
CA GLU B 274 8.61 50.40 -40.42
C GLU B 274 9.40 51.05 -39.30
N ASP B 275 8.72 51.70 -38.36
CA ASP B 275 9.43 52.38 -37.28
C ASP B 275 10.25 51.40 -36.46
N VAL B 276 9.81 50.15 -36.36
CA VAL B 276 10.58 49.14 -35.65
C VAL B 276 11.93 48.93 -36.34
N VAL B 277 11.91 48.79 -37.66
CA VAL B 277 13.18 48.59 -38.38
C VAL B 277 14.06 49.82 -38.27
N LYS B 278 13.46 51.01 -38.36
CA LYS B 278 14.25 52.24 -38.24
C LYS B 278 14.93 52.32 -36.88
N LYS B 279 14.18 52.14 -35.80
CA LYS B 279 14.76 52.19 -34.47
C LYS B 279 15.79 51.08 -34.28
N PHE B 280 15.55 49.90 -34.85
CA PHE B 280 16.52 48.82 -34.70
C PHE B 280 17.84 49.16 -35.39
N PHE B 281 17.78 49.78 -36.58
CA PHE B 281 19.01 50.18 -37.23
C PHE B 281 19.70 51.32 -36.46
N ASP B 282 18.92 52.18 -35.81
CA ASP B 282 19.53 53.18 -34.94
C ASP B 282 20.25 52.52 -33.77
N VAL B 283 19.64 51.47 -33.19
CA VAL B 283 20.28 50.76 -32.08
C VAL B 283 21.55 50.06 -32.55
N ILE B 284 21.55 49.52 -33.76
CA ILE B 284 22.77 48.92 -34.30
C ILE B 284 23.86 49.97 -34.42
N LYS B 285 23.52 51.14 -34.97
CA LYS B 285 24.51 52.21 -35.08
C LYS B 285 25.05 52.62 -33.72
N TRP B 286 24.16 52.73 -32.73
CA TRP B 286 24.59 53.12 -31.39
C TRP B 286 25.49 52.06 -30.76
N ALA B 287 25.16 50.78 -30.99
CA ALA B 287 25.97 49.71 -30.41
C ALA B 287 27.35 49.65 -31.05
N VAL B 288 27.44 49.91 -32.35
CA VAL B 288 28.75 49.96 -33.01
C VAL B 288 29.54 51.17 -32.53
N GLU B 289 28.90 52.33 -32.42
CA GLU B 289 29.61 53.54 -32.02
C GLU B 289 30.08 53.46 -30.57
N GLU B 290 29.24 52.92 -29.68
CA GLU B 290 29.62 52.76 -28.28
C GLU B 290 30.73 51.73 -28.12
N GLY B 291 30.89 50.83 -29.10
CA GLY B 291 31.95 49.85 -29.04
C GLY B 291 33.32 50.38 -29.40
N GLY B 292 33.39 51.53 -30.06
CA GLY B 292 34.64 52.13 -30.46
C GLY B 292 35.48 51.24 -31.37
N ASP B 293 36.76 51.57 -31.50
CA ASP B 293 37.68 50.76 -32.30
C ASP B 293 38.16 49.60 -31.44
N ASN B 294 37.52 48.46 -31.58
CA ASN B 294 37.80 47.28 -30.77
C ASN B 294 37.39 46.06 -31.57
N PRO B 295 38.33 45.35 -32.18
CA PRO B 295 37.98 44.33 -33.19
C PRO B 295 37.27 43.12 -32.60
N VAL B 296 37.60 42.75 -31.35
CA VAL B 296 36.96 41.59 -30.73
C VAL B 296 35.47 41.84 -30.55
N PHE B 297 35.11 43.00 -29.99
CA PHE B 297 33.71 43.31 -29.77
C PHE B 297 32.95 43.41 -31.09
N TYR B 298 33.56 44.02 -32.11
CA TYR B 298 32.89 44.12 -33.40
C TYR B 298 32.70 42.74 -34.02
N ARG B 299 33.68 41.85 -33.83
CA ARG B 299 33.53 40.47 -34.30
C ARG B 299 32.37 39.77 -33.61
N LEU B 300 32.27 39.93 -32.29
CA LEU B 300 31.12 39.38 -31.56
C LEU B 300 29.82 39.95 -32.09
N LEU B 301 29.78 41.25 -32.36
CA LEU B 301 28.54 41.86 -32.84
C LEU B 301 28.15 41.30 -34.20
N LYS B 302 29.14 41.06 -35.07
CA LYS B 302 28.86 40.45 -36.36
C LYS B 302 28.32 39.03 -36.19
N LEU B 303 28.97 38.23 -35.34
CA LEU B 303 28.51 36.86 -35.14
C LEU B 303 27.13 36.80 -34.51
N ILE B 304 26.80 37.79 -33.67
CA ILE B 304 25.50 37.78 -33.00
C ILE B 304 24.40 38.24 -33.95
N LEU B 305 24.62 39.35 -34.66
CA LEU B 305 23.56 39.89 -35.52
C LEU B 305 23.41 39.11 -36.81
N SER B 306 24.46 38.44 -37.28
CA SER B 306 24.33 37.66 -38.51
C SER B 306 23.42 36.46 -38.34
N ASN B 307 23.30 35.95 -37.13
CA ASN B 307 22.42 34.82 -36.87
C ASN B 307 20.97 35.29 -36.94
N PRO B 308 20.13 34.67 -37.79
CA PRO B 308 18.77 35.20 -37.97
C PRO B 308 17.90 35.07 -36.73
N GLU B 309 18.13 34.06 -35.90
CA GLU B 309 17.32 33.91 -34.69
C GLU B 309 17.50 35.10 -33.76
N ILE B 310 18.75 35.51 -33.55
CA ILE B 310 19.01 36.68 -32.70
C ILE B 310 18.42 37.93 -33.33
N PHE B 311 18.41 37.99 -34.66
CA PHE B 311 17.82 39.14 -35.34
C PHE B 311 16.32 39.22 -35.06
N LYS B 312 15.62 38.10 -35.18
CA LYS B 312 14.19 38.08 -34.88
C LYS B 312 13.93 38.41 -33.42
N ILE B 313 14.76 37.89 -32.52
CA ILE B 313 14.60 38.18 -31.10
C ILE B 313 14.75 39.67 -30.84
N LEU B 314 15.78 40.28 -31.44
CA LEU B 314 16.01 41.71 -31.21
C LEU B 314 14.91 42.56 -31.81
N LEU B 315 14.39 42.18 -32.99
CA LEU B 315 13.27 42.91 -33.55
C LEU B 315 12.05 42.82 -32.65
N GLU B 316 11.75 41.61 -32.17
CA GLU B 316 10.60 41.42 -31.28
C GLU B 316 10.77 42.20 -29.99
N TRP B 317 12.00 42.36 -29.51
CA TRP B 317 12.24 43.12 -28.29
C TRP B 317 12.27 44.63 -28.50
N VAL B 318 12.57 45.08 -29.72
CA VAL B 318 12.46 46.51 -30.02
C VAL B 318 11.00 46.88 -30.28
N ASP B 319 10.19 45.92 -30.73
CA ASP B 319 8.79 46.18 -31.03
C ASP B 319 8.06 46.76 -29.83
N ILE B 320 8.28 46.20 -28.64
CA ILE B 320 7.43 46.48 -27.50
C ILE B 320 7.99 47.62 -26.65
N ASN B 321 8.87 48.43 -27.26
CA ASN B 321 9.43 49.66 -26.69
C ASN B 321 10.52 49.41 -25.66
N ASN B 322 11.24 48.29 -25.76
CA ASN B 322 12.28 47.98 -24.79
C ASN B 322 13.66 48.01 -25.46
N GLU B 323 13.89 49.01 -26.32
CA GLU B 323 15.19 49.11 -26.97
C GLU B 323 16.31 49.31 -25.97
N ASP B 324 16.01 49.99 -24.84
CA ASP B 324 17.06 50.24 -23.86
C ASP B 324 17.55 48.95 -23.22
N VAL B 325 16.75 47.89 -23.22
CA VAL B 325 17.24 46.61 -22.73
C VAL B 325 18.31 46.06 -23.66
N VAL B 326 18.08 46.15 -24.98
CA VAL B 326 19.10 45.75 -25.93
C VAL B 326 20.35 46.61 -25.78
N LYS B 327 20.16 47.91 -25.56
CA LYS B 327 21.30 48.80 -25.39
C LYS B 327 22.12 48.40 -24.16
N LYS B 328 21.46 48.16 -23.03
CA LYS B 328 22.19 47.77 -21.83
C LYS B 328 22.85 46.40 -21.99
N LEU B 329 22.21 45.48 -22.72
CA LEU B 329 22.85 44.19 -22.95
C LEU B 329 24.13 44.34 -23.77
N PHE B 330 24.09 45.15 -24.83
CA PHE B 330 25.31 45.36 -25.59
C PHE B 330 26.37 46.08 -24.77
N SER B 331 25.95 46.99 -23.88
CA SER B 331 26.92 47.64 -23.00
C SER B 331 27.58 46.63 -22.06
N VAL B 332 26.79 45.70 -21.51
CA VAL B 332 27.35 44.68 -20.63
C VAL B 332 28.30 43.77 -21.38
N ILE B 333 27.95 43.40 -22.62
CA ILE B 333 28.86 42.58 -23.41
C ILE B 333 30.17 43.32 -23.66
N LYS B 334 30.09 44.61 -24.00
CA LYS B 334 31.32 45.39 -24.22
C LYS B 334 32.15 45.46 -22.95
N GLN B 335 31.49 45.65 -21.79
CA GLN B 335 32.22 45.71 -20.54
C GLN B 335 32.92 44.39 -20.24
N ALA B 336 32.24 43.27 -20.49
CA ALA B 336 32.86 41.97 -20.25
C ALA B 336 34.02 41.72 -21.19
N VAL B 337 33.91 42.18 -22.44
CA VAL B 337 35.02 42.03 -23.38
C VAL B 337 36.20 42.87 -22.94
N GLU B 338 35.96 44.10 -22.48
CA GLU B 338 37.04 44.93 -21.98
C GLU B 338 37.71 44.29 -20.76
N ASP B 339 36.90 43.73 -19.86
CA ASP B 339 37.46 43.10 -18.66
C ASP B 339 38.23 41.83 -19.01
N GLY B 340 37.82 41.11 -20.06
CA GLY B 340 38.55 39.93 -20.47
C GLY B 340 39.90 40.25 -21.08
N GLY B 341 39.99 41.32 -21.85
CA GLY B 341 41.26 41.78 -22.38
C GLY B 341 41.72 41.02 -23.60
N ASN B 342 42.74 40.16 -23.42
CA ASN B 342 43.32 39.40 -24.52
C ASN B 342 43.37 37.91 -24.24
N ASN B 343 42.71 37.43 -23.19
CA ASN B 343 42.63 36.01 -22.89
C ASN B 343 41.71 35.32 -23.90
N MET B 344 42.29 34.71 -24.93
CA MET B 344 41.50 34.26 -26.07
C MET B 344 40.57 33.11 -25.73
N VAL B 345 40.94 32.29 -24.74
CA VAL B 345 40.09 31.16 -24.41
C VAL B 345 38.80 31.62 -23.72
N PHE B 346 38.84 32.74 -23.01
CA PHE B 346 37.62 33.29 -22.42
C PHE B 346 36.73 33.92 -23.47
N ILE B 347 37.32 34.66 -24.41
CA ILE B 347 36.55 35.22 -25.52
C ILE B 347 35.90 34.11 -26.33
N ASP B 348 36.58 32.97 -26.47
CA ASP B 348 35.94 31.84 -27.14
C ASP B 348 34.71 31.35 -26.38
N LEU B 349 34.77 31.36 -25.04
CA LEU B 349 33.61 30.94 -24.27
C LEU B 349 32.47 31.94 -24.39
N LEU B 350 32.80 33.24 -24.49
CA LEU B 350 31.75 34.21 -24.77
C LEU B 350 31.14 33.99 -26.15
N GLU B 351 31.96 33.66 -27.14
CA GLU B 351 31.46 33.35 -28.47
C GLU B 351 30.49 32.17 -28.41
N LEU B 352 30.81 31.16 -27.59
CA LEU B 352 29.93 30.01 -27.48
C LEU B 352 28.65 30.33 -26.72
N ILE B 353 28.75 31.15 -25.67
CA ILE B 353 27.61 31.41 -24.81
C ILE B 353 26.61 32.34 -25.49
N LEU B 354 27.08 33.48 -26.01
CA LEU B 354 26.16 34.49 -26.52
C LEU B 354 25.52 34.08 -27.84
N SER B 355 26.16 33.22 -28.62
CA SER B 355 25.60 32.87 -29.92
C SER B 355 24.38 31.96 -29.80
N ASN B 356 24.28 31.21 -28.71
CA ASN B 356 23.14 30.33 -28.51
C ASN B 356 21.90 31.14 -28.22
N PRO B 357 20.86 31.09 -29.07
CA PRO B 357 19.72 31.99 -28.88
C PRO B 357 18.96 31.80 -27.57
N GLU B 358 18.96 30.59 -27.01
CA GLU B 358 18.32 30.40 -25.71
C GLU B 358 19.05 31.19 -24.62
N ILE B 359 20.38 31.09 -24.60
CA ILE B 359 21.16 31.83 -23.61
C ILE B 359 21.02 33.32 -23.83
N PHE B 360 20.89 33.75 -25.08
CA PHE B 360 20.70 35.18 -25.36
C PHE B 360 19.35 35.65 -24.86
N GLU B 361 18.30 34.85 -25.04
CA GLU B 361 16.99 35.18 -24.48
C GLU B 361 17.06 35.29 -22.97
N ILE B 362 17.73 34.33 -22.32
CA ILE B 362 17.83 34.36 -20.86
C ILE B 362 18.56 35.61 -20.39
N LEU B 363 19.67 35.94 -21.06
CA LEU B 363 20.42 37.15 -20.70
C LEU B 363 19.58 38.40 -20.90
N LEU B 364 18.84 38.48 -22.00
CA LEU B 364 18.02 39.66 -22.25
C LEU B 364 16.94 39.79 -21.19
N LEU B 365 16.33 38.68 -20.79
CA LEU B 365 15.35 38.72 -19.73
C LEU B 365 15.95 39.18 -18.41
N TRP B 366 17.13 38.66 -18.06
CA TRP B 366 17.74 39.04 -16.79
C TRP B 366 18.28 40.47 -16.80
N VAL B 367 18.58 41.02 -17.98
CA VAL B 367 18.94 42.42 -18.03
C VAL B 367 17.69 43.29 -17.96
N HIS B 368 16.54 42.78 -18.41
CA HIS B 368 15.32 43.58 -18.39
C HIS B 368 14.88 43.93 -16.97
N ILE B 369 14.94 42.96 -16.05
CA ILE B 369 14.36 43.15 -14.72
C ILE B 369 15.36 43.82 -13.79
N ASN B 370 16.43 44.37 -14.37
CA ASN B 370 17.46 45.10 -13.63
C ASN B 370 18.24 44.19 -12.69
N ARG B 371 18.67 43.04 -13.20
CA ARG B 371 19.64 42.19 -12.53
C ARG B 371 21.02 42.29 -13.18
N GLU B 372 21.40 43.49 -13.61
CA GLU B 372 22.60 43.65 -14.42
C GLU B 372 23.86 43.18 -13.70
N ASP B 373 23.97 43.45 -12.40
CA ASP B 373 25.16 43.01 -11.68
C ASP B 373 25.21 41.50 -11.54
N VAL B 374 24.07 40.81 -11.63
CA VAL B 374 24.08 39.36 -11.64
C VAL B 374 24.81 38.83 -12.87
N VAL B 375 24.48 39.37 -14.04
CA VAL B 375 25.18 38.98 -15.26
C VAL B 375 26.66 39.36 -15.17
N LYS B 376 26.94 40.54 -14.62
CA LYS B 376 28.33 40.95 -14.43
C LYS B 376 29.10 39.94 -13.59
N LYS B 377 28.58 39.60 -12.42
CA LYS B 377 29.26 38.66 -11.55
C LYS B 377 29.35 37.28 -12.17
N LEU B 378 28.37 36.90 -13.00
CA LEU B 378 28.48 35.62 -13.68
C LEU B 378 29.65 35.61 -14.65
N PHE B 379 29.79 36.65 -15.47
CA PHE B 379 30.95 36.72 -16.37
C PHE B 379 32.26 36.77 -15.58
N ASP B 380 32.25 37.43 -14.42
CA ASP B 380 33.48 37.48 -13.62
C ASP B 380 33.82 36.10 -13.07
N VAL B 381 32.82 35.36 -12.59
CA VAL B 381 33.05 34.01 -12.09
C VAL B 381 33.57 33.12 -13.22
N ILE B 382 32.99 33.25 -14.42
CA ILE B 382 33.48 32.48 -15.55
C ILE B 382 34.93 32.82 -15.85
N LYS B 383 35.28 34.11 -15.80
CA LYS B 383 36.67 34.50 -16.05
C LYS B 383 37.60 33.91 -15.00
N TRP B 384 37.21 33.95 -13.73
CA TRP B 384 38.05 33.38 -12.69
C TRP B 384 38.20 31.87 -12.83
N ALA B 385 37.14 31.18 -13.23
CA ALA B 385 37.24 29.74 -13.39
C ALA B 385 38.07 29.36 -14.61
N VAL B 386 38.03 30.20 -15.66
CA VAL B 386 38.88 29.96 -16.82
C VAL B 386 40.33 30.23 -16.49
N GLU B 387 40.61 31.33 -15.78
CA GLU B 387 41.98 31.61 -15.37
C GLU B 387 42.51 30.52 -14.46
N ASP B 388 41.66 29.95 -13.61
CA ASP B 388 42.09 28.87 -12.73
C ASP B 388 42.29 27.56 -13.48
N GLY B 389 41.68 27.40 -14.65
CA GLY B 389 41.85 26.18 -15.42
C GLY B 389 43.19 26.07 -16.11
N GLY B 390 43.91 27.18 -16.26
CA GLY B 390 45.22 27.16 -16.87
C GLY B 390 45.24 26.55 -18.26
N ASN B 391 45.99 25.46 -18.43
CA ASN B 391 46.10 24.78 -19.71
C ASN B 391 45.66 23.32 -19.65
N ASN B 392 45.03 22.90 -18.55
CA ASN B 392 44.46 21.55 -18.44
C ASN B 392 43.22 21.51 -19.33
N MET B 393 43.46 21.31 -20.63
CA MET B 393 42.44 21.58 -21.63
C MET B 393 41.21 20.70 -21.46
N VAL B 394 41.35 19.53 -20.84
CA VAL B 394 40.18 18.70 -20.59
C VAL B 394 39.19 19.42 -19.68
N PHE B 395 39.70 20.21 -18.73
CA PHE B 395 38.81 20.96 -17.84
C PHE B 395 38.09 22.06 -18.61
N ILE B 396 38.78 22.73 -19.54
CA ILE B 396 38.13 23.76 -20.34
C ILE B 396 37.09 23.14 -21.27
N HIS B 397 37.36 21.94 -21.78
CA HIS B 397 36.35 21.24 -22.57
C HIS B 397 35.11 20.93 -21.74
N LEU B 398 35.32 20.41 -20.53
CA LEU B 398 34.20 20.18 -19.62
C LEU B 398 33.44 21.47 -19.34
N LEU B 399 34.17 22.59 -19.20
CA LEU B 399 33.50 23.85 -18.91
C LEU B 399 32.69 24.33 -20.10
N ARG B 400 33.18 24.07 -21.33
CA ARG B 400 32.38 24.38 -22.51
C ARG B 400 31.09 23.57 -22.52
N LYS B 401 31.20 22.26 -22.31
CA LYS B 401 30.01 21.41 -22.23
C LYS B 401 29.05 21.91 -21.15
N LEU B 402 29.60 22.31 -20.01
CA LEU B 402 28.80 22.78 -18.88
C LEU B 402 28.03 24.05 -19.23
N LEU B 403 28.73 25.06 -19.75
CA LEU B 403 28.09 26.34 -20.01
C LEU B 403 27.17 26.31 -21.22
N SER B 404 27.36 25.35 -22.14
CA SER B 404 26.52 25.34 -23.34
C SER B 404 25.06 25.04 -23.02
N ASN B 405 24.80 24.29 -21.96
CA ASN B 405 23.43 23.88 -21.65
C ASN B 405 22.65 25.04 -21.05
N PRO B 406 21.43 25.33 -21.54
CA PRO B 406 20.67 26.46 -21.00
C PRO B 406 20.14 26.24 -19.59
N GLU B 407 19.80 25.00 -19.21
CA GLU B 407 19.34 24.74 -17.85
C GLU B 407 20.47 25.02 -16.85
N ILE B 408 21.65 24.47 -17.11
CA ILE B 408 22.80 24.68 -16.24
C ILE B 408 23.13 26.17 -16.15
N PHE B 409 23.08 26.86 -17.29
CA PHE B 409 23.39 28.29 -17.30
C PHE B 409 22.40 29.08 -16.47
N GLU B 410 21.11 28.75 -16.58
CA GLU B 410 20.10 29.46 -15.79
C GLU B 410 20.28 29.18 -14.31
N ILE B 411 20.57 27.94 -13.94
CA ILE B 411 20.79 27.61 -12.53
C ILE B 411 22.01 28.35 -11.98
N LEU B 412 23.09 28.40 -12.76
CA LEU B 412 24.26 29.17 -12.35
C LEU B 412 23.91 30.64 -12.14
N LEU B 413 23.19 31.23 -13.09
CA LEU B 413 22.81 32.63 -12.96
C LEU B 413 21.96 32.85 -11.72
N LEU B 414 21.04 31.92 -11.44
CA LEU B 414 20.19 32.05 -10.26
C LEU B 414 21.00 31.97 -8.97
N TRP B 415 21.99 31.07 -8.92
CA TRP B 415 22.82 30.97 -7.72
C TRP B 415 23.71 32.20 -7.58
N VAL B 416 24.09 32.83 -8.68
CA VAL B 416 24.86 34.07 -8.58
C VAL B 416 23.98 35.21 -8.08
N ASP B 417 22.68 35.16 -8.41
CA ASP B 417 21.77 36.25 -8.05
C ASP B 417 21.64 36.40 -6.54
N ILE B 418 21.32 35.32 -5.83
CA ILE B 418 20.81 35.42 -4.47
C ILE B 418 21.93 35.55 -3.45
N GLY B 419 23.16 35.75 -3.93
CA GLY B 419 24.27 36.08 -3.05
C GLY B 419 25.22 34.95 -2.71
N ARG B 420 24.98 33.74 -3.21
CA ARG B 420 25.85 32.60 -2.93
C ARG B 420 26.88 32.39 -4.03
N GLU B 421 27.46 33.49 -4.53
CA GLU B 421 28.53 33.40 -5.51
C GLU B 421 29.66 32.48 -5.06
N GLU B 422 30.07 32.61 -3.80
CA GLU B 422 31.21 31.82 -3.30
C GLU B 422 30.95 30.33 -3.43
N VAL B 423 29.69 29.90 -3.34
CA VAL B 423 29.37 28.49 -3.54
C VAL B 423 29.64 28.09 -4.98
N VAL B 424 29.31 28.98 -5.93
CA VAL B 424 29.58 28.69 -7.34
C VAL B 424 31.08 28.59 -7.59
N LYS B 425 31.85 29.55 -7.07
CA LYS B 425 33.30 29.52 -7.24
C LYS B 425 33.88 28.26 -6.65
N LYS B 426 33.46 27.89 -5.43
CA LYS B 426 33.98 26.69 -4.80
C LYS B 426 33.58 25.44 -5.58
N PHE B 427 32.41 25.45 -6.22
CA PHE B 427 32.01 24.32 -7.05
C PHE B 427 32.91 24.17 -8.26
N PHE B 428 33.20 25.29 -8.94
CA PHE B 428 34.10 25.21 -10.09
C PHE B 428 35.49 24.74 -9.66
N GLU B 429 35.97 25.22 -8.51
CA GLU B 429 37.28 24.80 -8.04
C GLU B 429 37.27 23.31 -7.67
N LYS B 430 36.16 22.81 -7.12
CA LYS B 430 36.07 21.39 -6.80
C LYS B 430 36.03 20.55 -8.08
N VAL B 431 35.36 21.04 -9.12
CA VAL B 431 35.40 20.36 -10.41
C VAL B 431 36.83 20.27 -10.91
N LEU B 432 37.59 21.36 -10.78
CA LEU B 432 39.00 21.33 -11.19
C LEU B 432 39.79 20.31 -10.38
N GLU B 433 39.56 20.27 -9.07
CA GLU B 433 40.26 19.30 -8.23
C GLU B 433 39.92 17.87 -8.63
N ALA B 434 38.64 17.60 -8.92
CA ALA B 434 38.24 16.26 -9.32
C ALA B 434 38.85 15.87 -10.66
N VAL B 435 38.92 16.83 -11.60
CA VAL B 435 39.54 16.53 -12.89
C VAL B 435 41.02 16.23 -12.73
N LYS B 436 41.70 17.01 -11.89
CA LYS B 436 43.12 16.78 -11.66
C LYS B 436 43.36 15.45 -10.95
N GLU B 437 42.47 15.07 -10.03
CA GLU B 437 42.63 13.81 -9.33
C GLU B 437 42.35 12.62 -10.24
N GLY B 438 41.38 12.77 -11.16
CA GLY B 438 41.06 11.67 -12.06
C GLY B 438 42.24 11.26 -12.91
N GLY B 439 43.02 12.22 -13.38
CA GLY B 439 44.18 11.91 -14.18
C GLY B 439 43.85 11.81 -15.66
N ASN B 440 44.66 11.02 -16.35
CA ASN B 440 44.48 10.77 -17.78
C ASN B 440 43.63 9.55 -18.07
N ASP B 441 42.94 9.00 -17.07
CA ASP B 441 42.05 7.86 -17.24
C ASP B 441 40.74 8.38 -17.83
N MET B 442 40.46 8.01 -19.09
CA MET B 442 39.37 8.66 -19.82
C MET B 442 38.00 8.22 -19.31
N ILE B 443 37.86 6.98 -18.86
CA ILE B 443 36.54 6.50 -18.46
C ILE B 443 36.05 7.22 -17.20
N GLU B 444 36.95 7.55 -16.28
CA GLU B 444 36.57 8.33 -15.11
C GLU B 444 36.13 9.73 -15.51
N ILE B 445 36.87 10.35 -16.43
CA ILE B 445 36.48 11.65 -16.97
C ILE B 445 35.10 11.56 -17.62
N LYS B 446 34.82 10.45 -18.31
CA LYS B 446 33.53 10.28 -18.96
C LYS B 446 32.40 10.21 -17.93
N LYS B 447 32.60 9.44 -16.86
CA LYS B 447 31.59 9.37 -15.82
C LYS B 447 31.38 10.72 -15.16
N LEU B 448 32.48 11.44 -14.88
CA LEU B 448 32.37 12.77 -14.29
C LEU B 448 31.62 13.72 -15.21
N GLU B 449 31.89 13.63 -16.53
CA GLU B 449 31.17 14.45 -17.49
C GLU B 449 29.69 14.15 -17.49
N GLU B 450 29.32 12.87 -17.46
CA GLU B 450 27.91 12.51 -17.47
C GLU B 450 27.21 12.98 -16.19
N ILE B 451 27.89 12.92 -15.05
CA ILE B 451 27.28 13.40 -13.81
C ILE B 451 27.17 14.92 -13.83
N LEU B 452 28.17 15.60 -14.38
CA LEU B 452 28.17 17.06 -14.42
C LEU B 452 27.07 17.58 -15.34
N LEU B 453 26.94 17.01 -16.53
CA LEU B 453 26.04 17.57 -17.54
C LEU B 453 24.57 17.36 -17.21
N ASP B 454 24.24 16.41 -16.34
CA ASP B 454 22.85 16.13 -16.02
C ASP B 454 22.32 17.22 -15.10
N PRO B 455 21.23 17.91 -15.47
CA PRO B 455 20.77 19.04 -14.65
C PRO B 455 20.45 18.69 -13.21
N GLU B 456 19.83 17.53 -12.97
CA GLU B 456 19.44 17.17 -11.61
C GLU B 456 20.66 16.87 -10.76
N LYS B 457 21.62 16.11 -11.29
CA LYS B 457 22.85 15.87 -10.55
C LYS B 457 23.64 17.17 -10.36
N PHE B 458 23.52 18.11 -11.30
CA PHE B 458 24.20 19.39 -11.14
C PHE B 458 23.58 20.20 -10.00
N GLU B 459 22.25 20.22 -9.92
CA GLU B 459 21.59 20.84 -8.78
C GLU B 459 22.00 20.14 -7.48
N GLU B 460 22.09 18.81 -7.51
CA GLU B 460 22.53 18.07 -6.34
C GLU B 460 23.93 18.49 -5.90
N LEU B 461 24.85 18.60 -6.86
CA LEU B 461 26.21 19.01 -6.55
C LEU B 461 26.24 20.41 -5.94
N LEU B 462 25.57 21.36 -6.57
CA LEU B 462 25.53 22.71 -5.99
C LEU B 462 24.93 22.72 -4.60
N LEU B 463 23.93 21.86 -4.35
CA LEU B 463 23.32 21.82 -3.03
C LEU B 463 24.24 21.16 -2.01
N GLU B 464 25.14 20.28 -2.46
CA GLU B 464 26.02 19.56 -1.54
C GLU B 464 27.20 20.42 -1.07
N VAL B 465 27.70 21.31 -1.92
CA VAL B 465 28.84 22.14 -1.54
C VAL B 465 28.39 23.33 -0.71
N MET C 1 58.83 24.82 -52.41
CA MET C 1 57.89 25.56 -53.25
C MET C 1 56.45 25.19 -52.90
N VAL C 2 56.25 23.92 -52.52
CA VAL C 2 54.92 23.46 -52.13
C VAL C 2 54.46 24.16 -50.86
N TYR C 3 55.38 24.47 -49.95
CA TYR C 3 55.01 25.16 -48.72
C TYR C 3 54.48 26.56 -49.01
N GLU C 4 55.09 27.25 -49.98
CA GLU C 4 54.60 28.57 -50.36
C GLU C 4 53.21 28.46 -51.00
N ARG C 5 52.99 27.44 -51.81
CA ARG C 5 51.68 27.23 -52.41
C ARG C 5 50.61 26.97 -51.34
N LEU C 6 50.93 26.14 -50.35
CA LEU C 6 49.97 25.87 -49.29
C LEU C 6 49.69 27.13 -48.47
N LYS C 7 50.75 27.88 -48.11
CA LYS C 7 50.57 29.13 -47.38
C LYS C 7 49.70 30.10 -48.16
N GLU C 8 49.92 30.20 -49.47
CA GLU C 8 49.09 31.07 -50.29
C GLU C 8 47.64 30.62 -50.29
N LEU C 9 47.40 29.32 -50.50
CA LEU C 9 46.03 28.81 -50.52
C LEU C 9 45.32 29.08 -49.20
N ILE C 10 46.04 28.99 -48.09
CA ILE C 10 45.44 29.30 -46.80
C ILE C 10 45.16 30.79 -46.67
N GLU C 11 46.12 31.63 -47.07
CA GLU C 11 46.02 33.06 -46.88
C GLU C 11 44.95 33.70 -47.76
N GLU C 12 44.73 33.17 -48.96
CA GLU C 12 43.75 33.75 -49.86
C GLU C 12 42.31 33.51 -49.43
N ASN C 13 42.08 32.66 -48.45
CA ASN C 13 40.73 32.43 -47.96
C ASN C 13 40.27 33.63 -47.15
N PRO C 14 39.07 34.16 -47.41
CA PRO C 14 38.66 35.40 -46.72
C PRO C 14 38.47 35.23 -45.21
N GLU C 15 37.85 34.13 -44.78
CA GLU C 15 37.67 33.91 -43.35
C GLU C 15 39.01 33.78 -42.64
N ILE C 16 39.95 33.05 -43.25
CA ILE C 16 41.29 32.93 -42.70
C ILE C 16 41.94 34.31 -42.60
N GLN C 17 41.75 35.13 -43.63
CA GLN C 17 42.32 36.48 -43.61
C GLN C 17 41.78 37.30 -42.45
N GLU C 18 40.45 37.24 -42.24
CA GLU C 18 39.86 38.01 -41.14
C GLU C 18 40.35 37.50 -39.79
N ILE C 19 40.46 36.18 -39.63
CA ILE C 19 40.93 35.61 -38.38
C ILE C 19 42.36 36.04 -38.11
N LEU C 20 43.22 35.95 -39.13
CA LEU C 20 44.61 36.36 -38.97
C LEU C 20 44.71 37.85 -38.64
N GLU C 21 43.85 38.67 -39.24
CA GLU C 21 43.86 40.10 -38.93
C GLU C 21 43.48 40.34 -37.48
N LEU C 22 42.42 39.66 -37.01
CA LEU C 22 42.02 39.79 -35.61
C LEU C 22 43.14 39.37 -34.67
N TRP C 23 43.82 38.25 -34.98
CA TRP C 23 44.89 37.78 -34.12
C TRP C 23 46.14 38.63 -34.24
N LYS C 24 46.28 39.38 -35.33
CA LYS C 24 47.36 40.36 -35.40
C LYS C 24 47.08 41.56 -34.50
N PHE C 25 45.82 41.99 -34.43
CA PHE C 25 45.48 43.13 -33.56
C PHE C 25 45.71 42.81 -32.09
N ILE C 26 45.33 41.62 -31.65
CA ILE C 26 45.19 41.38 -30.21
C ILE C 26 46.55 41.03 -29.61
N GLY C 27 47.61 41.14 -30.40
CA GLY C 27 48.96 40.92 -29.90
C GLY C 27 49.43 39.49 -29.88
N ARG C 28 48.72 38.58 -30.54
CA ARG C 28 49.05 37.16 -30.54
C ARG C 28 49.81 36.74 -31.79
N GLU C 29 50.67 37.62 -32.32
CA GLU C 29 51.34 37.34 -33.60
C GLU C 29 52.20 36.09 -33.52
N ASP C 30 52.88 35.89 -32.39
CA ASP C 30 53.74 34.71 -32.28
C ASP C 30 52.95 33.41 -32.31
N VAL C 31 51.67 33.46 -31.96
CA VAL C 31 50.83 32.27 -32.09
C VAL C 31 50.66 31.90 -33.56
N VAL C 32 50.37 32.90 -34.41
CA VAL C 32 50.28 32.65 -35.84
C VAL C 32 51.62 32.17 -36.38
N GLU C 33 52.71 32.76 -35.91
CA GLU C 33 54.03 32.35 -36.39
C GLU C 33 54.33 30.90 -36.03
N LYS C 34 54.03 30.51 -34.79
CA LYS C 34 54.17 29.10 -34.39
C LYS C 34 53.29 28.20 -35.23
N LEU C 35 52.06 28.62 -35.53
CA LEU C 35 51.17 27.79 -36.32
C LEU C 35 51.74 27.57 -37.72
N PHE C 36 52.28 28.62 -38.33
CA PHE C 36 52.87 28.42 -39.66
C PHE C 36 54.16 27.62 -39.60
N GLU C 37 54.91 27.71 -38.49
CA GLU C 37 56.03 26.80 -38.30
C GLU C 37 55.57 25.36 -38.26
N VAL C 38 54.46 25.10 -37.56
CA VAL C 38 53.91 23.75 -37.50
C VAL C 38 53.46 23.29 -38.89
N ILE C 39 52.89 24.20 -39.68
CA ILE C 39 52.48 23.84 -41.04
C ILE C 39 53.70 23.44 -41.88
N LYS C 40 54.75 24.27 -41.83
CA LYS C 40 55.98 23.95 -42.55
C LYS C 40 56.53 22.60 -42.11
N TRP C 41 56.56 22.35 -40.80
CA TRP C 41 57.07 21.08 -40.30
C TRP C 41 56.22 19.91 -40.75
N ALA C 42 54.90 20.09 -40.82
CA ALA C 42 54.03 19.02 -41.29
C ALA C 42 54.27 18.72 -42.76
N VAL C 43 54.52 19.76 -43.56
CA VAL C 43 54.83 19.54 -44.97
C VAL C 43 56.16 18.80 -45.10
N GLU C 44 57.16 19.20 -44.31
CA GLU C 44 58.45 18.50 -44.36
C GLU C 44 58.34 17.07 -43.85
N GLU C 45 57.39 16.81 -42.95
CA GLU C 45 57.18 15.46 -42.45
C GLU C 45 56.41 14.60 -43.45
N GLY C 46 55.60 15.21 -44.30
CA GLY C 46 54.94 14.46 -45.36
C GLY C 46 55.91 14.07 -46.46
N GLY C 47 56.82 14.96 -46.82
CA GLY C 47 57.87 14.62 -47.76
C GLY C 47 57.31 14.41 -49.16
N ASN C 48 57.59 13.24 -49.73
CA ASN C 48 57.18 12.90 -51.08
C ASN C 48 55.80 12.23 -51.12
N ASN C 49 55.09 12.17 -49.98
CA ASN C 49 53.76 11.59 -49.94
C ASN C 49 52.75 12.69 -50.27
N MET C 50 52.58 12.92 -51.57
CA MET C 50 51.78 14.04 -52.04
C MET C 50 50.32 13.92 -51.62
N VAL C 51 49.84 12.70 -51.38
CA VAL C 51 48.48 12.54 -50.88
C VAL C 51 48.34 13.17 -49.50
N PHE C 52 49.40 13.16 -48.69
CA PHE C 52 49.33 13.82 -47.39
C PHE C 52 49.27 15.33 -47.54
N ILE C 53 49.98 15.88 -48.53
CA ILE C 53 49.89 17.31 -48.78
C ILE C 53 48.51 17.68 -49.28
N SER C 54 47.91 16.82 -50.10
CA SER C 54 46.55 17.08 -50.56
C SER C 54 45.55 16.97 -49.41
N LEU C 55 45.83 16.13 -48.42
CA LEU C 55 45.01 16.10 -47.22
C LEU C 55 45.14 17.39 -46.42
N LEU C 56 46.38 17.83 -46.20
CA LEU C 56 46.60 19.06 -45.42
C LEU C 56 45.98 20.27 -46.10
N LYS C 57 46.01 20.32 -47.44
CA LYS C 57 45.35 21.42 -48.13
C LYS C 57 43.88 21.50 -47.78
N GLU C 58 43.17 20.36 -47.85
CA GLU C 58 41.76 20.34 -47.49
C GLU C 58 41.55 20.68 -46.03
N ILE C 59 42.41 20.16 -45.15
CA ILE C 59 42.23 20.38 -43.72
C ILE C 59 42.38 21.85 -43.36
N LEU C 60 43.36 22.52 -43.95
CA LEU C 60 43.62 23.92 -43.62
C LEU C 60 42.75 24.89 -44.40
N SER C 61 42.23 24.49 -45.55
CA SER C 61 41.30 25.37 -46.27
C SER C 61 40.03 25.59 -45.48
N ASN C 62 39.66 24.64 -44.63
CA ASN C 62 38.49 24.78 -43.78
C ASN C 62 38.77 25.79 -42.68
N PRO C 63 38.03 26.89 -42.59
CA PRO C 63 38.37 27.91 -41.58
C PRO C 63 38.13 27.47 -40.15
N GLU C 64 37.18 26.55 -39.91
CA GLU C 64 36.90 26.12 -38.54
C GLU C 64 38.06 25.31 -37.98
N ILE C 65 38.66 24.43 -38.80
CA ILE C 65 39.82 23.67 -38.36
C ILE C 65 40.98 24.61 -38.06
N PHE C 66 41.18 25.64 -38.90
CA PHE C 66 42.23 26.61 -38.65
C PHE C 66 41.98 27.37 -37.37
N GLU C 67 40.72 27.70 -37.09
CA GLU C 67 40.41 28.41 -35.85
C GLU C 67 40.67 27.54 -34.63
N ILE C 68 40.33 26.25 -34.71
CA ILE C 68 40.62 25.34 -33.60
C ILE C 68 42.13 25.21 -33.39
N LEU C 69 42.88 25.10 -34.50
CA LEU C 69 44.32 25.00 -34.40
C LEU C 69 44.93 26.25 -33.77
N LEU C 70 44.42 27.44 -34.13
CA LEU C 70 44.91 28.65 -33.51
C LEU C 70 44.64 28.66 -32.00
N LYS C 71 43.41 28.33 -31.61
CA LYS C 71 43.09 28.26 -30.18
C LYS C 71 43.98 27.27 -29.45
N TRP C 72 44.34 26.17 -30.11
CA TRP C 72 45.10 25.12 -29.45
C TRP C 72 46.59 25.38 -29.46
N VAL C 73 47.08 26.21 -30.38
CA VAL C 73 48.46 26.65 -30.36
C VAL C 73 48.64 27.78 -29.35
N ASP C 74 47.63 28.63 -29.21
CA ASP C 74 47.67 29.76 -28.27
C ASP C 74 48.09 29.32 -26.88
N ILE C 75 47.49 28.26 -26.36
CA ILE C 75 47.62 27.91 -24.95
C ILE C 75 48.90 27.10 -24.74
N GLY C 76 49.73 26.99 -25.77
CA GLY C 76 51.00 26.33 -25.67
C GLY C 76 51.00 24.85 -25.99
N ARG C 77 49.90 24.33 -26.53
CA ARG C 77 49.78 22.91 -26.84
C ARG C 77 50.12 22.60 -28.29
N GLU C 78 51.04 23.34 -28.90
CA GLU C 78 51.41 23.07 -30.28
C GLU C 78 52.01 21.68 -30.45
N ASP C 79 52.68 21.17 -29.42
CA ASP C 79 53.22 19.82 -29.49
C ASP C 79 52.11 18.80 -29.72
N VAL C 80 50.91 19.07 -29.23
CA VAL C 80 49.79 18.19 -29.47
C VAL C 80 49.43 18.18 -30.96
N VAL C 81 49.47 19.35 -31.60
CA VAL C 81 49.20 19.40 -33.04
C VAL C 81 50.27 18.67 -33.83
N LYS C 82 51.55 18.83 -33.44
CA LYS C 82 52.60 18.08 -34.11
C LYS C 82 52.39 16.58 -33.99
N LYS C 83 52.08 16.11 -32.77
CA LYS C 83 51.82 14.68 -32.59
C LYS C 83 50.64 14.22 -33.43
N LEU C 84 49.58 15.02 -33.50
CA LEU C 84 48.41 14.63 -34.29
C LEU C 84 48.76 14.52 -35.77
N PHE C 85 49.51 15.50 -36.30
CA PHE C 85 49.86 15.41 -37.72
C PHE C 85 50.81 14.26 -37.99
N SER C 86 51.69 13.93 -37.05
CA SER C 86 52.54 12.75 -37.22
C SER C 86 51.70 11.48 -37.28
N VAL C 87 50.71 11.37 -36.40
CA VAL C 87 49.86 10.18 -36.39
C VAL C 87 49.04 10.10 -37.67
N ILE C 88 48.53 11.22 -38.16
CA ILE C 88 47.78 11.20 -39.41
C ILE C 88 48.69 10.82 -40.58
N LYS C 89 49.94 11.27 -40.57
CA LYS C 89 50.88 10.85 -41.61
C LYS C 89 51.11 9.34 -41.55
N GLN C 90 51.28 8.80 -40.34
CA GLN C 90 51.47 7.35 -40.23
C GLN C 90 50.26 6.58 -40.72
N ALA C 91 49.06 7.09 -40.41
CA ALA C 91 47.83 6.41 -40.83
C ALA C 91 47.66 6.46 -42.34
N VAL C 92 48.00 7.59 -42.96
CA VAL C 92 47.89 7.69 -44.41
C VAL C 92 48.96 6.86 -45.10
N GLU C 93 50.15 6.76 -44.51
CA GLU C 93 51.20 5.93 -45.09
C GLU C 93 50.83 4.45 -45.03
N ASP C 94 50.35 3.98 -43.87
CA ASP C 94 50.06 2.57 -43.71
C ASP C 94 48.91 2.10 -44.60
N GLY C 95 48.03 3.01 -45.03
CA GLY C 95 46.98 2.62 -45.96
C GLY C 95 47.48 2.41 -47.38
N GLY C 96 48.48 3.16 -47.80
CA GLY C 96 49.17 2.96 -49.06
C GLY C 96 48.48 3.54 -50.27
N ASN C 97 47.49 2.84 -50.83
CA ASN C 97 46.81 3.35 -52.00
C ASN C 97 45.32 3.03 -52.02
N ASN C 98 44.71 2.91 -50.85
CA ASN C 98 43.26 2.65 -50.77
C ASN C 98 42.54 3.99 -50.82
N MET C 99 42.17 4.40 -52.03
CA MET C 99 41.64 5.75 -52.21
C MET C 99 40.30 5.93 -51.51
N VAL C 100 39.54 4.87 -51.30
CA VAL C 100 38.28 5.00 -50.57
C VAL C 100 38.56 5.23 -49.08
N PHE C 101 39.60 4.60 -48.54
CA PHE C 101 39.95 4.83 -47.14
C PHE C 101 40.52 6.23 -46.94
N LEU C 102 41.35 6.69 -47.87
CA LEU C 102 41.83 8.07 -47.79
C LEU C 102 40.70 9.06 -48.00
N SER C 103 39.68 8.68 -48.78
CA SER C 103 38.50 9.53 -48.87
C SER C 103 37.76 9.59 -47.54
N LEU C 104 37.66 8.45 -46.85
CA LEU C 104 37.04 8.47 -45.53
C LEU C 104 37.82 9.35 -44.56
N LEU C 105 39.15 9.32 -44.62
CA LEU C 105 39.92 10.23 -43.77
C LEU C 105 39.71 11.69 -44.17
N LYS C 106 39.71 11.97 -45.47
CA LYS C 106 39.47 13.32 -45.94
C LYS C 106 38.11 13.83 -45.49
N GLU C 107 37.14 12.93 -45.36
CA GLU C 107 35.82 13.29 -44.86
C GLU C 107 35.84 13.52 -43.36
N LEU C 108 36.34 12.53 -42.61
CA LEU C 108 36.24 12.57 -41.15
C LEU C 108 37.06 13.72 -40.56
N LEU C 109 38.24 13.99 -41.11
CA LEU C 109 39.05 15.06 -40.54
C LEU C 109 38.57 16.45 -40.95
N SER C 110 37.69 16.55 -41.95
CA SER C 110 37.11 17.85 -42.29
C SER C 110 36.06 18.29 -41.29
N ASN C 111 35.46 17.34 -40.58
CA ASN C 111 34.42 17.65 -39.61
C ASN C 111 35.06 18.22 -38.35
N PRO C 112 34.68 19.42 -37.92
CA PRO C 112 35.40 20.06 -36.79
C PRO C 112 35.36 19.29 -35.49
N GLU C 113 34.22 18.69 -35.14
CA GLU C 113 34.12 18.03 -33.84
C GLU C 113 35.02 16.81 -33.76
N ILE C 114 35.15 16.07 -34.87
CA ILE C 114 36.05 14.93 -34.89
C ILE C 114 37.48 15.38 -34.68
N PHE C 115 37.87 16.48 -35.32
CA PHE C 115 39.22 16.99 -35.14
C PHE C 115 39.47 17.46 -33.70
N GLU C 116 38.47 18.08 -33.07
CA GLU C 116 38.62 18.50 -31.69
C GLU C 116 38.77 17.30 -30.77
N ILE C 117 37.95 16.27 -30.97
CA ILE C 117 38.02 15.07 -30.14
C ILE C 117 39.39 14.39 -30.31
N LEU C 118 39.87 14.32 -31.56
CA LEU C 118 41.18 13.71 -31.78
C LEU C 118 42.30 14.52 -31.14
N LEU C 119 42.22 15.85 -31.22
CA LEU C 119 43.20 16.67 -30.52
C LEU C 119 43.19 16.40 -29.02
N LEU C 120 41.99 16.31 -28.43
CA LEU C 120 41.89 16.04 -27.01
C LEU C 120 42.48 14.66 -26.67
N TRP C 121 42.25 13.67 -27.53
CA TRP C 121 42.79 12.33 -27.29
C TRP C 121 44.29 12.24 -27.52
N VAL C 122 44.86 13.14 -28.33
CA VAL C 122 46.31 13.16 -28.51
C VAL C 122 46.98 13.97 -27.39
N GLU C 123 46.26 14.90 -26.76
CA GLU C 123 46.87 15.68 -25.69
C GLU C 123 47.18 14.82 -24.47
N ILE C 124 46.25 13.97 -24.06
CA ILE C 124 46.34 13.31 -22.76
C ILE C 124 47.23 12.07 -22.89
N ASN C 125 47.96 11.98 -24.00
CA ASN C 125 48.96 10.93 -24.23
C ASN C 125 48.32 9.58 -24.47
N ARG C 126 47.36 9.55 -25.40
CA ARG C 126 46.67 8.33 -25.80
C ARG C 126 46.77 8.19 -27.31
N GLU C 127 47.99 8.38 -27.82
CA GLU C 127 48.23 8.34 -29.26
C GLU C 127 47.93 6.97 -29.85
N ASP C 128 48.24 5.91 -29.09
CA ASP C 128 48.01 4.57 -29.62
C ASP C 128 46.54 4.27 -29.78
N VAL C 129 45.67 4.94 -29.03
CA VAL C 129 44.23 4.74 -29.24
C VAL C 129 43.83 5.27 -30.62
N VAL C 130 44.35 6.44 -31.00
CA VAL C 130 44.05 6.97 -32.33
C VAL C 130 44.66 6.08 -33.41
N LYS C 131 45.89 5.60 -33.20
CA LYS C 131 46.50 4.69 -34.17
C LYS C 131 45.65 3.44 -34.36
N LYS C 132 45.25 2.79 -33.26
CA LYS C 132 44.43 1.59 -33.35
C LYS C 132 43.10 1.89 -34.01
N PHE C 133 42.53 3.05 -33.74
CA PHE C 133 41.23 3.37 -34.33
C PHE C 133 41.33 3.55 -35.83
N PHE C 134 42.37 4.25 -36.30
CA PHE C 134 42.56 4.35 -37.75
C PHE C 134 42.85 2.99 -38.37
N ASP C 135 43.55 2.11 -37.65
CA ASP C 135 43.75 0.76 -38.15
C ASP C 135 42.42 0.03 -38.31
N VAL C 136 41.53 0.15 -37.31
CA VAL C 136 40.22 -0.50 -37.39
C VAL C 136 39.42 0.07 -38.56
N ILE C 137 39.49 1.38 -38.77
CA ILE C 137 38.80 1.99 -39.90
C ILE C 137 39.29 1.40 -41.21
N LYS C 138 40.61 1.38 -41.41
CA LYS C 138 41.16 0.83 -42.65
C LYS C 138 40.76 -0.63 -42.84
N TRP C 139 40.80 -1.42 -41.76
CA TRP C 139 40.44 -2.83 -41.87
C TRP C 139 38.99 -3.00 -42.29
N ALA C 140 38.08 -2.28 -41.64
CA ALA C 140 36.67 -2.40 -42.00
C ALA C 140 36.41 -1.93 -43.43
N VAL C 141 37.12 -0.89 -43.86
CA VAL C 141 36.94 -0.38 -45.21
C VAL C 141 37.43 -1.39 -46.24
N GLU C 142 38.56 -2.04 -45.97
CA GLU C 142 39.05 -3.07 -46.88
C GLU C 142 38.10 -4.27 -46.89
N ARG C 143 37.52 -4.60 -45.74
CA ARG C 143 36.57 -5.71 -45.67
C ARG C 143 35.31 -5.41 -46.47
N GLY C 144 34.88 -4.15 -46.48
CA GLY C 144 33.70 -3.77 -47.24
C GLY C 144 33.87 -3.99 -48.72
N GLY C 145 34.88 -3.36 -49.31
CA GLY C 145 35.24 -3.64 -50.69
C GLY C 145 34.15 -3.22 -51.66
N ASN C 146 33.86 -4.09 -52.62
CA ASN C 146 32.88 -3.80 -53.67
C ASN C 146 31.48 -4.01 -53.13
N ASN C 147 31.04 -3.08 -52.29
CA ASN C 147 29.73 -3.13 -51.67
C ASN C 147 29.37 -1.74 -51.17
N PRO C 148 29.16 -0.77 -52.07
CA PRO C 148 29.15 0.65 -51.66
C PRO C 148 28.07 1.01 -50.65
N LYS C 149 26.98 0.23 -50.56
CA LYS C 149 25.95 0.52 -49.57
C LYS C 149 26.52 0.42 -48.15
N PHE C 150 27.34 -0.60 -47.91
CA PHE C 150 27.93 -0.77 -46.59
C PHE C 150 28.92 0.33 -46.28
N LEU C 151 29.72 0.75 -47.27
CA LEU C 151 30.64 1.86 -47.04
C LEU C 151 29.88 3.16 -46.79
N SER C 152 28.71 3.33 -47.41
CA SER C 152 27.92 4.52 -47.13
C SER C 152 27.39 4.50 -45.71
N LEU C 153 26.87 3.35 -45.25
CA LEU C 153 26.45 3.24 -43.86
C LEU C 153 27.61 3.51 -42.91
N LEU C 154 28.79 2.98 -43.23
CA LEU C 154 29.95 3.19 -42.37
C LEU C 154 30.33 4.67 -42.32
N LYS C 155 30.33 5.34 -43.47
CA LYS C 155 30.65 6.76 -43.50
C LYS C 155 29.66 7.56 -42.68
N LEU C 156 28.36 7.24 -42.80
CA LEU C 156 27.36 7.98 -42.03
C LEU C 156 27.51 7.72 -40.54
N ILE C 157 27.75 6.46 -40.15
CA ILE C 157 27.91 6.14 -38.74
C ILE C 157 29.13 6.85 -38.16
N LEU C 158 30.22 6.93 -38.92
CA LEU C 158 31.41 7.60 -38.43
C LEU C 158 31.28 9.12 -38.43
N SER C 159 30.45 9.69 -39.31
CA SER C 159 30.28 11.13 -39.31
C SER C 159 29.59 11.61 -38.04
N ASN C 160 28.77 10.77 -37.44
CA ASN C 160 28.08 11.13 -36.20
C ASN C 160 29.10 11.22 -35.07
N PRO C 161 29.23 12.37 -34.39
CA PRO C 161 30.29 12.49 -33.39
C PRO C 161 30.07 11.63 -32.15
N GLU C 162 28.82 11.39 -31.74
CA GLU C 162 28.57 10.58 -30.56
C GLU C 162 29.01 9.14 -30.77
N ILE C 163 28.69 8.57 -31.93
CA ILE C 163 29.14 7.23 -32.25
C ILE C 163 30.66 7.18 -32.32
N PHE C 164 31.27 8.26 -32.82
CA PHE C 164 32.73 8.33 -32.86
C PHE C 164 33.31 8.29 -31.45
N LYS C 165 32.71 9.01 -30.51
CA LYS C 165 33.17 8.97 -29.13
C LYS C 165 33.03 7.58 -28.54
N ILE C 166 31.90 6.91 -28.81
CA ILE C 166 31.70 5.56 -28.28
C ILE C 166 32.75 4.62 -28.84
N LEU C 167 33.03 4.72 -30.14
CA LEU C 167 34.07 3.88 -30.75
C LEU C 167 35.43 4.14 -30.12
N LEU C 168 35.77 5.41 -29.90
CA LEU C 168 37.07 5.70 -29.27
C LEU C 168 37.14 5.12 -27.87
N LEU C 169 36.05 5.25 -27.11
CA LEU C 169 36.03 4.70 -25.75
C LEU C 169 36.22 3.19 -25.77
N TRP C 170 35.53 2.49 -26.68
CA TRP C 170 35.66 1.04 -26.73
C TRP C 170 37.02 0.59 -27.25
N VAL C 171 37.66 1.39 -28.10
CA VAL C 171 39.01 1.04 -28.53
C VAL C 171 40.00 1.25 -27.39
N TYR C 172 39.79 2.30 -26.59
CA TYR C 172 40.64 2.55 -25.44
C TYR C 172 40.66 1.36 -24.49
N GLU C 173 39.48 0.78 -24.21
CA GLU C 173 39.39 -0.33 -23.28
C GLU C 173 39.92 -1.64 -23.86
N ASN C 174 40.48 -1.62 -25.08
CA ASN C 174 40.99 -2.81 -25.75
C ASN C 174 39.88 -3.80 -26.09
N LYS C 175 38.71 -3.29 -26.46
CA LYS C 175 37.62 -4.09 -26.99
C LYS C 175 37.62 -4.11 -28.52
N GLU C 176 38.80 -3.99 -29.14
CA GLU C 176 38.88 -3.87 -30.59
C GLU C 176 38.18 -5.01 -31.31
N GLU C 177 38.34 -6.23 -30.80
CA GLU C 177 37.73 -7.38 -31.45
C GLU C 177 36.20 -7.30 -31.43
N VAL C 178 35.63 -6.69 -30.39
CA VAL C 178 34.18 -6.49 -30.37
C VAL C 178 33.75 -5.56 -31.50
N VAL C 179 34.50 -4.48 -31.72
CA VAL C 179 34.19 -3.56 -32.80
C VAL C 179 34.30 -4.26 -34.15
N LYS C 180 35.35 -5.08 -34.32
CA LYS C 180 35.50 -5.83 -35.57
C LYS C 180 34.31 -6.77 -35.78
N LYS C 181 33.90 -7.47 -34.72
CA LYS C 181 32.74 -8.35 -34.84
C LYS C 181 31.48 -7.57 -35.20
N LEU C 182 31.34 -6.36 -34.66
CA LEU C 182 30.17 -5.56 -34.99
C LEU C 182 30.16 -5.15 -36.46
N PHE C 183 31.32 -4.73 -36.97
CA PHE C 183 31.36 -4.41 -38.41
C PHE C 183 31.13 -5.63 -39.28
N ASP C 184 31.57 -6.81 -38.84
CA ASP C 184 31.25 -8.02 -39.59
C ASP C 184 29.74 -8.28 -39.57
N VAL C 185 29.08 -8.03 -38.44
CA VAL C 185 27.63 -8.22 -38.40
C VAL C 185 26.93 -7.21 -39.30
N LEU C 186 27.45 -5.99 -39.38
CA LEU C 186 26.88 -5.04 -40.34
C LEU C 186 27.09 -5.52 -41.76
N LEU C 187 28.24 -6.12 -42.05
CA LEU C 187 28.47 -6.65 -43.40
C LEU C 187 27.47 -7.75 -43.74
N TYR C 188 27.30 -8.73 -42.85
CA TYR C 188 26.34 -9.80 -43.10
C TYR C 188 24.91 -9.37 -42.88
N ALA C 189 24.66 -8.12 -42.51
CA ALA C 189 23.32 -7.55 -42.56
C ALA C 189 23.05 -6.84 -43.88
N VAL C 190 24.03 -6.08 -44.38
CA VAL C 190 23.84 -5.38 -45.65
C VAL C 190 23.83 -6.36 -46.80
N LYS C 191 24.68 -7.40 -46.75
CA LYS C 191 24.64 -8.43 -47.79
C LYS C 191 23.26 -9.09 -47.87
N GLU C 192 22.63 -9.32 -46.71
CA GLU C 192 21.32 -9.95 -46.69
C GLU C 192 20.22 -8.98 -47.14
N GLY C 193 20.33 -7.72 -46.72
CA GLY C 193 19.32 -6.74 -47.11
C GLY C 193 19.23 -6.54 -48.60
N GLY C 194 20.38 -6.50 -49.28
CA GLY C 194 20.38 -6.31 -50.71
C GLY C 194 19.76 -4.96 -51.08
N ASP C 195 19.26 -4.90 -52.32
CA ASP C 195 18.57 -3.70 -52.79
C ASP C 195 17.13 -3.75 -52.30
N ASN C 196 16.88 -3.07 -51.18
CA ASN C 196 15.55 -2.90 -50.63
C ASN C 196 15.56 -1.63 -49.79
N GLU C 197 15.05 -0.53 -50.34
CA GLU C 197 15.28 0.78 -49.75
C GLU C 197 14.72 0.88 -48.34
N LYS C 198 13.63 0.18 -48.05
CA LYS C 198 13.01 0.30 -46.74
C LYS C 198 13.85 -0.34 -45.65
N PHE C 199 14.45 -1.51 -45.92
CA PHE C 199 15.27 -2.17 -44.91
C PHE C 199 16.59 -1.43 -44.69
N LEU C 200 17.24 -1.00 -45.76
CA LEU C 200 18.47 -0.22 -45.62
C LEU C 200 18.17 1.09 -44.89
N GLU C 201 17.02 1.70 -45.16
CA GLU C 201 16.63 2.91 -44.45
C GLU C 201 16.43 2.62 -42.96
N LEU C 202 15.79 1.50 -42.62
CA LEU C 202 15.64 1.15 -41.22
C LEU C 202 16.99 0.97 -40.53
N LEU C 203 17.94 0.30 -41.20
CA LEU C 203 19.28 0.18 -40.62
C LEU C 203 19.93 1.54 -40.46
N LYS C 204 19.86 2.38 -41.50
CA LYS C 204 20.49 3.69 -41.44
C LYS C 204 19.93 4.53 -40.30
N GLU C 205 18.63 4.38 -40.00
CA GLU C 205 18.01 5.12 -38.92
C GLU C 205 18.36 4.52 -37.56
N ILE C 206 18.18 3.21 -37.41
CA ILE C 206 18.34 2.56 -36.10
C ILE C 206 19.79 2.60 -35.65
N LEU C 207 20.74 2.28 -36.54
CA LEU C 207 22.14 2.25 -36.16
C LEU C 207 22.69 3.62 -35.81
N SER C 208 21.95 4.69 -36.12
CA SER C 208 22.43 6.04 -35.87
C SER C 208 22.11 6.56 -34.47
N ASN C 209 21.24 5.87 -33.73
CA ASN C 209 20.99 6.29 -32.35
C ASN C 209 22.06 5.73 -31.43
N PRO C 210 22.63 6.54 -30.54
CA PRO C 210 23.70 6.01 -29.68
C PRO C 210 23.26 4.91 -28.75
N GLU C 211 22.00 4.96 -28.27
CA GLU C 211 21.52 3.93 -27.35
C GLU C 211 21.48 2.55 -28.00
N ILE C 212 20.93 2.45 -29.21
CA ILE C 212 20.86 1.17 -29.89
C ILE C 212 22.26 0.65 -30.20
N PHE C 213 23.17 1.54 -30.62
CA PHE C 213 24.53 1.11 -30.93
C PHE C 213 25.25 0.62 -29.67
N GLU C 214 25.01 1.28 -28.53
CA GLU C 214 25.60 0.84 -27.29
C GLU C 214 25.06 -0.52 -26.88
N ILE C 215 23.75 -0.74 -27.04
CA ILE C 215 23.16 -2.03 -26.70
C ILE C 215 23.75 -3.13 -27.58
N LEU C 216 23.86 -2.86 -28.88
CA LEU C 216 24.45 -3.84 -29.79
C LEU C 216 25.87 -4.18 -29.39
N LEU C 217 26.68 -3.17 -29.10
CA LEU C 217 28.05 -3.44 -28.67
C LEU C 217 28.09 -4.22 -27.37
N GLU C 218 27.18 -3.91 -26.44
CA GLU C 218 27.14 -4.64 -25.17
C GLU C 218 26.69 -6.08 -25.34
N TRP C 219 25.97 -6.40 -26.41
CA TRP C 219 25.64 -7.80 -26.63
C TRP C 219 26.70 -8.55 -27.43
N VAL C 220 27.32 -7.91 -28.43
CA VAL C 220 28.37 -8.61 -29.16
C VAL C 220 29.66 -8.71 -28.34
N GLU C 221 29.76 -7.95 -27.25
CA GLU C 221 30.93 -8.06 -26.38
C GLU C 221 30.98 -9.43 -25.70
N GLU C 222 29.82 -10.02 -25.43
CA GLU C 222 29.72 -11.31 -24.77
C GLU C 222 29.60 -12.46 -25.76
N ASN C 223 30.07 -12.28 -27.00
CA ASN C 223 30.05 -13.32 -28.01
C ASN C 223 28.63 -13.80 -28.30
N LYS C 224 27.81 -12.92 -28.85
CA LYS C 224 26.40 -13.21 -29.12
C LYS C 224 26.07 -12.85 -30.57
N GLU C 225 26.93 -13.26 -31.50
CA GLU C 225 26.75 -12.89 -32.89
C GLU C 225 25.43 -13.42 -33.45
N ASP C 226 25.06 -14.64 -33.08
CA ASP C 226 23.83 -15.23 -33.63
C ASP C 226 22.61 -14.42 -33.23
N VAL C 227 22.61 -13.86 -32.02
CA VAL C 227 21.46 -13.08 -31.56
C VAL C 227 21.24 -11.87 -32.46
N VAL C 228 22.31 -11.09 -32.69
CA VAL C 228 22.18 -9.88 -33.50
C VAL C 228 21.86 -10.23 -34.95
N LYS C 229 22.50 -11.27 -35.48
CA LYS C 229 22.23 -11.65 -36.87
C LYS C 229 20.77 -12.06 -37.05
N LYS C 230 20.26 -12.90 -36.14
CA LYS C 230 18.86 -13.30 -36.23
C LYS C 230 17.91 -12.13 -36.00
N LEU C 231 18.30 -11.15 -35.19
CA LEU C 231 17.45 -9.98 -35.03
C LEU C 231 17.36 -9.17 -36.31
N PHE C 232 18.50 -8.96 -36.98
CA PHE C 232 18.43 -8.26 -38.26
C PHE C 232 17.66 -9.07 -39.30
N ASP C 233 17.74 -10.39 -39.24
CA ASP C 233 16.93 -11.22 -40.14
C ASP C 233 15.45 -11.03 -39.85
N VAL C 234 15.07 -10.97 -38.57
CA VAL C 234 13.67 -10.79 -38.21
C VAL C 234 13.18 -9.42 -38.67
N ILE C 235 14.01 -8.38 -38.56
CA ILE C 235 13.60 -7.07 -39.04
C ILE C 235 13.43 -7.07 -40.55
N LYS C 236 14.35 -7.72 -41.27
CA LYS C 236 14.21 -7.84 -42.71
C LYS C 236 12.90 -8.54 -43.08
N TYR C 237 12.60 -9.64 -42.40
CA TYR C 237 11.35 -10.35 -42.65
C TYR C 237 10.14 -9.49 -42.34
N ALA C 238 10.21 -8.71 -41.26
CA ALA C 238 9.08 -7.86 -40.91
C ALA C 238 8.85 -6.77 -41.96
N VAL C 239 9.93 -6.27 -42.57
CA VAL C 239 9.76 -5.29 -43.63
C VAL C 239 9.24 -5.94 -44.90
N GLU C 240 9.76 -7.13 -45.25
CA GLU C 240 9.31 -7.81 -46.46
C GLU C 240 7.84 -8.21 -46.37
N ARG C 241 7.42 -8.71 -45.20
CA ARG C 241 6.03 -9.14 -45.04
C ARG C 241 5.09 -7.96 -44.95
N GLY C 242 5.58 -6.80 -44.50
CA GLY C 242 4.73 -5.63 -44.35
C GLY C 242 4.06 -5.19 -45.63
N GLY C 243 4.64 -5.53 -46.77
CA GLY C 243 4.11 -5.06 -48.03
C GLY C 243 4.22 -3.54 -48.12
N ASP C 244 3.54 -3.00 -49.12
CA ASP C 244 3.48 -1.54 -49.29
C ASP C 244 2.33 -1.00 -48.44
N ASN C 245 2.68 -0.48 -47.27
CA ASN C 245 1.72 0.16 -46.38
C ASN C 245 2.51 1.02 -45.40
N GLU C 246 2.35 2.34 -45.49
CA GLU C 246 3.23 3.24 -44.75
C GLU C 246 3.00 3.15 -43.25
N LYS C 247 1.76 2.90 -42.82
CA LYS C 247 1.45 2.96 -41.40
C LYS C 247 2.09 1.83 -40.61
N PHE C 248 2.32 0.68 -41.25
CA PHE C 248 3.03 -0.40 -40.58
C PHE C 248 4.52 -0.11 -40.50
N TYR C 249 5.11 0.36 -41.59
CA TYR C 249 6.53 0.70 -41.59
C TYR C 249 6.83 1.80 -40.59
N GLU C 250 5.90 2.73 -40.41
CA GLU C 250 6.09 3.77 -39.40
C GLU C 250 6.16 3.17 -38.00
N LEU C 251 5.25 2.26 -37.68
CA LEU C 251 5.29 1.60 -36.38
C LEU C 251 6.57 0.80 -36.19
N LEU C 252 7.04 0.12 -37.24
CA LEU C 252 8.30 -0.61 -37.11
C LEU C 252 9.44 0.34 -36.79
N LYS C 253 9.55 1.44 -37.55
CA LYS C 253 10.63 2.40 -37.28
C LYS C 253 10.54 2.97 -35.87
N LEU C 254 9.33 3.28 -35.42
CA LEU C 254 9.15 3.85 -34.09
C LEU C 254 9.54 2.85 -33.01
N LEU C 255 8.92 1.66 -33.02
CA LEU C 255 9.16 0.68 -31.97
C LEU C 255 10.62 0.23 -31.94
N LEU C 256 11.25 0.10 -33.12
CA LEU C 256 12.65 -0.30 -33.12
C LEU C 256 13.56 0.84 -32.70
N SER C 257 13.12 2.10 -32.87
CA SER C 257 13.92 3.21 -32.37
C SER C 257 13.93 3.23 -30.85
N ASN C 258 12.84 2.83 -30.21
CA ASN C 258 12.75 2.80 -28.76
C ASN C 258 13.71 1.77 -28.19
N PRO C 259 14.62 2.16 -27.29
CA PRO C 259 15.68 1.22 -26.87
C PRO C 259 15.18 -0.01 -26.13
N GLU C 260 14.23 0.16 -25.20
CA GLU C 260 13.82 -0.97 -24.37
C GLU C 260 13.05 -2.01 -25.17
N ILE C 261 12.33 -1.58 -26.22
CA ILE C 261 11.68 -2.54 -27.11
C ILE C 261 12.73 -3.35 -27.85
N PHE C 262 13.83 -2.71 -28.25
CA PHE C 262 14.91 -3.43 -28.91
C PHE C 262 15.56 -4.42 -27.95
N LYS C 263 15.70 -4.03 -26.69
CA LYS C 263 16.22 -4.97 -25.68
C LYS C 263 15.32 -6.19 -25.54
N ILE C 264 14.01 -5.96 -25.42
CA ILE C 264 13.07 -7.08 -25.30
C ILE C 264 13.13 -7.97 -26.53
N LEU C 265 13.27 -7.36 -27.70
CA LEU C 265 13.36 -8.15 -28.92
C LEU C 265 14.63 -9.00 -28.95
N LEU C 266 15.75 -8.46 -28.47
CA LEU C 266 16.96 -9.28 -28.38
C LEU C 266 16.77 -10.43 -27.41
N GLU C 267 16.17 -10.15 -26.25
CA GLU C 267 15.98 -11.21 -25.25
C GLU C 267 15.08 -12.31 -25.79
N TRP C 268 14.08 -11.96 -26.60
CA TRP C 268 13.20 -13.00 -27.15
C TRP C 268 13.76 -13.65 -28.42
N VAL C 269 14.72 -13.03 -29.10
CA VAL C 269 15.37 -13.69 -30.22
C VAL C 269 16.49 -14.63 -29.76
N GLU C 270 17.08 -14.38 -28.60
CA GLU C 270 18.14 -15.26 -28.10
C GLU C 270 17.61 -16.66 -27.82
N ILE C 271 16.46 -16.75 -27.15
CA ILE C 271 16.01 -17.99 -26.51
C ILE C 271 15.31 -18.89 -27.52
N ASN C 272 15.45 -18.56 -28.81
CA ASN C 272 14.90 -19.33 -29.92
C ASN C 272 13.38 -19.23 -30.01
N LYS C 273 12.83 -18.09 -29.63
CA LYS C 273 11.40 -17.79 -29.84
C LYS C 273 11.22 -16.83 -31.01
N GLU C 274 12.03 -17.07 -32.05
CA GLU C 274 12.06 -16.19 -33.22
C GLU C 274 10.71 -16.17 -33.93
N ASP C 275 10.10 -17.35 -34.13
CA ASP C 275 8.81 -17.38 -34.80
C ASP C 275 7.72 -16.69 -34.00
N VAL C 276 7.88 -16.61 -32.68
CA VAL C 276 6.95 -15.82 -31.88
C VAL C 276 6.99 -14.36 -32.29
N VAL C 277 8.19 -13.81 -32.50
CA VAL C 277 8.31 -12.44 -32.95
C VAL C 277 7.75 -12.29 -34.36
N LYS C 278 7.97 -13.29 -35.22
CA LYS C 278 7.39 -13.22 -36.56
C LYS C 278 5.87 -13.14 -36.51
N LYS C 279 5.23 -14.05 -35.77
CA LYS C 279 3.77 -14.03 -35.67
C LYS C 279 3.28 -12.74 -35.01
N PHE C 280 4.05 -12.20 -34.06
CA PHE C 280 3.63 -10.94 -33.44
C PHE C 280 3.64 -9.80 -34.46
N PHE C 281 4.67 -9.74 -35.31
CA PHE C 281 4.66 -8.71 -36.34
C PHE C 281 3.53 -8.92 -37.33
N ASP C 282 3.18 -10.18 -37.60
CA ASP C 282 2.01 -10.44 -38.43
C ASP C 282 0.73 -9.93 -37.78
N VAL C 283 0.59 -10.15 -36.48
CA VAL C 283 -0.60 -9.68 -35.77
C VAL C 283 -0.67 -8.16 -35.78
N ILE C 284 0.47 -7.48 -35.65
CA ILE C 284 0.45 -6.02 -35.74
C ILE C 284 0.03 -5.58 -37.14
N LYS C 285 0.55 -6.24 -38.18
CA LYS C 285 0.13 -5.91 -39.53
C LYS C 285 -1.38 -6.08 -39.71
N TRP C 286 -1.92 -7.19 -39.20
CA TRP C 286 -3.37 -7.42 -39.32
C TRP C 286 -4.16 -6.36 -38.57
N ALA C 287 -3.72 -6.01 -37.35
CA ALA C 287 -4.44 -4.99 -36.59
C ALA C 287 -4.44 -3.65 -37.31
N VAL C 288 -3.30 -3.27 -37.87
CA VAL C 288 -3.22 -1.99 -38.57
C VAL C 288 -4.10 -2.01 -39.82
N GLU C 289 -4.03 -3.09 -40.60
CA GLU C 289 -4.80 -3.15 -41.84
C GLU C 289 -6.30 -3.19 -41.57
N GLU C 290 -6.72 -3.97 -40.58
CA GLU C 290 -8.15 -4.04 -40.25
C GLU C 290 -8.62 -2.81 -39.49
N GLY C 291 -7.70 -1.99 -38.99
CA GLY C 291 -8.08 -0.75 -38.32
C GLY C 291 -8.08 0.47 -39.21
N GLY C 292 -8.04 0.31 -40.52
CA GLY C 292 -8.09 1.34 -41.56
C GLY C 292 -7.16 2.49 -41.25
N ASP C 293 -7.53 3.66 -41.76
CA ASP C 293 -6.79 4.90 -41.51
C ASP C 293 -7.44 5.73 -40.41
N ASN C 294 -8.36 5.16 -39.67
CA ASN C 294 -9.04 5.81 -38.56
C ASN C 294 -7.98 6.29 -37.56
N PRO C 295 -7.73 7.59 -37.48
CA PRO C 295 -6.57 8.07 -36.72
C PRO C 295 -6.68 7.83 -35.22
N VAL C 296 -7.89 7.82 -34.67
CA VAL C 296 -8.05 7.56 -33.24
C VAL C 296 -7.57 6.15 -32.90
N PHE C 297 -8.04 5.15 -33.66
CA PHE C 297 -7.62 3.78 -33.40
C PHE C 297 -6.12 3.60 -33.62
N TYR C 298 -5.57 4.24 -34.66
CA TYR C 298 -4.15 4.13 -34.91
C TYR C 298 -3.34 4.73 -33.77
N ARG C 299 -3.77 5.89 -33.25
CA ARG C 299 -3.08 6.49 -32.12
C ARG C 299 -3.17 5.62 -30.89
N LEU C 300 -4.35 5.01 -30.65
CA LEU C 300 -4.49 4.10 -29.52
C LEU C 300 -3.54 2.90 -29.67
N LEU C 301 -3.45 2.34 -30.87
CA LEU C 301 -2.55 1.23 -31.11
C LEU C 301 -1.10 1.62 -30.87
N LYS C 302 -0.73 2.83 -31.28
CA LYS C 302 0.64 3.29 -31.10
C LYS C 302 0.95 3.51 -29.63
N LEU C 303 0.01 4.09 -28.87
CA LEU C 303 0.21 4.26 -27.44
C LEU C 303 0.29 2.91 -26.72
N ILE C 304 -0.56 1.96 -27.12
CA ILE C 304 -0.59 0.66 -26.46
C ILE C 304 0.70 -0.10 -26.72
N LEU C 305 1.19 -0.07 -27.96
CA LEU C 305 2.39 -0.85 -28.29
C LEU C 305 3.68 -0.15 -27.89
N SER C 306 3.66 1.19 -27.75
CA SER C 306 4.88 1.88 -27.35
C SER C 306 5.25 1.58 -25.90
N ASN C 307 4.27 1.23 -25.08
CA ASN C 307 4.54 0.92 -23.68
C ASN C 307 5.15 -0.46 -23.58
N PRO C 308 6.32 -0.63 -22.94
CA PRO C 308 7.01 -1.92 -23.02
C PRO C 308 6.30 -3.06 -22.32
N GLU C 309 5.62 -2.79 -21.20
CA GLU C 309 4.96 -3.87 -20.47
C GLU C 309 3.87 -4.52 -21.30
N ILE C 310 3.06 -3.71 -21.98
CA ILE C 310 2.02 -4.27 -22.85
C ILE C 310 2.65 -5.03 -24.00
N PHE C 311 3.79 -4.57 -24.49
CA PHE C 311 4.51 -5.31 -25.54
C PHE C 311 4.92 -6.69 -25.05
N LYS C 312 5.43 -6.76 -23.82
CA LYS C 312 5.84 -8.05 -23.26
C LYS C 312 4.64 -8.96 -23.04
N ILE C 313 3.53 -8.39 -22.58
CA ILE C 313 2.30 -9.17 -22.39
C ILE C 313 1.84 -9.75 -23.72
N LEU C 314 1.85 -8.94 -24.78
CA LEU C 314 1.45 -9.44 -26.09
C LEU C 314 2.39 -10.53 -26.58
N LEU C 315 3.70 -10.36 -26.35
CA LEU C 315 4.64 -11.41 -26.73
C LEU C 315 4.33 -12.72 -25.99
N GLU C 316 4.09 -12.63 -24.68
CA GLU C 316 3.79 -13.81 -23.90
C GLU C 316 2.49 -14.47 -24.36
N TRP C 317 1.54 -13.67 -24.84
CA TRP C 317 0.26 -14.26 -25.26
C TRP C 317 0.31 -14.85 -26.66
N VAL C 318 1.12 -14.30 -27.56
CA VAL C 318 1.30 -14.95 -28.85
C VAL C 318 2.23 -16.15 -28.72
N ASP C 319 3.02 -16.19 -27.65
CA ASP C 319 3.95 -17.31 -27.43
C ASP C 319 3.20 -18.63 -27.33
N ILE C 320 2.07 -18.63 -26.62
CA ILE C 320 1.44 -19.89 -26.24
C ILE C 320 0.28 -20.21 -27.18
N ASN C 321 0.34 -19.68 -28.40
CA ASN C 321 -0.53 -19.93 -29.54
C ASN C 321 -1.84 -19.15 -29.47
N ASN C 322 -2.05 -18.29 -28.47
CA ASN C 322 -3.25 -17.48 -28.39
C ASN C 322 -3.14 -16.19 -29.19
N GLU C 323 -2.81 -16.25 -30.47
CA GLU C 323 -2.80 -15.04 -31.29
C GLU C 323 -4.22 -14.53 -31.53
N ASP C 324 -5.18 -15.44 -31.68
CA ASP C 324 -6.54 -15.02 -31.98
C ASP C 324 -7.17 -14.26 -30.82
N VAL C 325 -6.70 -14.49 -29.59
CA VAL C 325 -7.21 -13.70 -28.48
C VAL C 325 -6.78 -12.25 -28.62
N VAL C 326 -5.52 -12.02 -28.99
CA VAL C 326 -5.06 -10.65 -29.21
C VAL C 326 -5.82 -10.03 -30.38
N LYS C 327 -6.07 -10.80 -31.44
CA LYS C 327 -6.82 -10.26 -32.56
C LYS C 327 -8.22 -9.85 -32.14
N LYS C 328 -8.93 -10.73 -31.42
CA LYS C 328 -10.27 -10.39 -30.96
C LYS C 328 -10.28 -9.18 -30.04
N LEU C 329 -9.25 -9.05 -29.18
CA LEU C 329 -9.20 -7.88 -28.31
C LEU C 329 -9.02 -6.59 -29.11
N PHE C 330 -8.11 -6.60 -30.09
CA PHE C 330 -7.97 -5.42 -30.93
C PHE C 330 -9.25 -5.14 -31.71
N SER C 331 -10.01 -6.17 -32.06
CA SER C 331 -11.29 -5.96 -32.73
C SER C 331 -12.29 -5.28 -31.80
N VAL C 332 -12.37 -5.73 -30.54
CA VAL C 332 -13.26 -5.10 -29.59
C VAL C 332 -12.87 -3.64 -29.36
N ILE C 333 -11.57 -3.36 -29.27
CA ILE C 333 -11.13 -1.98 -29.10
C ILE C 333 -11.53 -1.13 -30.30
N LYS C 334 -11.33 -1.66 -31.52
CA LYS C 334 -11.72 -0.91 -32.70
C LYS C 334 -13.22 -0.65 -32.71
N GLN C 335 -14.02 -1.65 -32.33
CA GLN C 335 -15.46 -1.47 -32.28
C GLN C 335 -15.85 -0.38 -31.28
N ALA C 336 -15.23 -0.40 -30.09
CA ALA C 336 -15.54 0.61 -29.09
C ALA C 336 -15.12 2.00 -29.56
N VAL C 337 -14.02 2.09 -30.30
CA VAL C 337 -13.59 3.40 -30.81
C VAL C 337 -14.53 3.90 -31.88
N GLU C 338 -15.02 3.00 -32.74
CA GLU C 338 -15.92 3.42 -33.81
C GLU C 338 -17.22 4.00 -33.28
N ASP C 339 -17.73 3.47 -32.17
CA ASP C 339 -18.93 4.04 -31.56
C ASP C 339 -18.66 5.33 -30.82
N GLY C 340 -17.40 5.61 -30.47
CA GLY C 340 -17.09 6.87 -29.82
C GLY C 340 -17.21 8.07 -30.73
N GLY C 341 -16.93 7.89 -32.01
CA GLY C 341 -17.10 8.99 -32.95
C GLY C 341 -16.09 10.08 -32.69
N ASN C 342 -16.59 11.29 -32.44
CA ASN C 342 -15.77 12.45 -32.13
C ASN C 342 -15.92 12.91 -30.69
N ASN C 343 -16.53 12.10 -29.83
CA ASN C 343 -16.76 12.45 -28.42
C ASN C 343 -15.44 12.22 -27.67
N MET C 344 -14.59 13.24 -27.69
CA MET C 344 -13.21 13.10 -27.22
C MET C 344 -13.11 12.80 -25.74
N VAL C 345 -14.07 13.25 -24.94
CA VAL C 345 -13.99 13.00 -23.50
C VAL C 345 -14.16 11.52 -23.19
N PHE C 346 -14.91 10.80 -24.02
CA PHE C 346 -15.04 9.36 -23.82
C PHE C 346 -13.79 8.61 -24.28
N ILE C 347 -13.29 8.96 -25.47
CA ILE C 347 -12.06 8.34 -25.99
C ILE C 347 -10.89 8.56 -25.04
N ASP C 348 -10.89 9.67 -24.31
CA ASP C 348 -9.85 9.85 -23.30
C ASP C 348 -9.90 8.74 -22.25
N LEU C 349 -11.10 8.28 -21.89
CA LEU C 349 -11.19 7.19 -20.92
C LEU C 349 -10.69 5.87 -21.50
N LEU C 350 -10.92 5.62 -22.79
CA LEU C 350 -10.31 4.44 -23.38
C LEU C 350 -8.78 4.53 -23.35
N GLU C 351 -8.24 5.72 -23.64
CA GLU C 351 -6.79 5.88 -23.54
C GLU C 351 -6.30 5.62 -22.13
N LEU C 352 -7.02 6.11 -21.13
CA LEU C 352 -6.59 5.93 -19.74
C LEU C 352 -6.69 4.49 -19.31
N ILE C 353 -7.78 3.80 -19.68
CA ILE C 353 -7.97 2.42 -19.27
C ILE C 353 -6.97 1.51 -19.96
N LEU C 354 -6.90 1.59 -21.30
CA LEU C 354 -6.02 0.69 -22.04
C LEU C 354 -4.55 1.00 -21.84
N SER C 355 -4.21 2.23 -21.45
CA SER C 355 -2.80 2.55 -21.22
C SER C 355 -2.26 1.88 -19.95
N ASN C 356 -3.13 1.44 -19.05
CA ASN C 356 -2.72 0.77 -17.83
C ASN C 356 -2.52 -0.72 -18.11
N PRO C 357 -1.29 -1.23 -18.00
CA PRO C 357 -1.02 -2.60 -18.46
C PRO C 357 -1.80 -3.67 -17.71
N GLU C 358 -2.04 -3.50 -16.41
CA GLU C 358 -2.80 -4.50 -15.66
C GLU C 358 -4.22 -4.63 -16.19
N ILE C 359 -4.86 -3.50 -16.52
CA ILE C 359 -6.20 -3.56 -17.06
C ILE C 359 -6.19 -4.20 -18.44
N PHE C 360 -5.11 -4.05 -19.19
CA PHE C 360 -4.99 -4.73 -20.47
C PHE C 360 -4.83 -6.23 -20.30
N GLU C 361 -4.10 -6.66 -19.27
CA GLU C 361 -4.00 -8.09 -18.98
C GLU C 361 -5.36 -8.65 -18.58
N ILE C 362 -6.11 -7.91 -17.74
CA ILE C 362 -7.44 -8.36 -17.35
C ILE C 362 -8.36 -8.46 -18.56
N LEU C 363 -8.29 -7.48 -19.47
CA LEU C 363 -9.12 -7.55 -20.67
C LEU C 363 -8.75 -8.73 -21.54
N LEU C 364 -7.45 -9.03 -21.67
CA LEU C 364 -7.07 -10.21 -22.45
C LEU C 364 -7.58 -11.49 -21.79
N LEU C 365 -7.51 -11.56 -20.47
CA LEU C 365 -8.06 -12.71 -19.75
C LEU C 365 -9.56 -12.85 -19.99
N TRP C 366 -10.28 -11.72 -19.95
CA TRP C 366 -11.73 -11.76 -20.10
C TRP C 366 -12.16 -12.03 -21.53
N VAL C 367 -11.32 -11.72 -22.52
CA VAL C 367 -11.63 -12.07 -23.90
C VAL C 367 -11.30 -13.53 -24.17
N HIS C 368 -10.27 -14.07 -23.51
CA HIS C 368 -9.87 -15.44 -23.77
C HIS C 368 -10.96 -16.45 -23.43
N ILE C 369 -11.74 -16.18 -22.38
CA ILE C 369 -12.75 -17.13 -21.93
C ILE C 369 -14.06 -16.94 -22.69
N ASN C 370 -14.03 -16.14 -23.75
CA ASN C 370 -15.17 -15.90 -24.64
C ASN C 370 -16.28 -15.10 -23.98
N ARG C 371 -15.93 -14.25 -23.00
CA ARG C 371 -16.86 -13.32 -22.39
C ARG C 371 -16.87 -11.96 -23.07
N GLU C 372 -16.53 -11.91 -24.36
CA GLU C 372 -16.25 -10.62 -25.01
C GLU C 372 -17.43 -9.66 -24.92
N ASP C 373 -18.66 -10.18 -24.92
CA ASP C 373 -19.80 -9.28 -24.84
C ASP C 373 -19.89 -8.59 -23.49
N VAL C 374 -19.31 -9.19 -22.44
CA VAL C 374 -19.21 -8.49 -21.16
C VAL C 374 -18.38 -7.23 -21.31
N VAL C 375 -17.21 -7.34 -21.92
CA VAL C 375 -16.37 -6.16 -22.17
C VAL C 375 -17.10 -5.17 -23.06
N LYS C 376 -17.80 -5.67 -24.08
CA LYS C 376 -18.53 -4.78 -24.98
C LYS C 376 -19.57 -3.96 -24.23
N LYS C 377 -20.44 -4.63 -23.47
CA LYS C 377 -21.46 -3.91 -22.72
C LYS C 377 -20.87 -3.04 -21.64
N LEU C 378 -19.71 -3.40 -21.08
CA LEU C 378 -19.08 -2.51 -20.11
C LEU C 378 -18.61 -1.22 -20.76
N PHE C 379 -18.01 -1.31 -21.96
CA PHE C 379 -17.64 -0.11 -22.67
C PHE C 379 -18.87 0.72 -23.03
N ASP C 380 -19.96 0.05 -23.40
CA ASP C 380 -21.18 0.79 -23.72
C ASP C 380 -21.74 1.49 -22.49
N VAL C 381 -21.69 0.85 -21.32
CA VAL C 381 -22.16 1.49 -20.10
C VAL C 381 -21.26 2.67 -19.72
N ILE C 382 -19.96 2.54 -19.92
CA ILE C 382 -19.06 3.68 -19.70
C ILE C 382 -19.44 4.83 -20.61
N LYS C 383 -19.79 4.53 -21.87
CA LYS C 383 -20.20 5.60 -22.78
C LYS C 383 -21.53 6.21 -22.34
N TRP C 384 -22.49 5.38 -21.94
CA TRP C 384 -23.79 5.87 -21.51
C TRP C 384 -23.73 6.58 -20.16
N ALA C 385 -22.59 6.51 -19.47
CA ALA C 385 -22.38 7.33 -18.28
C ALA C 385 -21.60 8.61 -18.58
N VAL C 386 -20.58 8.54 -19.44
CA VAL C 386 -19.83 9.75 -19.80
C VAL C 386 -20.70 10.71 -20.58
N GLU C 387 -21.51 10.20 -21.51
CA GLU C 387 -22.42 11.06 -22.24
C GLU C 387 -23.45 11.71 -21.32
N ASP C 388 -23.74 11.09 -20.17
CA ASP C 388 -24.67 11.66 -19.21
C ASP C 388 -23.98 12.58 -18.21
N GLY C 389 -22.65 12.52 -18.11
CA GLY C 389 -21.94 13.48 -17.29
C GLY C 389 -22.11 14.90 -17.81
N GLY C 390 -22.20 15.07 -19.13
CA GLY C 390 -22.40 16.39 -19.71
C GLY C 390 -21.29 17.34 -19.34
N ASN C 391 -21.66 18.60 -19.10
CA ASN C 391 -20.71 19.59 -18.62
C ASN C 391 -20.77 19.64 -17.10
N ASN C 392 -20.04 18.74 -16.46
CA ASN C 392 -19.83 18.79 -15.02
C ASN C 392 -18.51 18.08 -14.77
N MET C 393 -17.43 18.86 -14.64
CA MET C 393 -16.10 18.29 -14.80
C MET C 393 -15.64 17.54 -13.56
N VAL C 394 -16.17 17.87 -12.39
CA VAL C 394 -15.74 17.14 -11.20
C VAL C 394 -16.23 15.69 -11.27
N PHE C 395 -17.37 15.45 -11.92
CA PHE C 395 -17.84 14.08 -12.10
C PHE C 395 -16.90 13.28 -12.98
N ILE C 396 -16.50 13.85 -14.13
CA ILE C 396 -15.59 13.15 -15.02
C ILE C 396 -14.22 12.97 -14.37
N HIS C 397 -13.82 13.90 -13.51
CA HIS C 397 -12.57 13.74 -12.79
C HIS C 397 -12.64 12.58 -11.80
N LEU C 398 -13.74 12.49 -11.05
CA LEU C 398 -13.96 11.33 -10.19
C LEU C 398 -13.97 10.05 -11.01
N LEU C 399 -14.52 10.09 -12.22
CA LEU C 399 -14.61 8.88 -13.03
C LEU C 399 -13.23 8.47 -13.55
N ARG C 400 -12.40 9.44 -13.93
CA ARG C 400 -11.01 9.13 -14.27
C ARG C 400 -10.30 8.49 -13.10
N LYS C 401 -10.51 9.02 -11.89
CA LYS C 401 -9.89 8.41 -10.71
C LYS C 401 -10.40 7.00 -10.50
N LEU C 402 -11.71 6.79 -10.67
CA LEU C 402 -12.33 5.51 -10.34
C LEU C 402 -11.92 4.41 -11.30
N LEU C 403 -11.97 4.68 -12.60
CA LEU C 403 -11.76 3.61 -13.57
C LEU C 403 -10.30 3.25 -13.78
N SER C 404 -9.36 4.10 -13.36
CA SER C 404 -7.95 3.74 -13.49
C SER C 404 -7.58 2.61 -12.55
N ASN C 405 -8.24 2.50 -11.41
CA ASN C 405 -7.94 1.45 -10.45
C ASN C 405 -8.27 0.08 -11.06
N PRO C 406 -7.37 -0.90 -10.95
CA PRO C 406 -7.61 -2.19 -11.62
C PRO C 406 -8.70 -3.03 -10.95
N GLU C 407 -8.76 -2.99 -9.62
CA GLU C 407 -9.70 -3.84 -8.90
C GLU C 407 -11.13 -3.33 -9.05
N ILE C 408 -11.31 -2.01 -9.16
CA ILE C 408 -12.64 -1.47 -9.43
C ILE C 408 -13.11 -1.90 -10.81
N PHE C 409 -12.22 -1.87 -11.79
CA PHE C 409 -12.60 -2.33 -13.13
C PHE C 409 -12.94 -3.81 -13.13
N GLU C 410 -12.17 -4.60 -12.39
CA GLU C 410 -12.50 -6.02 -12.26
C GLU C 410 -13.89 -6.22 -11.66
N ILE C 411 -14.18 -5.49 -10.58
CA ILE C 411 -15.49 -5.63 -9.94
C ILE C 411 -16.61 -5.21 -10.88
N LEU C 412 -16.38 -4.16 -11.66
CA LEU C 412 -17.40 -3.72 -12.62
C LEU C 412 -17.63 -4.80 -13.69
N LEU C 413 -16.56 -5.39 -14.21
CA LEU C 413 -16.74 -6.47 -15.17
C LEU C 413 -17.47 -7.64 -14.55
N LEU C 414 -17.21 -7.91 -13.26
CA LEU C 414 -17.90 -9.00 -12.58
C LEU C 414 -19.39 -8.72 -12.47
N TRP C 415 -19.76 -7.48 -12.13
CA TRP C 415 -21.18 -7.13 -12.04
C TRP C 415 -21.85 -7.08 -13.40
N VAL C 416 -21.10 -6.83 -14.46
CA VAL C 416 -21.70 -6.90 -15.79
C VAL C 416 -21.86 -8.36 -16.22
N ASP C 417 -21.00 -9.25 -15.72
CA ASP C 417 -21.05 -10.65 -16.13
C ASP C 417 -22.34 -11.33 -15.68
N ILE C 418 -22.74 -11.13 -14.42
CA ILE C 418 -23.78 -11.95 -13.82
C ILE C 418 -25.15 -11.42 -14.18
N GLY C 419 -25.21 -10.48 -15.13
CA GLY C 419 -26.48 -10.00 -15.65
C GLY C 419 -27.07 -8.82 -14.93
N ARG C 420 -26.33 -8.16 -14.04
CA ARG C 420 -26.85 -7.02 -13.30
C ARG C 420 -26.48 -5.69 -13.93
N GLU C 421 -26.40 -5.65 -15.27
CA GLU C 421 -25.97 -4.46 -15.99
C GLU C 421 -26.69 -3.21 -15.50
N GLU C 422 -28.02 -3.28 -15.41
CA GLU C 422 -28.80 -2.11 -15.03
C GLU C 422 -28.33 -1.51 -13.72
N VAL C 423 -27.98 -2.36 -12.74
CA VAL C 423 -27.55 -1.84 -11.46
C VAL C 423 -26.31 -0.98 -11.63
N VAL C 424 -25.35 -1.44 -12.44
CA VAL C 424 -24.16 -0.64 -12.69
C VAL C 424 -24.56 0.72 -13.25
N LYS C 425 -25.48 0.73 -14.21
CA LYS C 425 -25.99 1.99 -14.73
C LYS C 425 -26.52 2.85 -13.59
N LYS C 426 -27.41 2.28 -12.78
CA LYS C 426 -28.02 3.03 -11.70
C LYS C 426 -26.97 3.55 -10.73
N PHE C 427 -25.83 2.87 -10.63
CA PHE C 427 -24.77 3.39 -9.77
C PHE C 427 -24.22 4.70 -10.32
N PHE C 428 -23.84 4.71 -11.61
CA PHE C 428 -23.10 5.87 -12.11
C PHE C 428 -23.93 7.13 -12.01
N GLU C 429 -25.18 7.09 -12.47
CA GLU C 429 -26.03 8.26 -12.34
C GLU C 429 -26.24 8.64 -10.88
N LYS C 430 -26.28 7.65 -9.98
CA LYS C 430 -26.37 7.97 -8.55
C LYS C 430 -25.18 8.81 -8.13
N VAL C 431 -23.98 8.46 -8.59
CA VAL C 431 -22.81 9.28 -8.29
C VAL C 431 -23.03 10.70 -8.77
N LEU C 432 -23.58 10.84 -9.99
CA LEU C 432 -23.89 12.16 -10.51
C LEU C 432 -24.73 12.94 -9.50
N GLU C 433 -25.74 12.30 -8.92
CA GLU C 433 -26.58 12.99 -7.95
C GLU C 433 -25.74 13.49 -6.78
N ALA C 434 -24.88 12.63 -6.24
CA ALA C 434 -24.04 13.04 -5.11
C ALA C 434 -23.14 14.20 -5.50
N VAL C 435 -22.76 14.28 -6.78
CA VAL C 435 -22.02 15.45 -7.25
C VAL C 435 -22.94 16.66 -7.34
N LYS C 436 -24.11 16.48 -7.97
CA LYS C 436 -24.99 17.63 -8.16
C LYS C 436 -25.51 18.15 -6.83
N GLU C 437 -25.74 17.26 -5.87
CA GLU C 437 -26.07 17.69 -4.52
C GLU C 437 -24.88 18.37 -3.86
N GLY C 438 -23.68 17.83 -4.10
CA GLY C 438 -22.49 18.41 -3.49
C GLY C 438 -22.26 19.85 -3.90
N GLY C 439 -22.38 20.13 -5.19
CA GLY C 439 -22.26 21.50 -5.68
C GLY C 439 -20.80 21.90 -5.80
N ASN C 440 -20.42 22.96 -5.07
CA ASN C 440 -19.07 23.50 -5.11
C ASN C 440 -18.36 23.40 -3.78
N ASP C 441 -18.90 22.66 -2.81
CA ASP C 441 -18.32 22.56 -1.48
C ASP C 441 -17.34 21.40 -1.50
N MET C 442 -16.05 21.73 -1.65
CA MET C 442 -15.06 20.71 -1.97
C MET C 442 -14.81 19.72 -0.83
N ILE C 443 -15.22 20.02 0.39
CA ILE C 443 -15.01 19.04 1.47
C ILE C 443 -15.95 17.85 1.28
N GLU C 444 -17.20 18.11 0.86
CA GLU C 444 -18.12 17.01 0.58
C GLU C 444 -17.65 16.18 -0.60
N ILE C 445 -17.15 16.84 -1.65
CA ILE C 445 -16.62 16.11 -2.80
C ILE C 445 -15.40 15.29 -2.39
N LYS C 446 -14.56 15.84 -1.51
CA LYS C 446 -13.41 15.08 -1.01
C LYS C 446 -13.85 13.84 -0.26
N LYS C 447 -14.86 13.98 0.61
CA LYS C 447 -15.36 12.83 1.35
C LYS C 447 -15.95 11.79 0.40
N LEU C 448 -16.75 12.23 -0.57
CA LEU C 448 -17.31 11.31 -1.55
C LEU C 448 -16.21 10.60 -2.32
N GLU C 449 -15.12 11.31 -2.64
CA GLU C 449 -14.01 10.70 -3.34
C GLU C 449 -13.32 9.64 -2.48
N GLU C 450 -13.16 9.92 -1.19
CA GLU C 450 -12.56 8.92 -0.30
C GLU C 450 -13.48 7.72 -0.12
N ILE C 451 -14.79 7.91 -0.24
CA ILE C 451 -15.71 6.78 -0.12
C ILE C 451 -15.74 5.96 -1.41
N LEU C 452 -15.58 6.60 -2.56
CA LEU C 452 -15.68 5.88 -3.83
C LEU C 452 -14.42 5.09 -4.15
N LEU C 453 -13.26 5.66 -3.86
CA LEU C 453 -12.01 5.23 -4.51
C LEU C 453 -11.47 3.90 -4.01
N ASP C 454 -11.95 3.38 -2.87
CA ASP C 454 -11.39 2.15 -2.34
C ASP C 454 -12.29 0.97 -2.66
N PRO C 455 -11.73 -0.19 -3.00
CA PRO C 455 -12.56 -1.28 -3.56
C PRO C 455 -13.63 -1.80 -2.62
N GLU C 456 -13.34 -1.95 -1.33
CA GLU C 456 -14.28 -2.59 -0.42
C GLU C 456 -15.54 -1.76 -0.24
N LYS C 457 -15.38 -0.46 0.03
CA LYS C 457 -16.53 0.42 0.12
C LYS C 457 -17.29 0.48 -1.19
N PHE C 458 -16.57 0.35 -2.32
CA PHE C 458 -17.23 0.35 -3.63
C PHE C 458 -18.15 -0.85 -3.77
N GLU C 459 -17.64 -2.05 -3.43
CA GLU C 459 -18.47 -3.25 -3.51
C GLU C 459 -19.61 -3.20 -2.50
N GLU C 460 -19.40 -2.55 -1.37
CA GLU C 460 -20.49 -2.34 -0.43
C GLU C 460 -21.57 -1.44 -1.02
N LEU C 461 -21.16 -0.32 -1.63
CA LEU C 461 -22.11 0.62 -2.20
C LEU C 461 -22.89 -0.01 -3.35
N LEU C 462 -22.23 -0.83 -4.18
CA LEU C 462 -22.93 -1.51 -5.25
C LEU C 462 -24.01 -2.44 -4.73
N LEU C 463 -23.93 -2.88 -3.48
CA LEU C 463 -24.93 -3.79 -2.92
C LEU C 463 -26.16 -3.07 -2.41
N GLU C 464 -26.06 -1.79 -2.10
CA GLU C 464 -27.19 -1.02 -1.58
C GLU C 464 -28.07 -0.44 -2.67
N VAL C 465 -27.58 -0.32 -3.89
CA VAL C 465 -28.36 0.18 -5.00
C VAL C 465 -29.18 -0.94 -5.62
N MET D 1 7.67 -18.30 -21.17
CA MET D 1 8.36 -17.21 -20.48
C MET D 1 7.48 -16.62 -19.38
N VAL D 2 6.27 -17.19 -19.23
CA VAL D 2 5.38 -16.79 -18.16
C VAL D 2 6.05 -16.95 -16.81
N TYR D 3 6.80 -18.05 -16.66
CA TYR D 3 7.54 -18.30 -15.42
C TYR D 3 8.46 -17.14 -15.07
N GLU D 4 9.08 -16.52 -16.07
CA GLU D 4 9.94 -15.37 -15.81
C GLU D 4 9.13 -14.18 -15.33
N ARG D 5 7.93 -13.99 -15.89
CA ARG D 5 7.07 -12.92 -15.42
C ARG D 5 6.68 -13.13 -13.95
N LEU D 6 6.36 -14.37 -13.59
CA LEU D 6 6.06 -14.66 -12.19
C LEU D 6 7.26 -14.39 -11.29
N LYS D 7 8.45 -14.84 -11.69
CA LYS D 7 9.63 -14.60 -10.88
C LYS D 7 9.88 -13.10 -10.69
N GLU D 8 9.76 -12.33 -11.77
CA GLU D 8 10.01 -10.90 -11.67
C GLU D 8 8.97 -10.22 -10.78
N LEU D 9 7.69 -10.57 -10.94
CA LEU D 9 6.66 -9.96 -10.12
C LEU D 9 6.80 -10.35 -8.65
N ILE D 10 7.22 -11.59 -8.39
CA ILE D 10 7.41 -12.04 -7.01
C ILE D 10 8.58 -11.31 -6.37
N GLU D 11 9.73 -11.28 -7.04
CA GLU D 11 10.90 -10.62 -6.48
C GLU D 11 10.79 -9.10 -6.47
N GLU D 12 9.80 -8.53 -7.17
CA GLU D 12 9.61 -7.08 -7.10
C GLU D 12 9.06 -6.66 -5.74
N ASN D 13 8.33 -7.54 -5.07
CA ASN D 13 7.80 -7.23 -3.75
C ASN D 13 8.94 -7.09 -2.74
N PRO D 14 9.05 -5.97 -2.02
CA PRO D 14 10.17 -5.82 -1.09
C PRO D 14 10.19 -6.84 0.04
N GLU D 15 9.04 -7.14 0.63
CA GLU D 15 9.01 -8.11 1.73
C GLU D 15 9.49 -9.48 1.28
N ILE D 16 8.99 -9.95 0.12
CA ILE D 16 9.43 -11.23 -0.41
C ILE D 16 10.92 -11.20 -0.70
N GLN D 17 11.42 -10.06 -1.20
CA GLN D 17 12.85 -9.94 -1.46
C GLN D 17 13.66 -10.07 -0.17
N GLU D 18 13.17 -9.48 0.92
CA GLU D 18 13.87 -9.58 2.18
C GLU D 18 13.83 -10.99 2.74
N ILE D 19 12.69 -11.68 2.58
CA ILE D 19 12.61 -13.08 3.01
C ILE D 19 13.60 -13.93 2.25
N LEU D 20 13.66 -13.75 0.93
CA LEU D 20 14.61 -14.51 0.12
C LEU D 20 16.04 -14.21 0.53
N GLU D 21 16.37 -12.94 0.77
CA GLU D 21 17.72 -12.59 1.19
C GLU D 21 18.07 -13.22 2.54
N LEU D 22 17.14 -13.15 3.49
CA LEU D 22 17.37 -13.74 4.80
C LEU D 22 17.61 -15.24 4.69
N TRP D 23 16.79 -15.93 3.90
CA TRP D 23 16.99 -17.37 3.71
C TRP D 23 18.23 -17.68 2.90
N LYS D 24 18.75 -16.71 2.14
CA LYS D 24 20.07 -16.86 1.55
C LYS D 24 21.16 -16.79 2.62
N PHE D 25 20.97 -15.98 3.65
CA PHE D 25 22.00 -15.82 4.67
C PHE D 25 22.20 -17.10 5.49
N ILE D 26 21.11 -17.74 5.90
CA ILE D 26 21.18 -18.75 6.96
C ILE D 26 21.64 -20.08 6.40
N GLY D 27 22.01 -20.10 5.13
CA GLY D 27 22.45 -21.35 4.50
C GLY D 27 21.31 -22.28 4.13
N ARG D 28 20.21 -21.74 3.64
CA ARG D 28 19.06 -22.52 3.19
C ARG D 28 18.76 -22.23 1.73
N GLU D 29 19.82 -22.04 0.93
CA GLU D 29 19.65 -21.64 -0.46
C GLU D 29 18.88 -22.69 -1.27
N ASP D 30 19.16 -23.97 -1.02
CA ASP D 30 18.47 -25.01 -1.77
C ASP D 30 16.98 -25.03 -1.48
N VAL D 31 16.55 -24.50 -0.34
CA VAL D 31 15.12 -24.40 -0.08
C VAL D 31 14.48 -23.37 -1.01
N VAL D 32 15.16 -22.24 -1.23
CA VAL D 32 14.64 -21.24 -2.17
C VAL D 32 14.63 -21.81 -3.59
N GLU D 33 15.69 -22.52 -3.96
CA GLU D 33 15.70 -23.10 -5.31
C GLU D 33 14.62 -24.17 -5.48
N LYS D 34 14.40 -24.99 -4.45
CA LYS D 34 13.32 -25.97 -4.52
C LYS D 34 11.96 -25.30 -4.63
N LEU D 35 11.75 -24.20 -3.90
CA LEU D 35 10.49 -23.49 -4.02
C LEU D 35 10.30 -22.95 -5.43
N PHE D 36 11.34 -22.39 -6.03
CA PHE D 36 11.21 -21.89 -7.40
C PHE D 36 10.99 -23.03 -8.39
N GLU D 37 11.55 -24.21 -8.11
CA GLU D 37 11.27 -25.36 -8.98
C GLU D 37 9.82 -25.80 -8.85
N VAL D 38 9.28 -25.79 -7.62
CA VAL D 38 7.86 -26.10 -7.43
C VAL D 38 6.99 -25.08 -8.17
N ILE D 39 7.39 -23.81 -8.13
CA ILE D 39 6.64 -22.79 -8.85
C ILE D 39 6.63 -23.08 -10.35
N LYS D 40 7.81 -23.36 -10.91
CA LYS D 40 7.90 -23.69 -12.33
C LYS D 40 7.04 -24.89 -12.67
N TRP D 41 7.10 -25.93 -11.84
CA TRP D 41 6.36 -27.16 -12.14
C TRP D 41 4.87 -26.93 -12.07
N ALA D 42 4.41 -26.15 -11.08
CA ALA D 42 2.97 -25.85 -10.99
C ALA D 42 2.51 -25.00 -12.17
N VAL D 43 3.34 -24.06 -12.61
CA VAL D 43 2.98 -23.23 -13.76
C VAL D 43 2.83 -24.10 -15.00
N GLU D 44 3.83 -24.94 -15.28
CA GLU D 44 3.74 -25.79 -16.46
C GLU D 44 2.73 -26.93 -16.31
N GLU D 45 2.31 -27.23 -15.09
CA GLU D 45 1.21 -28.16 -14.87
C GLU D 45 -0.14 -27.49 -15.07
N GLY D 46 -0.22 -26.16 -14.95
CA GLY D 46 -1.46 -25.48 -15.23
C GLY D 46 -1.81 -25.41 -16.70
N GLY D 47 -0.80 -25.35 -17.58
CA GLY D 47 -1.01 -25.43 -18.99
C GLY D 47 -1.51 -24.16 -19.64
N ASN D 48 -2.53 -24.27 -20.49
CA ASN D 48 -3.14 -23.13 -21.15
C ASN D 48 -4.27 -22.51 -20.35
N ASN D 49 -4.43 -22.91 -19.09
CA ASN D 49 -5.45 -22.31 -18.22
C ASN D 49 -4.85 -21.04 -17.64
N MET D 50 -5.02 -19.93 -18.36
CA MET D 50 -4.46 -18.66 -17.91
C MET D 50 -5.13 -18.16 -16.64
N VAL D 51 -6.35 -18.63 -16.36
CA VAL D 51 -6.98 -18.29 -15.09
C VAL D 51 -6.18 -18.87 -13.92
N PHE D 52 -5.66 -20.08 -14.09
CA PHE D 52 -4.82 -20.67 -13.04
C PHE D 52 -3.51 -19.92 -12.90
N ILE D 53 -2.95 -19.43 -14.01
CA ILE D 53 -1.73 -18.63 -13.94
C ILE D 53 -2.02 -17.31 -13.23
N SER D 54 -3.20 -16.74 -13.45
CA SER D 54 -3.56 -15.53 -12.71
C SER D 54 -3.70 -15.82 -11.22
N LEU D 55 -4.28 -16.97 -10.87
CA LEU D 55 -4.37 -17.36 -9.47
C LEU D 55 -2.98 -17.51 -8.85
N LEU D 56 -2.04 -18.09 -9.57
CA LEU D 56 -0.69 -18.20 -9.03
C LEU D 56 -0.01 -16.84 -8.93
N LYS D 57 -0.29 -15.93 -9.87
CA LYS D 57 0.27 -14.60 -9.77
C LYS D 57 -0.29 -13.85 -8.57
N GLU D 58 -1.53 -14.14 -8.18
CA GLU D 58 -2.11 -13.49 -7.01
C GLU D 58 -1.63 -14.13 -5.71
N ILE D 59 -1.75 -15.45 -5.62
CA ILE D 59 -1.44 -16.17 -4.37
C ILE D 59 0.04 -16.01 -4.02
N LEU D 60 0.91 -16.10 -5.02
CA LEU D 60 2.35 -16.05 -4.73
C LEU D 60 2.85 -14.63 -4.53
N SER D 61 2.09 -13.62 -4.96
CA SER D 61 2.51 -12.24 -4.72
C SER D 61 2.36 -11.87 -3.25
N ASN D 62 1.39 -12.47 -2.57
CA ASN D 62 1.17 -12.17 -1.16
C ASN D 62 2.38 -12.60 -0.34
N PRO D 63 2.94 -11.72 0.49
CA PRO D 63 4.17 -12.08 1.21
C PRO D 63 3.99 -13.18 2.23
N GLU D 64 2.88 -13.19 2.97
CA GLU D 64 2.69 -14.20 4.00
C GLU D 64 2.51 -15.59 3.40
N ILE D 65 1.78 -15.68 2.28
CA ILE D 65 1.62 -16.96 1.60
C ILE D 65 2.96 -17.48 1.12
N PHE D 66 3.79 -16.58 0.56
CA PHE D 66 5.12 -16.98 0.13
C PHE D 66 5.96 -17.46 1.31
N GLU D 67 5.88 -16.76 2.44
CA GLU D 67 6.62 -17.18 3.62
C GLU D 67 6.20 -18.57 4.08
N ILE D 68 4.89 -18.81 4.15
CA ILE D 68 4.40 -20.12 4.56
C ILE D 68 4.85 -21.21 3.60
N LEU D 69 4.75 -20.94 2.29
CA LEU D 69 5.20 -21.92 1.31
C LEU D 69 6.68 -22.22 1.46
N LEU D 70 7.50 -21.19 1.68
CA LEU D 70 8.93 -21.40 1.86
C LEU D 70 9.20 -22.26 3.09
N LYS D 71 8.56 -21.95 4.21
CA LYS D 71 8.78 -22.73 5.41
C LYS D 71 8.28 -24.16 5.26
N TRP D 72 7.25 -24.39 4.46
CA TRP D 72 6.79 -25.76 4.22
C TRP D 72 7.69 -26.50 3.24
N VAL D 73 8.39 -25.78 2.37
CA VAL D 73 9.39 -26.42 1.53
C VAL D 73 10.66 -26.73 2.34
N ASP D 74 10.89 -25.97 3.42
CA ASP D 74 12.07 -26.18 4.25
C ASP D 74 12.13 -27.60 4.80
N ILE D 75 11.11 -28.02 5.53
CA ILE D 75 11.22 -29.17 6.41
C ILE D 75 10.87 -30.45 5.66
N GLY D 76 10.86 -30.39 4.33
CA GLY D 76 10.67 -31.57 3.52
C GLY D 76 9.25 -31.89 3.15
N ARG D 77 8.36 -30.89 3.12
CA ARG D 77 6.97 -31.08 2.71
C ARG D 77 6.70 -30.50 1.33
N GLU D 78 7.67 -30.66 0.41
CA GLU D 78 7.48 -30.23 -0.97
C GLU D 78 6.26 -30.87 -1.60
N ASP D 79 6.13 -32.20 -1.45
CA ASP D 79 5.00 -32.90 -2.05
C ASP D 79 3.66 -32.39 -1.54
N VAL D 80 3.60 -31.84 -0.33
CA VAL D 80 2.34 -31.31 0.16
C VAL D 80 1.94 -30.07 -0.63
N VAL D 81 2.89 -29.17 -0.88
CA VAL D 81 2.61 -27.99 -1.68
C VAL D 81 2.26 -28.38 -3.12
N LYS D 82 2.99 -29.34 -3.68
CA LYS D 82 2.67 -29.81 -5.03
C LYS D 82 1.24 -30.33 -5.09
N LYS D 83 0.85 -31.16 -4.12
CA LYS D 83 -0.50 -31.71 -4.12
C LYS D 83 -1.54 -30.61 -3.97
N LEU D 84 -1.27 -29.61 -3.12
CA LEU D 84 -2.24 -28.54 -2.95
C LEU D 84 -2.42 -27.74 -4.24
N PHE D 85 -1.32 -27.44 -4.93
CA PHE D 85 -1.45 -26.71 -6.20
C PHE D 85 -2.15 -27.56 -7.25
N SER D 86 -1.90 -28.86 -7.27
CA SER D 86 -2.62 -29.73 -8.19
C SER D 86 -4.11 -29.72 -7.90
N VAL D 87 -4.49 -29.77 -6.62
CA VAL D 87 -5.91 -29.77 -6.27
C VAL D 87 -6.56 -28.44 -6.62
N ILE D 88 -5.84 -27.32 -6.45
CA ILE D 88 -6.39 -26.04 -6.89
C ILE D 88 -6.58 -26.01 -8.40
N LYS D 89 -5.60 -26.57 -9.14
CA LYS D 89 -5.75 -26.65 -10.60
C LYS D 89 -6.98 -27.48 -10.98
N GLN D 90 -7.19 -28.60 -10.28
CA GLN D 90 -8.35 -29.43 -10.60
C GLN D 90 -9.66 -28.71 -10.27
N ALA D 91 -9.69 -27.96 -9.17
CA ALA D 91 -10.90 -27.24 -8.80
C ALA D 91 -11.17 -26.09 -9.76
N VAL D 92 -10.13 -25.50 -10.34
CA VAL D 92 -10.35 -24.45 -11.33
C VAL D 92 -10.81 -25.06 -12.66
N GLU D 93 -10.25 -26.21 -13.03
CA GLU D 93 -10.62 -26.84 -14.30
C GLU D 93 -12.07 -27.34 -14.26
N ASP D 94 -12.41 -28.11 -13.22
CA ASP D 94 -13.79 -28.57 -13.07
C ASP D 94 -14.73 -27.42 -12.77
N GLY D 95 -14.23 -26.35 -12.16
CA GLY D 95 -15.06 -25.18 -11.88
C GLY D 95 -15.59 -24.49 -13.11
N GLY D 96 -15.10 -24.85 -14.29
CA GLY D 96 -15.57 -24.22 -15.52
C GLY D 96 -15.08 -22.80 -15.62
N ASN D 97 -15.96 -21.93 -16.13
CA ASN D 97 -15.61 -20.53 -16.36
C ASN D 97 -16.56 -19.58 -15.66
N ASN D 98 -17.11 -19.99 -14.51
CA ASN D 98 -17.95 -19.12 -13.70
C ASN D 98 -17.03 -18.15 -12.98
N MET D 99 -16.96 -16.91 -13.46
CA MET D 99 -15.97 -15.97 -12.95
C MET D 99 -16.22 -15.61 -11.50
N VAL D 100 -17.47 -15.66 -11.04
CA VAL D 100 -17.74 -15.35 -9.64
C VAL D 100 -17.19 -16.43 -8.72
N PHE D 101 -17.24 -17.69 -9.14
CA PHE D 101 -16.68 -18.76 -8.34
C PHE D 101 -15.16 -18.66 -8.26
N LEU D 102 -14.52 -18.30 -9.38
CA LEU D 102 -13.08 -18.08 -9.35
C LEU D 102 -12.71 -16.85 -8.55
N SER D 103 -13.59 -15.84 -8.48
CA SER D 103 -13.36 -14.73 -7.57
C SER D 103 -13.45 -15.19 -6.11
N LEU D 104 -14.40 -16.08 -5.80
CA LEU D 104 -14.45 -16.62 -4.44
C LEU D 104 -13.19 -17.41 -4.11
N LEU D 105 -12.68 -18.19 -5.06
CA LEU D 105 -11.43 -18.91 -4.80
C LEU D 105 -10.27 -17.94 -4.60
N LYS D 106 -10.20 -16.90 -5.43
CA LYS D 106 -9.12 -15.92 -5.30
C LYS D 106 -9.18 -15.21 -3.96
N GLU D 107 -10.38 -14.94 -3.47
CA GLU D 107 -10.54 -14.38 -2.13
C GLU D 107 -10.08 -15.37 -1.08
N LEU D 108 -10.67 -16.57 -1.07
CA LEU D 108 -10.47 -17.50 0.03
C LEU D 108 -9.02 -17.99 0.12
N LEU D 109 -8.31 -18.07 -1.00
CA LEU D 109 -6.92 -18.53 -0.93
C LEU D 109 -5.93 -17.40 -0.65
N SER D 110 -6.34 -16.15 -0.81
CA SER D 110 -5.45 -15.05 -0.46
C SER D 110 -5.32 -14.91 1.05
N ASN D 111 -6.35 -15.29 1.79
CA ASN D 111 -6.31 -15.25 3.25
C ASN D 111 -5.29 -16.27 3.74
N PRO D 112 -4.30 -15.87 4.55
CA PRO D 112 -3.23 -16.81 4.92
C PRO D 112 -3.69 -17.97 5.79
N GLU D 113 -4.64 -17.75 6.70
CA GLU D 113 -5.06 -18.82 7.61
C GLU D 113 -5.77 -19.93 6.85
N ILE D 114 -6.58 -19.58 5.86
CA ILE D 114 -7.24 -20.59 5.04
C ILE D 114 -6.20 -21.42 4.29
N PHE D 115 -5.16 -20.76 3.77
CA PHE D 115 -4.12 -21.48 3.05
C PHE D 115 -3.37 -22.43 3.98
N GLU D 116 -3.09 -21.99 5.21
CA GLU D 116 -2.39 -22.87 6.14
C GLU D 116 -3.25 -24.06 6.54
N ILE D 117 -4.54 -23.84 6.77
CA ILE D 117 -5.42 -24.95 7.11
C ILE D 117 -5.50 -25.94 5.96
N LEU D 118 -5.57 -25.45 4.71
CA LEU D 118 -5.60 -26.36 3.58
C LEU D 118 -4.30 -27.13 3.43
N LEU D 119 -3.17 -26.47 3.66
CA LEU D 119 -1.90 -27.19 3.66
C LEU D 119 -1.88 -28.29 4.71
N LEU D 120 -2.34 -27.97 5.92
CA LEU D 120 -2.39 -28.97 6.99
C LEU D 120 -3.31 -30.13 6.61
N TRP D 121 -4.39 -29.84 5.89
CA TRP D 121 -5.37 -30.88 5.55
C TRP D 121 -4.95 -31.70 4.35
N VAL D 122 -4.05 -31.18 3.51
CA VAL D 122 -3.46 -31.98 2.45
C VAL D 122 -2.28 -32.78 2.98
N GLU D 123 -1.66 -32.32 4.06
CA GLU D 123 -0.48 -32.99 4.60
C GLU D 123 -0.80 -34.41 5.07
N ILE D 124 -1.98 -34.60 5.67
CA ILE D 124 -2.26 -35.83 6.39
C ILE D 124 -2.90 -36.86 5.46
N ASN D 125 -2.75 -36.65 4.15
CA ASN D 125 -3.30 -37.54 3.13
C ASN D 125 -4.82 -37.62 3.22
N ARG D 126 -5.44 -36.45 3.17
CA ARG D 126 -6.89 -36.32 3.07
C ARG D 126 -7.20 -35.45 1.87
N GLU D 127 -6.55 -35.77 0.75
CA GLU D 127 -6.60 -34.91 -0.43
C GLU D 127 -8.03 -34.69 -0.91
N ASP D 128 -8.85 -35.74 -0.91
CA ASP D 128 -10.15 -35.65 -1.53
C ASP D 128 -11.11 -34.74 -0.78
N VAL D 129 -10.88 -34.51 0.52
CA VAL D 129 -11.79 -33.66 1.28
C VAL D 129 -11.75 -32.23 0.76
N VAL D 130 -10.55 -31.73 0.44
CA VAL D 130 -10.43 -30.38 -0.08
C VAL D 130 -11.15 -30.23 -1.41
N LYS D 131 -10.98 -31.22 -2.30
CA LYS D 131 -11.64 -31.15 -3.60
C LYS D 131 -13.16 -31.23 -3.45
N LYS D 132 -13.63 -32.10 -2.56
CA LYS D 132 -15.07 -32.17 -2.29
C LYS D 132 -15.59 -30.85 -1.75
N PHE D 133 -14.81 -30.18 -0.92
CA PHE D 133 -15.27 -28.91 -0.34
C PHE D 133 -15.31 -27.82 -1.41
N PHE D 134 -14.32 -27.80 -2.30
CA PHE D 134 -14.41 -26.88 -3.45
C PHE D 134 -15.59 -27.21 -4.34
N ASP D 135 -15.93 -28.49 -4.48
CA ASP D 135 -17.14 -28.85 -5.23
C ASP D 135 -18.39 -28.29 -4.55
N VAL D 136 -18.45 -28.36 -3.23
CA VAL D 136 -19.59 -27.79 -2.51
C VAL D 136 -19.65 -26.28 -2.71
N ILE D 137 -18.50 -25.61 -2.73
CA ILE D 137 -18.49 -24.17 -3.01
C ILE D 137 -19.03 -23.90 -4.41
N LYS D 138 -18.55 -24.65 -5.41
CA LYS D 138 -19.05 -24.49 -6.77
C LYS D 138 -20.55 -24.67 -6.85
N TRP D 139 -21.07 -25.69 -6.18
CA TRP D 139 -22.50 -25.94 -6.23
C TRP D 139 -23.29 -24.81 -5.58
N ALA D 140 -22.83 -24.34 -4.41
CA ALA D 140 -23.54 -23.27 -3.72
C ALA D 140 -23.51 -21.98 -4.53
N VAL D 141 -22.42 -21.73 -5.25
CA VAL D 141 -22.34 -20.53 -6.07
C VAL D 141 -23.24 -20.64 -7.30
N GLU D 142 -23.24 -21.81 -7.96
CA GLU D 142 -24.07 -21.95 -9.15
C GLU D 142 -25.56 -21.96 -8.79
N ARG D 143 -25.91 -22.44 -7.59
CA ARG D 143 -27.29 -22.43 -7.15
C ARG D 143 -27.77 -21.04 -6.77
N GLY D 144 -26.87 -20.15 -6.35
CA GLY D 144 -27.25 -18.80 -5.97
C GLY D 144 -27.71 -17.95 -7.12
N GLY D 145 -27.39 -18.33 -8.35
CA GLY D 145 -27.78 -17.56 -9.52
C GLY D 145 -27.26 -16.14 -9.44
N ASN D 146 -28.05 -15.21 -9.99
CA ASN D 146 -27.73 -13.79 -9.93
C ASN D 146 -28.53 -13.17 -8.78
N ASN D 147 -27.88 -13.08 -7.62
CA ASN D 147 -28.50 -12.60 -6.39
C ASN D 147 -27.39 -12.17 -5.44
N PRO D 148 -26.74 -11.03 -5.70
CA PRO D 148 -25.46 -10.74 -5.02
C PRO D 148 -25.54 -10.66 -3.50
N LYS D 149 -26.73 -10.46 -2.93
CA LYS D 149 -26.86 -10.51 -1.47
C LYS D 149 -26.38 -11.86 -0.94
N PHE D 150 -26.85 -12.95 -1.55
CA PHE D 150 -26.50 -14.27 -1.08
C PHE D 150 -25.03 -14.58 -1.30
N LEU D 151 -24.47 -14.16 -2.44
CA LEU D 151 -23.06 -14.40 -2.68
C LEU D 151 -22.18 -13.59 -1.73
N SER D 152 -22.61 -12.38 -1.36
CA SER D 152 -21.89 -11.62 -0.35
C SER D 152 -21.94 -12.31 1.00
N LEU D 153 -23.13 -12.78 1.40
CA LEU D 153 -23.25 -13.51 2.66
C LEU D 153 -22.38 -14.76 2.66
N LEU D 154 -22.33 -15.48 1.53
CA LEU D 154 -21.54 -16.70 1.45
C LEU D 154 -20.05 -16.40 1.53
N LYS D 155 -19.60 -15.35 0.82
CA LYS D 155 -18.21 -14.94 0.92
C LYS D 155 -17.85 -14.58 2.36
N LEU D 156 -18.73 -13.87 3.05
CA LEU D 156 -18.47 -13.51 4.44
C LEU D 156 -18.37 -14.75 5.31
N ILE D 157 -19.32 -15.69 5.17
CA ILE D 157 -19.33 -16.87 6.02
C ILE D 157 -18.11 -17.75 5.79
N LEU D 158 -17.72 -17.94 4.51
CA LEU D 158 -16.57 -18.80 4.25
C LEU D 158 -15.25 -18.11 4.52
N SER D 159 -15.21 -16.78 4.50
CA SER D 159 -13.97 -16.09 4.83
C SER D 159 -13.59 -16.26 6.30
N ASN D 160 -14.56 -16.51 7.17
CA ASN D 160 -14.26 -16.74 8.58
C ASN D 160 -13.48 -18.04 8.74
N PRO D 161 -12.32 -18.02 9.41
CA PRO D 161 -11.54 -19.26 9.53
C PRO D 161 -12.21 -20.33 10.38
N GLU D 162 -12.88 -19.95 11.46
CA GLU D 162 -13.54 -20.94 12.31
C GLU D 162 -14.63 -21.68 11.54
N ILE D 163 -15.46 -20.93 10.80
CA ILE D 163 -16.49 -21.56 9.99
C ILE D 163 -15.87 -22.43 8.91
N PHE D 164 -14.71 -22.03 8.40
CA PHE D 164 -14.02 -22.86 7.41
C PHE D 164 -13.58 -24.19 8.03
N LYS D 165 -13.06 -24.16 9.26
CA LYS D 165 -12.70 -25.40 9.92
C LYS D 165 -13.92 -26.27 10.16
N ILE D 166 -15.04 -25.67 10.58
CA ILE D 166 -16.26 -26.44 10.81
C ILE D 166 -16.73 -27.09 9.52
N LEU D 167 -16.69 -26.34 8.42
CA LEU D 167 -17.11 -26.90 7.13
C LEU D 167 -16.20 -28.05 6.70
N LEU D 168 -14.89 -27.89 6.87
CA LEU D 168 -13.98 -28.99 6.52
C LEU D 168 -14.28 -30.21 7.37
N LEU D 169 -14.50 -30.01 8.66
CA LEU D 169 -14.78 -31.15 9.54
C LEU D 169 -16.07 -31.85 9.15
N TRP D 170 -17.10 -31.10 8.76
CA TRP D 170 -18.37 -31.73 8.39
C TRP D 170 -18.29 -32.40 7.02
N VAL D 171 -17.47 -31.87 6.11
CA VAL D 171 -17.32 -32.51 4.81
C VAL D 171 -16.51 -33.79 4.95
N TYR D 172 -15.53 -33.81 5.87
CA TYR D 172 -14.77 -35.03 6.11
C TYR D 172 -15.67 -36.18 6.54
N GLU D 173 -16.60 -35.92 7.45
CA GLU D 173 -17.47 -36.95 8.00
C GLU D 173 -18.55 -37.41 7.02
N ASN D 174 -18.51 -36.96 5.76
CA ASN D 174 -19.48 -37.32 4.74
C ASN D 174 -20.88 -36.81 5.08
N LYS D 175 -20.95 -35.61 5.66
CA LYS D 175 -22.21 -34.92 5.87
C LYS D 175 -22.47 -33.86 4.81
N GLU D 176 -21.94 -34.05 3.60
CA GLU D 176 -22.02 -33.04 2.55
C GLU D 176 -23.46 -32.62 2.29
N GLU D 177 -24.39 -33.58 2.31
CA GLU D 177 -25.79 -33.26 2.03
C GLU D 177 -26.35 -32.31 3.08
N VAL D 178 -25.91 -32.42 4.32
CA VAL D 178 -26.37 -31.49 5.36
C VAL D 178 -25.90 -30.08 5.04
N VAL D 179 -24.66 -29.93 4.57
CA VAL D 179 -24.15 -28.61 4.24
C VAL D 179 -24.90 -28.02 3.04
N LYS D 180 -25.18 -28.85 2.03
CA LYS D 180 -25.98 -28.36 0.91
C LYS D 180 -27.36 -27.90 1.38
N LYS D 181 -28.00 -28.68 2.26
CA LYS D 181 -29.30 -28.27 2.78
C LYS D 181 -29.20 -26.96 3.55
N LEU D 182 -28.12 -26.77 4.30
CA LEU D 182 -27.95 -25.50 5.00
C LEU D 182 -27.83 -24.33 4.03
N PHE D 183 -27.07 -24.50 2.95
CA PHE D 183 -26.98 -23.41 1.98
C PHE D 183 -28.31 -23.16 1.29
N ASP D 184 -29.12 -24.20 1.09
CA ASP D 184 -30.46 -23.97 0.56
C ASP D 184 -31.32 -23.18 1.54
N VAL D 185 -31.20 -23.47 2.84
CA VAL D 185 -31.96 -22.71 3.83
C VAL D 185 -31.50 -21.25 3.85
N LEU D 186 -30.19 -21.02 3.73
CA LEU D 186 -29.71 -19.65 3.64
C LEU D 186 -30.26 -18.96 2.40
N LEU D 187 -30.33 -19.67 1.28
CA LEU D 187 -30.89 -19.07 0.07
C LEU D 187 -32.33 -18.66 0.26
N TYR D 188 -33.16 -19.56 0.81
CA TYR D 188 -34.55 -19.24 1.05
C TYR D 188 -34.76 -18.36 2.27
N ALA D 189 -33.68 -17.99 2.95
CA ALA D 189 -33.74 -16.93 3.95
C ALA D 189 -33.43 -15.56 3.33
N VAL D 190 -32.41 -15.50 2.48
CA VAL D 190 -32.04 -14.23 1.87
C VAL D 190 -33.08 -13.81 0.83
N LYS D 191 -33.65 -14.77 0.09
CA LYS D 191 -34.72 -14.41 -0.83
C LYS D 191 -36.02 -14.06 -0.12
N GLU D 192 -36.14 -14.43 1.17
CA GLU D 192 -37.30 -14.02 1.94
C GLU D 192 -37.10 -12.64 2.55
N GLY D 193 -35.89 -12.34 3.02
CA GLY D 193 -35.63 -11.04 3.63
C GLY D 193 -35.69 -9.91 2.62
N GLY D 194 -35.11 -10.14 1.44
CA GLY D 194 -35.17 -9.13 0.39
C GLY D 194 -34.44 -7.87 0.79
N ASP D 195 -35.07 -6.72 0.52
CA ASP D 195 -34.48 -5.42 0.83
C ASP D 195 -35.00 -4.97 2.20
N ASN D 196 -34.28 -5.37 3.24
CA ASN D 196 -34.47 -4.84 4.58
C ASN D 196 -33.15 -5.01 5.32
N GLU D 197 -32.35 -3.94 5.37
CA GLU D 197 -30.98 -4.09 5.82
C GLU D 197 -30.89 -4.40 7.31
N LYS D 198 -31.93 -4.06 8.07
CA LYS D 198 -31.94 -4.39 9.49
C LYS D 198 -31.96 -5.90 9.71
N PHE D 199 -32.71 -6.61 8.86
CA PHE D 199 -32.74 -8.07 8.96
C PHE D 199 -31.47 -8.70 8.40
N LEU D 200 -30.95 -8.16 7.30
CA LEU D 200 -29.72 -8.68 6.73
C LEU D 200 -28.56 -8.54 7.70
N GLU D 201 -28.52 -7.44 8.45
CA GLU D 201 -27.48 -7.28 9.46
C GLU D 201 -27.63 -8.32 10.57
N LEU D 202 -28.85 -8.65 10.94
CA LEU D 202 -29.05 -9.74 11.90
C LEU D 202 -28.52 -11.05 11.35
N LEU D 203 -28.80 -11.35 10.08
CA LEU D 203 -28.27 -12.59 9.52
C LEU D 203 -26.75 -12.60 9.52
N LYS D 204 -26.13 -11.49 9.11
CA LYS D 204 -24.67 -11.44 9.04
C LYS D 204 -24.06 -11.55 10.43
N GLU D 205 -24.73 -11.01 11.45
CA GLU D 205 -24.21 -11.11 12.80
C GLU D 205 -24.38 -12.50 13.38
N ILE D 206 -25.57 -13.08 13.23
CA ILE D 206 -25.86 -14.39 13.80
C ILE D 206 -25.02 -15.47 13.15
N LEU D 207 -25.06 -15.56 11.82
CA LEU D 207 -24.34 -16.64 11.14
C LEU D 207 -22.83 -16.54 11.32
N SER D 208 -22.30 -15.36 11.65
CA SER D 208 -20.87 -15.23 11.89
C SER D 208 -20.43 -15.80 13.22
N ASN D 209 -21.37 -16.16 14.10
CA ASN D 209 -21.03 -16.71 15.40
C ASN D 209 -20.93 -18.22 15.30
N PRO D 210 -19.77 -18.82 15.60
CA PRO D 210 -19.61 -20.27 15.35
C PRO D 210 -20.60 -21.14 16.10
N GLU D 211 -21.02 -20.74 17.31
CA GLU D 211 -21.96 -21.54 18.07
C GLU D 211 -23.27 -21.71 17.33
N ILE D 212 -23.83 -20.60 16.82
CA ILE D 212 -25.11 -20.67 16.14
C ILE D 212 -24.99 -21.48 14.85
N PHE D 213 -23.85 -21.35 14.16
CA PHE D 213 -23.68 -22.11 12.92
C PHE D 213 -23.61 -23.61 13.20
N GLU D 214 -22.89 -24.00 14.24
CA GLU D 214 -22.85 -25.41 14.61
C GLU D 214 -24.23 -25.92 14.99
N ILE D 215 -25.00 -25.11 15.73
CA ILE D 215 -26.36 -25.52 16.11
C ILE D 215 -27.22 -25.72 14.87
N LEU D 216 -27.15 -24.77 13.92
CA LEU D 216 -27.93 -24.92 12.69
C LEU D 216 -27.52 -26.16 11.91
N LEU D 217 -26.22 -26.44 11.83
CA LEU D 217 -25.78 -27.65 11.13
C LEU D 217 -26.31 -28.90 11.82
N GLU D 218 -26.22 -28.95 13.15
CA GLU D 218 -26.73 -30.12 13.87
C GLU D 218 -28.24 -30.27 13.74
N TRP D 219 -28.96 -29.18 13.52
CA TRP D 219 -30.41 -29.33 13.37
C TRP D 219 -30.83 -29.65 11.94
N VAL D 220 -30.15 -29.11 10.93
CA VAL D 220 -30.45 -29.51 9.56
C VAL D 220 -29.91 -30.91 9.28
N GLU D 221 -29.05 -31.44 10.15
CA GLU D 221 -28.64 -32.84 10.04
C GLU D 221 -29.85 -33.75 10.15
N GLU D 222 -30.71 -33.53 11.14
CA GLU D 222 -31.91 -34.30 11.37
C GLU D 222 -33.05 -33.94 10.44
N ASN D 223 -32.75 -33.34 9.28
CA ASN D 223 -33.74 -32.89 8.30
C ASN D 223 -34.89 -32.13 8.97
N LYS D 224 -34.53 -31.23 9.88
CA LYS D 224 -35.47 -30.33 10.55
C LYS D 224 -35.63 -29.01 9.82
N GLU D 225 -35.47 -29.01 8.50
CA GLU D 225 -35.34 -27.76 7.74
C GLU D 225 -36.52 -26.83 7.98
N ASP D 226 -37.72 -27.37 8.11
CA ASP D 226 -38.88 -26.51 8.33
C ASP D 226 -38.75 -25.73 9.63
N VAL D 227 -38.10 -26.30 10.64
CA VAL D 227 -37.92 -25.59 11.90
C VAL D 227 -37.05 -24.36 11.71
N VAL D 228 -35.90 -24.53 11.04
CA VAL D 228 -35.00 -23.40 10.83
C VAL D 228 -35.64 -22.35 9.92
N LYS D 229 -36.38 -22.80 8.90
CA LYS D 229 -37.07 -21.85 8.03
C LYS D 229 -38.09 -21.03 8.80
N LYS D 230 -38.91 -21.69 9.63
CA LYS D 230 -39.87 -20.95 10.43
C LYS D 230 -39.19 -20.02 11.42
N LEU D 231 -38.02 -20.43 11.93
CA LEU D 231 -37.31 -19.53 12.85
C LEU D 231 -36.84 -18.27 12.14
N PHE D 232 -36.30 -18.40 10.93
CA PHE D 232 -35.91 -17.19 10.22
C PHE D 232 -37.14 -16.36 9.84
N ASP D 233 -38.27 -17.01 9.56
CA ASP D 233 -39.50 -16.26 9.35
C ASP D 233 -39.88 -15.46 10.59
N VAL D 234 -39.76 -16.08 11.76
CA VAL D 234 -40.09 -15.40 13.01
C VAL D 234 -39.16 -14.21 13.24
N ILE D 235 -37.88 -14.37 12.96
CA ILE D 235 -36.95 -13.24 13.10
C ILE D 235 -37.33 -12.10 12.16
N LYS D 236 -37.66 -12.44 10.91
CA LYS D 236 -38.10 -11.41 9.97
C LYS D 236 -39.33 -10.68 10.49
N TYR D 237 -40.32 -11.42 10.97
CA TYR D 237 -41.53 -10.81 11.51
C TYR D 237 -41.21 -9.91 12.70
N ALA D 238 -40.32 -10.36 13.58
CA ALA D 238 -39.97 -9.54 14.74
C ALA D 238 -39.32 -8.24 14.31
N VAL D 239 -38.43 -8.29 13.31
CA VAL D 239 -37.78 -7.07 12.85
C VAL D 239 -38.79 -6.14 12.20
N GLU D 240 -39.69 -6.69 11.37
CA GLU D 240 -40.68 -5.86 10.70
C GLU D 240 -41.66 -5.23 11.69
N ARG D 241 -42.05 -6.00 12.71
CA ARG D 241 -43.03 -5.53 13.69
C ARG D 241 -42.41 -4.55 14.68
N GLY D 242 -41.10 -4.68 14.94
CA GLY D 242 -40.44 -3.74 15.82
C GLY D 242 -40.50 -2.31 15.29
N GLY D 243 -40.47 -2.16 13.97
CA GLY D 243 -40.51 -0.83 13.39
C GLY D 243 -39.12 -0.25 13.37
N ASP D 244 -38.99 1.00 13.79
CA ASP D 244 -37.67 1.62 13.95
C ASP D 244 -37.54 2.06 15.39
N ASN D 245 -36.70 1.36 16.14
CA ASN D 245 -36.40 1.66 17.54
C ASN D 245 -35.08 1.00 17.88
N GLU D 246 -34.06 1.79 18.17
CA GLU D 246 -32.72 1.22 18.36
C GLU D 246 -32.67 0.40 19.64
N LYS D 247 -33.41 0.82 20.67
CA LYS D 247 -33.36 0.12 21.95
C LYS D 247 -33.91 -1.30 21.81
N PHE D 248 -35.02 -1.47 21.11
CA PHE D 248 -35.58 -2.80 20.90
C PHE D 248 -34.69 -3.64 20.00
N TYR D 249 -34.24 -3.06 18.89
CA TYR D 249 -33.45 -3.82 17.92
C TYR D 249 -32.12 -4.27 18.50
N GLU D 250 -31.56 -3.50 19.43
CA GLU D 250 -30.37 -3.95 20.15
C GLU D 250 -30.65 -5.25 20.91
N LEU D 251 -31.85 -5.39 21.47
CA LEU D 251 -32.18 -6.61 22.19
C LEU D 251 -32.24 -7.81 21.26
N LEU D 252 -32.79 -7.64 20.06
CA LEU D 252 -32.78 -8.74 19.10
C LEU D 252 -31.36 -9.07 18.67
N LYS D 253 -30.52 -8.05 18.49
CA LYS D 253 -29.11 -8.33 18.18
C LYS D 253 -28.45 -9.11 19.30
N LEU D 254 -28.83 -8.85 20.55
CA LEU D 254 -28.18 -9.51 21.68
C LEU D 254 -28.72 -10.93 21.90
N LEU D 255 -30.02 -11.05 22.15
CA LEU D 255 -30.61 -12.32 22.58
C LEU D 255 -30.45 -13.41 21.53
N LEU D 256 -30.43 -13.05 20.25
CA LEU D 256 -30.28 -14.07 19.21
C LEU D 256 -28.84 -14.52 19.03
N SER D 257 -27.86 -13.72 19.46
CA SER D 257 -26.48 -14.15 19.40
C SER D 257 -26.15 -15.13 20.52
N ASN D 258 -26.80 -15.00 21.66
CA ASN D 258 -26.61 -15.87 22.81
C ASN D 258 -27.05 -17.29 22.45
N PRO D 259 -26.14 -18.28 22.47
CA PRO D 259 -26.48 -19.60 21.90
C PRO D 259 -27.65 -20.30 22.58
N GLU D 260 -27.73 -20.26 23.92
CA GLU D 260 -28.78 -21.00 24.60
C GLU D 260 -30.15 -20.42 24.31
N ILE D 261 -30.25 -19.09 24.14
CA ILE D 261 -31.51 -18.48 23.78
C ILE D 261 -31.94 -18.98 22.40
N PHE D 262 -30.98 -19.11 21.48
CA PHE D 262 -31.32 -19.62 20.16
C PHE D 262 -31.76 -21.07 20.21
N LYS D 263 -31.13 -21.87 21.08
CA LYS D 263 -31.59 -23.25 21.27
C LYS D 263 -33.02 -23.28 21.79
N ILE D 264 -33.34 -22.44 22.78
CA ILE D 264 -34.70 -22.39 23.32
C ILE D 264 -35.69 -22.00 22.23
N LEU D 265 -35.35 -21.00 21.42
CA LEU D 265 -36.27 -20.59 20.35
C LEU D 265 -36.47 -21.70 19.33
N LEU D 266 -35.39 -22.42 18.97
CA LEU D 266 -35.54 -23.53 18.05
C LEU D 266 -36.45 -24.60 18.64
N GLU D 267 -36.21 -24.98 19.89
CA GLU D 267 -37.02 -26.03 20.52
C GLU D 267 -38.48 -25.61 20.63
N TRP D 268 -38.73 -24.32 20.86
CA TRP D 268 -40.10 -23.86 21.01
C TRP D 268 -40.79 -23.61 19.67
N VAL D 269 -40.02 -23.51 18.57
CA VAL D 269 -40.62 -23.43 17.25
C VAL D 269 -40.85 -24.80 16.64
N GLU D 270 -40.04 -25.80 17.01
CA GLU D 270 -40.22 -27.14 16.49
C GLU D 270 -41.58 -27.71 16.89
N ILE D 271 -41.99 -27.47 18.14
CA ILE D 271 -43.20 -28.05 18.70
C ILE D 271 -44.43 -27.39 18.09
N ASN D 272 -44.20 -26.48 17.14
CA ASN D 272 -45.25 -25.72 16.47
C ASN D 272 -46.05 -24.88 17.47
N LYS D 273 -45.32 -23.92 18.05
CA LYS D 273 -45.89 -22.89 18.92
C LYS D 273 -45.37 -21.53 18.47
N GLU D 274 -45.45 -21.28 17.15
CA GLU D 274 -44.81 -20.12 16.55
C GLU D 274 -45.43 -18.81 17.05
N ASP D 275 -46.77 -18.72 17.03
CA ASP D 275 -47.41 -17.47 17.43
C ASP D 275 -47.10 -17.11 18.87
N VAL D 276 -46.75 -18.09 19.70
CA VAL D 276 -46.34 -17.78 21.07
C VAL D 276 -45.06 -16.95 21.04
N VAL D 277 -44.09 -17.34 20.23
CA VAL D 277 -42.86 -16.56 20.14
C VAL D 277 -43.13 -15.20 19.49
N LYS D 278 -44.05 -15.15 18.53
CA LYS D 278 -44.42 -13.86 17.95
C LYS D 278 -44.98 -12.91 19.02
N LYS D 279 -45.98 -13.37 19.77
CA LYS D 279 -46.57 -12.54 20.83
C LYS D 279 -45.52 -12.16 21.87
N PHE D 280 -44.59 -13.06 22.17
CA PHE D 280 -43.56 -12.71 23.15
C PHE D 280 -42.66 -11.59 22.65
N PHE D 281 -42.26 -11.64 21.37
CA PHE D 281 -41.48 -10.53 20.84
C PHE D 281 -42.29 -9.23 20.85
N ASP D 282 -43.59 -9.33 20.60
CA ASP D 282 -44.43 -8.13 20.69
C ASP D 282 -44.47 -7.59 22.11
N VAL D 283 -44.52 -8.48 23.11
CA VAL D 283 -44.50 -8.05 24.50
C VAL D 283 -43.18 -7.41 24.86
N ILE D 284 -42.07 -7.92 24.29
CA ILE D 284 -40.78 -7.25 24.47
C ILE D 284 -40.85 -5.82 23.96
N LYS D 285 -41.36 -5.63 22.75
CA LYS D 285 -41.44 -4.28 22.19
C LYS D 285 -42.31 -3.39 23.06
N TRP D 286 -43.46 -3.91 23.50
CA TRP D 286 -44.38 -3.13 24.30
C TRP D 286 -43.76 -2.73 25.63
N ALA D 287 -43.07 -3.67 26.29
CA ALA D 287 -42.44 -3.35 27.56
C ALA D 287 -41.32 -2.33 27.39
N VAL D 288 -40.57 -2.40 26.29
CA VAL D 288 -39.51 -1.42 26.07
C VAL D 288 -40.10 -0.04 25.83
N GLU D 289 -41.18 0.04 25.05
CA GLU D 289 -41.79 1.34 24.80
C GLU D 289 -42.51 1.88 26.02
N GLU D 290 -43.03 1.01 26.87
CA GLU D 290 -43.67 1.45 28.11
C GLU D 290 -42.64 1.92 29.13
N GLY D 291 -41.45 1.32 29.14
CA GLY D 291 -40.40 1.79 30.02
C GLY D 291 -39.72 3.05 29.52
N GLY D 292 -39.67 3.24 28.22
CA GLY D 292 -39.09 4.44 27.65
C GLY D 292 -37.60 4.35 27.44
N ASP D 293 -36.91 5.48 27.47
CA ASP D 293 -35.46 5.52 27.35
C ASP D 293 -34.79 5.62 28.72
N ASN D 294 -35.51 5.28 29.77
CA ASN D 294 -34.99 5.29 31.12
C ASN D 294 -33.86 4.28 31.21
N PRO D 295 -32.59 4.69 31.26
CA PRO D 295 -31.50 3.73 31.13
C PRO D 295 -31.40 2.76 32.29
N VAL D 296 -31.87 3.14 33.48
CA VAL D 296 -31.90 2.21 34.59
C VAL D 296 -32.83 1.04 34.29
N PHE D 297 -34.06 1.35 33.90
CA PHE D 297 -35.02 0.31 33.56
C PHE D 297 -34.55 -0.52 32.38
N TYR D 298 -33.98 0.13 31.37
CA TYR D 298 -33.49 -0.60 30.20
C TYR D 298 -32.38 -1.57 30.58
N ARG D 299 -31.42 -1.12 31.38
CA ARG D 299 -30.35 -2.00 31.83
C ARG D 299 -30.90 -3.15 32.65
N LEU D 300 -31.84 -2.86 33.55
CA LEU D 300 -32.42 -3.91 34.38
C LEU D 300 -33.16 -4.93 33.53
N LEU D 301 -33.90 -4.47 32.51
CA LEU D 301 -34.62 -5.38 31.64
C LEU D 301 -33.66 -6.24 30.82
N LYS D 302 -32.60 -5.64 30.30
CA LYS D 302 -31.63 -6.42 29.54
C LYS D 302 -30.91 -7.43 30.43
N LEU D 303 -30.71 -7.10 31.71
CA LEU D 303 -30.08 -8.04 32.62
C LEU D 303 -31.01 -9.18 33.02
N ILE D 304 -32.31 -8.89 33.16
CA ILE D 304 -33.27 -9.93 33.54
C ILE D 304 -33.53 -10.85 32.36
N LEU D 305 -33.80 -10.29 31.19
CA LEU D 305 -34.32 -11.07 30.08
C LEU D 305 -33.28 -11.94 29.41
N SER D 306 -32.00 -11.59 29.51
CA SER D 306 -30.95 -12.43 28.94
C SER D 306 -30.84 -13.77 29.63
N ASN D 307 -31.30 -13.87 30.88
CA ASN D 307 -31.27 -15.13 31.60
C ASN D 307 -32.16 -16.16 30.89
N PRO D 308 -31.61 -17.32 30.51
CA PRO D 308 -32.44 -18.26 29.73
C PRO D 308 -33.58 -18.88 30.52
N GLU D 309 -33.41 -19.11 31.82
CA GLU D 309 -34.48 -19.72 32.60
C GLU D 309 -35.67 -18.78 32.71
N ILE D 310 -35.42 -17.49 32.95
CA ILE D 310 -36.48 -16.50 32.96
C ILE D 310 -37.12 -16.40 31.58
N PHE D 311 -36.33 -16.55 30.53
CA PHE D 311 -36.87 -16.56 29.18
C PHE D 311 -37.87 -17.69 29.00
N LYS D 312 -37.52 -18.91 29.45
CA LYS D 312 -38.45 -20.03 29.34
C LYS D 312 -39.69 -19.80 30.20
N ILE D 313 -39.52 -19.26 31.40
CA ILE D 313 -40.66 -18.96 32.25
C ILE D 313 -41.61 -18.00 31.56
N LEU D 314 -41.07 -16.95 30.94
CA LEU D 314 -41.90 -15.97 30.26
C LEU D 314 -42.60 -16.59 29.06
N LEU D 315 -41.89 -17.42 28.29
CA LEU D 315 -42.54 -18.08 27.16
C LEU D 315 -43.70 -18.95 27.64
N GLU D 316 -43.49 -19.72 28.71
CA GLU D 316 -44.55 -20.59 29.22
C GLU D 316 -45.73 -19.77 29.71
N TRP D 317 -45.48 -18.64 30.37
CA TRP D 317 -46.58 -17.81 30.85
C TRP D 317 -47.28 -17.04 29.73
N VAL D 318 -46.61 -16.83 28.60
CA VAL D 318 -47.30 -16.27 27.44
C VAL D 318 -48.13 -17.32 26.74
N ASP D 319 -47.69 -18.58 26.79
CA ASP D 319 -48.42 -19.66 26.14
C ASP D 319 -49.85 -19.76 26.66
N ILE D 320 -50.04 -19.69 27.98
CA ILE D 320 -51.32 -20.01 28.60
C ILE D 320 -52.26 -18.82 28.57
N ASN D 321 -51.90 -17.78 27.80
CA ASN D 321 -52.70 -16.57 27.56
C ASN D 321 -52.65 -15.60 28.72
N ASN D 322 -51.57 -15.62 29.50
CA ASN D 322 -51.38 -14.68 30.60
C ASN D 322 -50.46 -13.53 30.23
N GLU D 323 -50.56 -13.06 28.98
CA GLU D 323 -49.72 -11.96 28.50
C GLU D 323 -49.89 -10.72 29.39
N ASP D 324 -51.13 -10.37 29.71
CA ASP D 324 -51.35 -9.17 30.51
C ASP D 324 -50.73 -9.27 31.90
N VAL D 325 -50.53 -10.49 32.41
CA VAL D 325 -49.85 -10.62 33.70
C VAL D 325 -48.39 -10.21 33.57
N VAL D 326 -47.73 -10.63 32.49
CA VAL D 326 -46.36 -10.20 32.24
C VAL D 326 -46.30 -8.68 32.03
N LYS D 327 -47.30 -8.13 31.33
CA LYS D 327 -47.34 -6.69 31.13
C LYS D 327 -47.45 -5.95 32.45
N LYS D 328 -48.36 -6.40 33.33
CA LYS D 328 -48.49 -5.78 34.64
C LYS D 328 -47.21 -5.91 35.46
N LEU D 329 -46.53 -7.05 35.35
CA LEU D 329 -45.28 -7.20 36.10
C LEU D 329 -44.22 -6.21 35.62
N PHE D 330 -44.10 -6.03 34.30
CA PHE D 330 -43.13 -5.05 33.80
C PHE D 330 -43.51 -3.63 34.20
N SER D 331 -44.83 -3.34 34.24
CA SER D 331 -45.25 -2.02 34.68
C SER D 331 -44.92 -1.80 36.16
N VAL D 332 -45.10 -2.81 36.99
CA VAL D 332 -44.77 -2.70 38.41
C VAL D 332 -43.26 -2.50 38.59
N ILE D 333 -42.46 -3.23 37.81
CA ILE D 333 -41.01 -3.06 37.88
C ILE D 333 -40.62 -1.64 37.49
N LYS D 334 -41.25 -1.09 36.43
CA LYS D 334 -40.96 0.29 36.05
C LYS D 334 -41.32 1.26 37.17
N GLN D 335 -42.51 1.09 37.75
CA GLN D 335 -42.92 2.00 38.83
C GLN D 335 -41.98 1.90 40.03
N ALA D 336 -41.45 0.70 40.30
CA ALA D 336 -40.52 0.56 41.42
C ALA D 336 -39.17 1.20 41.10
N VAL D 337 -38.71 1.07 39.85
CA VAL D 337 -37.44 1.69 39.47
C VAL D 337 -37.55 3.21 39.50
N GLU D 338 -38.66 3.76 39.00
CA GLU D 338 -38.80 5.21 38.94
C GLU D 338 -38.88 5.83 40.34
N ASP D 339 -39.55 5.15 41.27
CA ASP D 339 -39.62 5.66 42.63
C ASP D 339 -38.28 5.63 43.33
N GLY D 340 -37.33 4.82 42.85
CA GLY D 340 -35.99 4.80 43.40
C GLY D 340 -35.12 5.97 43.01
N GLY D 341 -35.54 6.75 42.02
CA GLY D 341 -34.78 7.92 41.64
C GLY D 341 -33.41 7.53 41.12
N ASN D 342 -32.37 8.06 41.78
CA ASN D 342 -30.98 7.80 41.41
C ASN D 342 -30.22 7.02 42.47
N ASN D 343 -30.86 6.62 43.56
CA ASN D 343 -30.21 5.83 44.60
C ASN D 343 -29.82 4.47 44.08
N MET D 344 -28.51 4.24 43.87
CA MET D 344 -28.05 3.00 43.26
C MET D 344 -28.02 1.82 44.21
N VAL D 345 -28.06 2.05 45.52
CA VAL D 345 -28.02 0.93 46.46
C VAL D 345 -29.36 0.19 46.45
N PHE D 346 -30.46 0.89 46.19
CA PHE D 346 -31.76 0.23 46.08
C PHE D 346 -31.93 -0.43 44.72
N ILE D 347 -31.47 0.24 43.65
CA ILE D 347 -31.57 -0.35 42.32
C ILE D 347 -30.70 -1.59 42.21
N ASP D 348 -29.56 -1.61 42.91
CA ASP D 348 -28.77 -2.84 42.95
C ASP D 348 -29.54 -3.98 43.61
N LEU D 349 -30.28 -3.67 44.67
CA LEU D 349 -31.02 -4.72 45.36
C LEU D 349 -32.18 -5.21 44.51
N LEU D 350 -32.78 -4.33 43.72
CA LEU D 350 -33.74 -4.79 42.71
C LEU D 350 -33.07 -5.67 41.67
N GLU D 351 -31.88 -5.27 41.21
CA GLU D 351 -31.14 -6.08 40.24
C GLU D 351 -30.78 -7.45 40.80
N LEU D 352 -30.74 -7.57 42.13
CA LEU D 352 -30.50 -8.87 42.74
C LEU D 352 -31.79 -9.67 42.89
N ILE D 353 -32.86 -9.03 43.40
CA ILE D 353 -34.13 -9.74 43.61
C ILE D 353 -34.71 -10.23 42.30
N LEU D 354 -34.82 -9.33 41.32
CA LEU D 354 -35.50 -9.69 40.07
C LEU D 354 -34.67 -10.60 39.17
N SER D 355 -33.38 -10.73 39.43
CA SER D 355 -32.53 -11.63 38.65
C SER D 355 -32.45 -13.02 39.25
N ASN D 356 -33.37 -13.37 40.15
CA ASN D 356 -33.43 -14.69 40.74
C ASN D 356 -34.66 -15.40 40.19
N PRO D 357 -34.52 -16.50 39.46
CA PRO D 357 -35.68 -17.04 38.72
C PRO D 357 -36.86 -17.42 39.59
N GLU D 358 -36.63 -18.05 40.74
CA GLU D 358 -37.76 -18.43 41.59
C GLU D 358 -38.44 -17.21 42.19
N ILE D 359 -37.68 -16.14 42.46
CA ILE D 359 -38.29 -14.92 42.97
C ILE D 359 -39.13 -14.25 41.89
N PHE D 360 -38.65 -14.29 40.64
CA PHE D 360 -39.45 -13.76 39.54
C PHE D 360 -40.73 -14.56 39.34
N GLU D 361 -40.64 -15.89 39.47
CA GLU D 361 -41.84 -16.72 39.40
C GLU D 361 -42.81 -16.36 40.52
N ILE D 362 -42.31 -16.17 41.74
CA ILE D 362 -43.17 -15.82 42.87
C ILE D 362 -43.87 -14.49 42.61
N LEU D 363 -43.11 -13.49 42.14
CA LEU D 363 -43.71 -12.19 41.85
C LEU D 363 -44.74 -12.29 40.74
N LEU D 364 -44.47 -13.08 39.70
CA LEU D 364 -45.41 -13.19 38.61
C LEU D 364 -46.70 -13.88 39.06
N LEU D 365 -46.58 -14.88 39.94
CA LEU D 365 -47.77 -15.53 40.48
C LEU D 365 -48.56 -14.57 41.36
N TRP D 366 -47.86 -13.77 42.17
CA TRP D 366 -48.54 -12.79 43.03
C TRP D 366 -49.16 -11.66 42.22
N VAL D 367 -48.65 -11.39 41.03
CA VAL D 367 -49.30 -10.40 40.17
C VAL D 367 -50.51 -11.01 39.47
N HIS D 368 -50.46 -12.30 39.15
CA HIS D 368 -51.57 -12.94 38.44
C HIS D 368 -52.86 -12.89 39.25
N ILE D 369 -52.79 -13.11 40.56
CA ILE D 369 -53.99 -13.32 41.36
C ILE D 369 -54.58 -11.98 41.82
N ASN D 370 -54.12 -10.88 41.23
CA ASN D 370 -54.60 -9.52 41.47
C ASN D 370 -54.15 -8.96 42.81
N ARG D 371 -53.08 -9.50 43.39
CA ARG D 371 -52.46 -8.93 44.59
C ARG D 371 -51.36 -7.97 44.22
N GLU D 372 -51.52 -7.28 43.08
CA GLU D 372 -50.46 -6.41 42.55
C GLU D 372 -49.92 -5.45 43.59
N ASP D 373 -50.81 -4.76 44.32
CA ASP D 373 -50.34 -3.77 45.27
C ASP D 373 -49.60 -4.42 46.45
N VAL D 374 -49.91 -5.67 46.78
CA VAL D 374 -49.15 -6.39 47.78
C VAL D 374 -47.68 -6.44 47.38
N VAL D 375 -47.41 -6.61 46.09
CA VAL D 375 -46.04 -6.47 45.62
C VAL D 375 -45.59 -5.02 45.74
N LYS D 376 -46.42 -4.08 45.28
CA LYS D 376 -46.00 -2.68 45.21
C LYS D 376 -45.59 -2.16 46.58
N LYS D 377 -46.45 -2.36 47.59
CA LYS D 377 -46.11 -1.92 48.95
C LYS D 377 -44.79 -2.53 49.38
N LEU D 378 -44.56 -3.81 49.08
CA LEU D 378 -43.31 -4.43 49.49
C LEU D 378 -42.12 -3.72 48.86
N PHE D 379 -42.24 -3.35 47.58
CA PHE D 379 -41.15 -2.63 46.92
C PHE D 379 -40.93 -1.26 47.56
N ASP D 380 -41.96 -0.72 48.22
CA ASP D 380 -41.72 0.45 49.04
C ASP D 380 -41.08 0.07 50.37
N VAL D 381 -41.58 -0.99 51.02
CA VAL D 381 -41.11 -1.33 52.37
C VAL D 381 -39.63 -1.67 52.35
N ILE D 382 -39.16 -2.31 51.28
CA ILE D 382 -37.73 -2.54 51.15
C ILE D 382 -36.98 -1.22 51.06
N LYS D 383 -37.45 -0.31 50.21
CA LYS D 383 -36.75 0.95 50.03
C LYS D 383 -36.73 1.75 51.32
N TRP D 384 -37.88 1.85 51.98
CA TRP D 384 -37.97 2.60 53.23
C TRP D 384 -37.14 1.96 54.34
N ALA D 385 -36.59 0.76 54.12
CA ALA D 385 -35.57 0.24 55.01
C ALA D 385 -34.17 0.55 54.52
N VAL D 386 -33.92 0.40 53.21
CA VAL D 386 -32.63 0.75 52.66
C VAL D 386 -32.35 2.24 52.86
N GLU D 387 -33.38 3.08 52.71
CA GLU D 387 -33.23 4.50 52.99
C GLU D 387 -32.83 4.76 54.43
N ASP D 388 -33.14 3.85 55.34
CA ASP D 388 -32.69 3.96 56.72
C ASP D 388 -31.33 3.31 56.93
N GLY D 389 -30.97 2.34 56.09
CA GLY D 389 -29.68 1.69 56.22
C GLY D 389 -28.53 2.68 56.12
N GLY D 390 -28.65 3.65 55.22
CA GLY D 390 -27.63 4.67 55.10
C GLY D 390 -26.30 4.10 54.64
N ASN D 391 -25.24 4.41 55.37
CA ASN D 391 -23.90 3.99 55.02
C ASN D 391 -23.39 2.81 55.84
N ASN D 392 -24.23 2.22 56.68
CA ASN D 392 -23.83 1.05 57.46
C ASN D 392 -23.87 -0.15 56.54
N MET D 393 -22.76 -0.39 55.83
CA MET D 393 -22.77 -1.39 54.77
C MET D 393 -22.93 -2.81 55.32
N VAL D 394 -22.62 -3.03 56.60
CA VAL D 394 -22.90 -4.35 57.16
C VAL D 394 -24.40 -4.62 57.13
N PHE D 395 -25.22 -3.59 57.34
CA PHE D 395 -26.67 -3.77 57.26
C PHE D 395 -27.12 -4.09 55.84
N ILE D 396 -26.61 -3.37 54.85
CA ILE D 396 -27.00 -3.63 53.47
C ILE D 396 -26.52 -5.00 53.01
N HIS D 397 -25.34 -5.42 53.48
CA HIS D 397 -24.87 -6.77 53.14
C HIS D 397 -25.74 -7.84 53.77
N LEU D 398 -26.10 -7.67 55.04
CA LEU D 398 -27.01 -8.60 55.68
C LEU D 398 -28.35 -8.65 54.95
N LEU D 399 -28.84 -7.49 54.50
CA LEU D 399 -30.11 -7.45 53.79
C LEU D 399 -30.00 -8.13 52.42
N ARG D 400 -28.88 -7.94 51.73
CA ARG D 400 -28.65 -8.65 50.48
C ARG D 400 -28.71 -10.16 50.70
N LYS D 401 -28.06 -10.64 51.76
CA LYS D 401 -28.10 -12.08 52.01
C LYS D 401 -29.49 -12.53 52.44
N LEU D 402 -30.25 -11.65 53.10
CA LEU D 402 -31.58 -12.02 53.59
C LEU D 402 -32.59 -12.15 52.44
N LEU D 403 -32.71 -11.11 51.61
CA LEU D 403 -33.79 -11.07 50.64
C LEU D 403 -33.61 -12.04 49.47
N SER D 404 -32.44 -12.67 49.34
CA SER D 404 -32.23 -13.56 48.21
C SER D 404 -33.02 -14.86 48.33
N ASN D 405 -33.46 -15.21 49.54
CA ASN D 405 -34.07 -16.51 49.80
C ASN D 405 -35.52 -16.52 49.34
N PRO D 406 -35.99 -17.60 48.71
CA PRO D 406 -37.39 -17.63 48.26
C PRO D 406 -38.41 -17.67 49.38
N GLU D 407 -38.19 -18.51 50.40
CA GLU D 407 -39.16 -18.60 51.48
C GLU D 407 -39.23 -17.32 52.29
N ILE D 408 -38.10 -16.64 52.46
CA ILE D 408 -38.09 -15.36 53.15
C ILE D 408 -38.98 -14.36 52.42
N PHE D 409 -38.82 -14.28 51.10
CA PHE D 409 -39.59 -13.35 50.29
C PHE D 409 -41.07 -13.71 50.30
N GLU D 410 -41.39 -15.00 50.25
CA GLU D 410 -42.77 -15.45 50.31
C GLU D 410 -43.41 -15.07 51.65
N ILE D 411 -42.69 -15.27 52.75
CA ILE D 411 -43.21 -14.92 54.06
C ILE D 411 -43.40 -13.41 54.17
N LEU D 412 -42.48 -12.63 53.61
CA LEU D 412 -42.65 -11.18 53.62
C LEU D 412 -43.88 -10.76 52.83
N LEU D 413 -44.12 -11.37 51.67
CA LEU D 413 -45.32 -11.07 50.91
C LEU D 413 -46.58 -11.44 51.69
N LEU D 414 -46.56 -12.57 52.39
CA LEU D 414 -47.71 -12.94 53.21
C LEU D 414 -47.97 -11.91 54.29
N TRP D 415 -46.91 -11.46 54.97
CA TRP D 415 -47.08 -10.49 56.04
C TRP D 415 -47.53 -9.13 55.53
N VAL D 416 -47.15 -8.77 54.31
CA VAL D 416 -47.63 -7.52 53.74
C VAL D 416 -49.08 -7.66 53.26
N ASP D 417 -49.47 -8.87 52.83
CA ASP D 417 -50.80 -9.08 52.27
C ASP D 417 -51.90 -8.81 53.28
N ILE D 418 -51.75 -9.32 54.50
CA ILE D 418 -52.86 -9.38 55.44
C ILE D 418 -52.94 -8.11 56.27
N GLY D 419 -52.20 -7.07 55.86
CA GLY D 419 -52.31 -5.78 56.49
C GLY D 419 -51.29 -5.46 57.55
N ARG D 420 -50.23 -6.27 57.69
CA ARG D 420 -49.24 -6.08 58.73
C ARG D 420 -47.98 -5.38 58.22
N GLU D 421 -48.13 -4.41 57.30
CA GLU D 421 -46.96 -3.70 56.79
C GLU D 421 -46.20 -2.99 57.89
N GLU D 422 -46.93 -2.42 58.86
CA GLU D 422 -46.28 -1.76 59.99
C GLU D 422 -45.38 -2.73 60.75
N VAL D 423 -45.80 -4.00 60.85
CA VAL D 423 -44.98 -4.99 61.55
C VAL D 423 -43.69 -5.25 60.79
N VAL D 424 -43.76 -5.33 59.46
CA VAL D 424 -42.54 -5.51 58.66
C VAL D 424 -41.61 -4.33 58.83
N LYS D 425 -42.17 -3.10 58.79
CA LYS D 425 -41.35 -1.91 59.00
C LYS D 425 -40.64 -1.96 60.35
N LYS D 426 -41.41 -2.23 61.41
CA LYS D 426 -40.83 -2.30 62.75
C LYS D 426 -39.79 -3.40 62.86
N PHE D 427 -39.97 -4.51 62.13
CA PHE D 427 -38.98 -5.58 62.16
C PHE D 427 -37.67 -5.13 61.52
N PHE D 428 -37.74 -4.49 60.36
CA PHE D 428 -36.52 -4.00 59.73
C PHE D 428 -35.83 -2.97 60.61
N GLU D 429 -36.60 -2.10 61.27
CA GLU D 429 -36.00 -1.15 62.20
C GLU D 429 -35.33 -1.85 63.37
N LYS D 430 -35.96 -2.91 63.89
CA LYS D 430 -35.35 -3.64 65.00
C LYS D 430 -34.05 -4.32 64.56
N VAL D 431 -34.02 -4.88 63.35
CA VAL D 431 -32.79 -5.47 62.83
C VAL D 431 -31.70 -4.42 62.72
N LEU D 432 -32.04 -3.24 62.18
CA LEU D 432 -31.06 -2.16 62.09
C LEU D 432 -30.54 -1.78 63.47
N GLU D 433 -31.43 -1.71 64.47
CA GLU D 433 -31.00 -1.31 65.80
C GLU D 433 -30.10 -2.36 66.42
N ALA D 434 -30.43 -3.64 66.23
CA ALA D 434 -29.59 -4.71 66.76
C ALA D 434 -28.22 -4.71 66.10
N VAL D 435 -28.17 -4.42 64.80
CA VAL D 435 -26.88 -4.36 64.10
C VAL D 435 -26.05 -3.19 64.60
N LYS D 436 -26.68 -2.02 64.76
CA LYS D 436 -25.95 -0.87 65.28
C LYS D 436 -25.48 -1.10 66.71
N GLU D 437 -26.24 -1.85 67.50
CA GLU D 437 -25.82 -2.16 68.87
C GLU D 437 -24.67 -3.16 68.88
N GLY D 438 -24.69 -4.13 67.96
CA GLY D 438 -23.66 -5.15 67.94
C GLY D 438 -22.27 -4.59 67.70
N GLY D 439 -22.18 -3.39 67.13
CA GLY D 439 -20.88 -2.80 66.88
C GLY D 439 -20.15 -3.50 65.75
N ASN D 440 -18.82 -3.46 65.83
CA ASN D 440 -17.94 -4.00 64.80
C ASN D 440 -17.37 -5.36 65.17
N ASP D 441 -17.96 -6.06 66.13
CA ASP D 441 -17.51 -7.40 66.51
C ASP D 441 -18.14 -8.40 65.56
N MET D 442 -17.38 -8.81 64.55
CA MET D 442 -17.93 -9.57 63.44
C MET D 442 -18.40 -10.97 63.85
N ILE D 443 -17.98 -11.47 65.02
CA ILE D 443 -18.54 -12.73 65.50
C ILE D 443 -20.03 -12.57 65.81
N GLU D 444 -20.42 -11.43 66.37
CA GLU D 444 -21.83 -11.20 66.65
C GLU D 444 -22.63 -11.06 65.38
N ILE D 445 -22.10 -10.34 64.38
CA ILE D 445 -22.80 -10.22 63.11
C ILE D 445 -22.92 -11.57 62.42
N LYS D 446 -21.88 -12.41 62.52
CA LYS D 446 -21.95 -13.74 61.92
C LYS D 446 -23.03 -14.59 62.57
N LYS D 447 -23.05 -14.60 63.92
CA LYS D 447 -24.05 -15.38 64.64
C LYS D 447 -25.46 -14.86 64.36
N LEU D 448 -25.62 -13.54 64.29
CA LEU D 448 -26.92 -12.95 63.97
C LEU D 448 -27.36 -13.32 62.55
N GLU D 449 -26.42 -13.32 61.61
CA GLU D 449 -26.74 -13.72 60.24
C GLU D 449 -27.21 -15.16 60.20
N GLU D 450 -26.48 -16.06 60.88
CA GLU D 450 -26.84 -17.47 60.88
C GLU D 450 -28.19 -17.69 61.55
N ILE D 451 -28.47 -16.95 62.62
CA ILE D 451 -29.75 -17.15 63.32
C ILE D 451 -30.89 -16.47 62.56
N LEU D 452 -30.58 -15.53 61.66
CA LEU D 452 -31.62 -14.79 60.96
C LEU D 452 -32.03 -15.47 59.65
N LEU D 453 -31.08 -16.05 58.91
CA LEU D 453 -31.41 -16.53 57.57
C LEU D 453 -32.34 -17.74 57.55
N ASP D 454 -32.39 -18.54 58.60
CA ASP D 454 -33.21 -19.75 58.57
C ASP D 454 -34.68 -19.38 58.72
N PRO D 455 -35.55 -19.79 57.79
CA PRO D 455 -36.91 -19.25 57.74
C PRO D 455 -37.74 -19.46 59.00
N GLU D 456 -37.51 -20.54 59.74
CA GLU D 456 -38.31 -20.78 60.94
C GLU D 456 -38.08 -19.68 61.98
N LYS D 457 -36.81 -19.35 62.24
CA LYS D 457 -36.51 -18.29 63.20
C LYS D 457 -36.95 -16.93 62.66
N PHE D 458 -36.89 -16.76 61.34
CA PHE D 458 -37.40 -15.53 60.75
C PHE D 458 -38.90 -15.37 61.01
N GLU D 459 -39.66 -16.45 60.85
CA GLU D 459 -41.08 -16.40 61.17
C GLU D 459 -41.30 -16.13 62.65
N GLU D 460 -40.48 -16.74 63.51
CA GLU D 460 -40.59 -16.46 64.94
C GLU D 460 -40.34 -14.99 65.25
N LEU D 461 -39.33 -14.39 64.59
CA LEU D 461 -39.05 -12.97 64.82
C LEU D 461 -40.19 -12.09 64.34
N LEU D 462 -40.74 -12.36 63.16
CA LEU D 462 -41.88 -11.56 62.70
C LEU D 462 -43.08 -11.74 63.61
N LEU D 463 -43.24 -12.93 64.20
CA LEU D 463 -44.33 -13.12 65.16
C LEU D 463 -44.07 -12.39 66.46
N GLU D 464 -42.80 -12.20 66.83
CA GLU D 464 -42.47 -11.56 68.09
C GLU D 464 -42.57 -10.04 68.00
N VAL D 465 -42.31 -9.46 66.83
CA VAL D 465 -42.38 -8.01 66.68
C VAL D 465 -43.82 -7.56 66.54
N MET E 1 2.91 8.06 32.76
CA MET E 1 2.53 7.32 31.57
C MET E 1 1.71 6.09 31.93
N VAL E 2 2.09 5.43 33.03
CA VAL E 2 1.47 4.17 33.40
C VAL E 2 -0.01 4.36 33.72
N TYR E 3 -0.35 5.46 34.40
CA TYR E 3 -1.73 5.67 34.80
C TYR E 3 -2.65 5.85 33.59
N GLU E 4 -2.18 6.56 32.56
CA GLU E 4 -3.01 6.75 31.38
C GLU E 4 -3.23 5.44 30.64
N ARG E 5 -2.20 4.59 30.57
CA ARG E 5 -2.37 3.28 29.95
C ARG E 5 -3.33 2.41 30.74
N LEU E 6 -3.22 2.43 32.07
CA LEU E 6 -4.16 1.66 32.88
C LEU E 6 -5.59 2.16 32.72
N LYS E 7 -5.77 3.49 32.67
CA LYS E 7 -7.09 4.07 32.50
C LYS E 7 -7.69 3.67 31.15
N GLU E 8 -6.90 3.77 30.08
CA GLU E 8 -7.39 3.38 28.76
C GLU E 8 -7.70 1.90 28.70
N LEU E 9 -6.90 1.07 29.39
CA LEU E 9 -7.16 -0.37 29.36
C LEU E 9 -8.42 -0.73 30.13
N ILE E 10 -8.64 -0.08 31.28
CA ILE E 10 -9.87 -0.33 32.05
C ILE E 10 -11.08 0.13 31.26
N GLU E 11 -11.04 1.36 30.74
CA GLU E 11 -12.16 1.88 29.97
C GLU E 11 -12.28 1.21 28.60
N GLU E 12 -11.28 0.41 28.19
CA GLU E 12 -11.39 -0.31 26.94
C GLU E 12 -12.42 -1.42 27.01
N ASN E 13 -12.68 -1.95 28.20
CA ASN E 13 -13.64 -3.04 28.36
C ASN E 13 -15.05 -2.53 28.04
N PRO E 14 -15.78 -3.16 27.12
CA PRO E 14 -17.08 -2.61 26.73
C PRO E 14 -18.12 -2.64 27.84
N GLU E 15 -18.11 -3.69 28.66
CA GLU E 15 -19.04 -3.75 29.78
C GLU E 15 -18.80 -2.60 30.76
N ILE E 16 -17.53 -2.32 31.05
CA ILE E 16 -17.19 -1.19 31.92
C ILE E 16 -17.61 0.11 31.27
N GLN E 17 -17.51 0.21 29.94
CA GLN E 17 -18.00 1.39 29.24
C GLN E 17 -19.50 1.57 29.44
N GLU E 18 -20.25 0.47 29.39
CA GLU E 18 -21.69 0.56 29.59
C GLU E 18 -22.01 0.97 31.03
N ILE E 19 -21.27 0.44 32.00
CA ILE E 19 -21.45 0.85 33.39
C ILE E 19 -21.19 2.34 33.56
N LEU E 20 -20.05 2.80 33.04
CA LEU E 20 -19.71 4.22 33.16
C LEU E 20 -20.72 5.11 32.46
N GLU E 21 -21.25 4.65 31.32
CA GLU E 21 -22.27 5.41 30.63
C GLU E 21 -23.54 5.51 31.47
N LEU E 22 -23.92 4.40 32.12
CA LEU E 22 -25.08 4.41 32.99
C LEU E 22 -24.89 5.39 34.16
N TRP E 23 -23.69 5.40 34.74
CA TRP E 23 -23.46 6.31 35.87
C TRP E 23 -23.27 7.75 35.41
N LYS E 24 -22.90 7.98 34.16
CA LYS E 24 -22.84 9.34 33.64
C LYS E 24 -24.24 9.89 33.37
N PHE E 25 -25.14 9.05 32.84
CA PHE E 25 -26.50 9.51 32.56
C PHE E 25 -27.23 9.90 33.84
N ILE E 26 -27.08 9.11 34.89
CA ILE E 26 -27.96 9.23 36.05
C ILE E 26 -27.43 10.31 37.00
N GLY E 27 -26.40 11.03 36.56
CA GLY E 27 -25.92 12.18 37.32
C GLY E 27 -24.92 11.90 38.41
N ARG E 28 -24.38 10.68 38.48
CA ARG E 28 -23.40 10.32 39.50
C ARG E 28 -21.97 10.40 38.99
N GLU E 29 -21.69 11.37 38.12
CA GLU E 29 -20.35 11.49 37.52
C GLU E 29 -19.26 11.64 38.57
N ASP E 30 -19.58 12.30 39.70
CA ASP E 30 -18.55 12.54 40.70
C ASP E 30 -18.06 11.26 41.35
N VAL E 31 -18.88 10.20 41.35
CA VAL E 31 -18.41 8.92 41.87
C VAL E 31 -17.41 8.29 40.91
N VAL E 32 -17.61 8.46 39.60
CA VAL E 32 -16.63 7.99 38.65
C VAL E 32 -15.34 8.77 38.77
N GLU E 33 -15.44 10.10 38.98
CA GLU E 33 -14.23 10.89 39.17
C GLU E 33 -13.48 10.49 40.44
N LYS E 34 -14.20 10.27 41.54
CA LYS E 34 -13.56 9.80 42.76
C LYS E 34 -12.87 8.46 42.53
N LEU E 35 -13.52 7.54 41.82
CA LEU E 35 -12.92 6.23 41.58
C LEU E 35 -11.64 6.36 40.76
N PHE E 36 -11.67 7.17 39.70
CA PHE E 36 -10.46 7.32 38.90
C PHE E 36 -9.35 8.03 39.68
N GLU E 37 -9.70 8.98 40.54
CA GLU E 37 -8.70 9.61 41.40
C GLU E 37 -8.09 8.60 42.37
N VAL E 38 -8.92 7.68 42.89
CA VAL E 38 -8.39 6.66 43.79
C VAL E 38 -7.47 5.70 43.04
N ILE E 39 -7.81 5.35 41.80
CA ILE E 39 -6.91 4.51 41.01
C ILE E 39 -5.59 5.24 40.77
N LYS E 40 -5.65 6.52 40.41
CA LYS E 40 -4.43 7.31 40.22
C LYS E 40 -3.58 7.31 41.47
N TRP E 41 -4.19 7.55 42.63
CA TRP E 41 -3.43 7.64 43.86
C TRP E 41 -2.83 6.29 44.25
N ALA E 42 -3.57 5.20 44.02
CA ALA E 42 -3.03 3.88 44.33
C ALA E 42 -1.89 3.51 43.40
N VAL E 43 -1.96 3.90 42.13
CA VAL E 43 -0.85 3.65 41.22
C VAL E 43 0.38 4.44 41.65
N GLU E 44 0.17 5.70 42.03
CA GLU E 44 1.30 6.50 42.51
C GLU E 44 1.87 5.98 43.82
N GLU E 45 1.04 5.33 44.64
CA GLU E 45 1.53 4.64 45.82
C GLU E 45 2.24 3.34 45.47
N GLY E 46 1.97 2.76 44.30
CA GLY E 46 2.65 1.54 43.91
C GLY E 46 4.09 1.77 43.49
N GLY E 47 4.39 2.94 42.92
CA GLY E 47 5.76 3.30 42.60
C GLY E 47 6.40 2.44 41.53
N ASN E 48 7.49 1.76 41.88
CA ASN E 48 8.23 0.93 40.96
C ASN E 48 7.88 -0.55 41.08
N ASN E 49 6.84 -0.88 41.84
CA ASN E 49 6.40 -2.27 41.99
C ASN E 49 5.52 -2.62 40.81
N MET E 50 6.17 -3.02 39.71
CA MET E 50 5.43 -3.38 38.50
C MET E 50 4.56 -4.62 38.71
N VAL E 51 4.93 -5.49 39.64
CA VAL E 51 4.08 -6.63 39.94
C VAL E 51 2.76 -6.16 40.54
N PHE E 52 2.79 -5.11 41.36
CA PHE E 52 1.55 -4.59 41.94
C PHE E 52 0.72 -3.86 40.89
N ILE E 53 1.39 -3.17 39.96
CA ILE E 53 0.67 -2.56 38.84
C ILE E 53 0.01 -3.63 38.00
N SER E 54 0.68 -4.78 37.81
CA SER E 54 0.06 -5.89 37.10
C SER E 54 -1.15 -6.42 37.87
N LEU E 55 -1.04 -6.50 39.19
CA LEU E 55 -2.18 -6.93 39.99
C LEU E 55 -3.37 -5.98 39.81
N LEU E 56 -3.12 -4.67 39.81
CA LEU E 56 -4.21 -3.72 39.59
C LEU E 56 -4.77 -3.82 38.18
N LYS E 57 -3.91 -4.05 37.19
CA LYS E 57 -4.40 -4.24 35.82
C LYS E 57 -5.31 -5.46 35.74
N GLU E 58 -5.00 -6.50 36.50
CA GLU E 58 -5.85 -7.69 36.52
C GLU E 58 -7.17 -7.42 37.24
N ILE E 59 -7.09 -6.89 38.46
CA ILE E 59 -8.28 -6.78 39.30
C ILE E 59 -9.30 -5.83 38.69
N LEU E 60 -8.85 -4.71 38.13
CA LEU E 60 -9.78 -3.73 37.58
C LEU E 60 -10.21 -4.03 36.15
N SER E 61 -9.56 -4.98 35.46
CA SER E 61 -10.05 -5.40 34.16
C SER E 61 -11.37 -6.15 34.30
N ASN E 62 -11.54 -6.87 35.41
CA ASN E 62 -12.77 -7.60 35.67
C ASN E 62 -13.92 -6.61 35.84
N PRO E 63 -14.98 -6.69 35.02
CA PRO E 63 -16.07 -5.72 35.17
C PRO E 63 -16.82 -5.84 36.48
N GLU E 64 -16.90 -7.03 37.06
CA GLU E 64 -17.62 -7.21 38.32
C GLU E 64 -16.95 -6.44 39.45
N ILE E 65 -15.63 -6.53 39.53
CA ILE E 65 -14.89 -5.81 40.58
C ILE E 65 -15.08 -4.31 40.42
N PHE E 66 -15.04 -3.82 39.17
CA PHE E 66 -15.26 -2.40 38.93
C PHE E 66 -16.67 -1.99 39.35
N GLU E 67 -17.66 -2.84 39.08
CA GLU E 67 -19.02 -2.54 39.51
C GLU E 67 -19.10 -2.42 41.02
N ILE E 68 -18.48 -3.37 41.73
CA ILE E 68 -18.50 -3.33 43.19
C ILE E 68 -17.82 -2.07 43.69
N LEU E 69 -16.68 -1.72 43.09
CA LEU E 69 -15.96 -0.52 43.53
C LEU E 69 -16.77 0.73 43.29
N LEU E 70 -17.48 0.82 42.16
CA LEU E 70 -18.32 1.99 41.92
C LEU E 70 -19.44 2.08 42.95
N LYS E 71 -20.18 0.99 43.16
CA LYS E 71 -21.24 1.03 44.16
C LYS E 71 -20.73 1.23 45.57
N TRP E 72 -19.45 0.95 45.81
CA TRP E 72 -18.89 1.11 47.14
C TRP E 72 -18.30 2.49 47.37
N VAL E 73 -17.85 3.15 46.30
CA VAL E 73 -17.40 4.54 46.39
C VAL E 73 -18.60 5.48 46.40
N ASP E 74 -19.70 5.08 45.77
CA ASP E 74 -20.91 5.89 45.71
C ASP E 74 -21.36 6.35 47.09
N ILE E 75 -21.52 5.41 48.01
CA ILE E 75 -22.20 5.68 49.27
C ILE E 75 -21.24 6.27 50.30
N GLY E 76 -20.04 6.63 49.87
CA GLY E 76 -19.13 7.37 50.71
C GLY E 76 -18.07 6.55 51.43
N ARG E 77 -17.65 5.43 50.87
CA ARG E 77 -16.62 4.58 51.47
C ARG E 77 -15.35 4.57 50.63
N GLU E 78 -14.92 5.73 50.13
CA GLU E 78 -13.71 5.80 49.31
C GLU E 78 -12.48 5.44 50.12
N ASP E 79 -12.43 5.83 51.40
CA ASP E 79 -11.24 5.53 52.19
C ASP E 79 -11.12 4.05 52.50
N VAL E 80 -12.24 3.31 52.46
CA VAL E 80 -12.15 1.86 52.62
C VAL E 80 -11.44 1.23 51.43
N VAL E 81 -11.75 1.69 50.22
CA VAL E 81 -11.05 1.19 49.03
C VAL E 81 -9.58 1.59 49.08
N LYS E 82 -9.29 2.83 49.47
CA LYS E 82 -7.90 3.25 49.59
C LYS E 82 -7.14 2.36 50.57
N LYS E 83 -7.69 2.15 51.76
CA LYS E 83 -7.01 1.31 52.74
C LYS E 83 -6.86 -0.12 52.25
N LEU E 84 -7.85 -0.66 51.54
CA LEU E 84 -7.73 -2.02 51.03
C LEU E 84 -6.60 -2.13 50.01
N PHE E 85 -6.52 -1.18 49.09
CA PHE E 85 -5.42 -1.20 48.12
C PHE E 85 -4.08 -1.05 48.82
N SER E 86 -4.00 -0.20 49.84
CA SER E 86 -2.75 -0.04 50.58
C SER E 86 -2.35 -1.34 51.26
N VAL E 87 -3.32 -2.05 51.86
CA VAL E 87 -3.01 -3.30 52.54
C VAL E 87 -2.58 -4.37 51.54
N ILE E 88 -3.21 -4.40 50.36
CA ILE E 88 -2.75 -5.31 49.31
C ILE E 88 -1.32 -5.00 48.90
N LYS E 89 -1.01 -3.71 48.73
CA LYS E 89 0.35 -3.32 48.36
C LYS E 89 1.36 -3.71 49.43
N GLN E 90 0.98 -3.57 50.71
CA GLN E 90 1.88 -3.99 51.77
C GLN E 90 2.06 -5.51 51.80
N ALA E 91 0.99 -6.26 51.54
CA ALA E 91 1.10 -7.71 51.53
C ALA E 91 1.93 -8.21 50.35
N VAL E 92 1.93 -7.48 49.24
CA VAL E 92 2.76 -7.88 48.10
C VAL E 92 4.21 -7.44 48.29
N GLU E 93 4.42 -6.25 48.88
CA GLU E 93 5.78 -5.75 49.08
C GLU E 93 6.54 -6.61 50.08
N ASP E 94 5.98 -6.79 51.29
CA ASP E 94 6.65 -7.61 52.30
C ASP E 94 6.59 -9.09 51.96
N GLY E 95 5.74 -9.48 51.01
CA GLY E 95 5.59 -10.88 50.64
C GLY E 95 6.66 -11.43 49.74
N GLY E 96 7.64 -10.61 49.35
CA GLY E 96 8.65 -11.07 48.44
C GLY E 96 8.07 -11.28 47.04
N ASN E 97 8.76 -12.12 46.27
CA ASN E 97 8.37 -12.40 44.90
C ASN E 97 8.24 -13.89 44.64
N ASN E 98 7.65 -14.62 45.59
CA ASN E 98 7.28 -16.01 45.36
C ASN E 98 6.13 -16.03 44.37
N MET E 99 6.42 -16.38 43.12
CA MET E 99 5.44 -16.19 42.05
C MET E 99 4.19 -17.04 42.22
N VAL E 100 4.29 -18.18 42.92
CA VAL E 100 3.10 -18.97 43.16
C VAL E 100 2.20 -18.28 44.19
N PHE E 101 2.80 -17.59 45.16
CA PHE E 101 2.02 -16.80 46.11
C PHE E 101 1.32 -15.65 45.42
N LEU E 102 2.02 -14.97 44.50
CA LEU E 102 1.38 -13.92 43.74
C LEU E 102 0.30 -14.48 42.81
N SER E 103 0.47 -15.72 42.34
CA SER E 103 -0.59 -16.36 41.57
C SER E 103 -1.83 -16.59 42.43
N LEU E 104 -1.63 -17.06 43.67
CA LEU E 104 -2.77 -17.24 44.57
C LEU E 104 -3.46 -15.92 44.87
N LEU E 105 -2.69 -14.84 45.05
CA LEU E 105 -3.33 -13.55 45.28
C LEU E 105 -4.09 -13.07 44.06
N LYS E 106 -3.50 -13.26 42.86
CA LYS E 106 -4.20 -12.85 41.65
C LYS E 106 -5.45 -13.68 41.42
N GLU E 107 -5.47 -14.91 41.91
CA GLU E 107 -6.66 -15.74 41.79
C GLU E 107 -7.74 -15.33 42.79
N LEU E 108 -7.36 -15.24 44.07
CA LEU E 108 -8.36 -15.02 45.12
C LEU E 108 -8.98 -13.64 45.04
N LEU E 109 -8.19 -12.62 44.70
CA LEU E 109 -8.70 -11.26 44.65
C LEU E 109 -9.45 -10.95 43.35
N SER E 110 -9.31 -11.78 42.32
CA SER E 110 -10.04 -11.60 41.08
C SER E 110 -11.40 -12.31 41.10
N ASN E 111 -11.92 -12.61 42.28
CA ASN E 111 -13.22 -13.26 42.43
C ASN E 111 -14.11 -12.35 43.28
N PRO E 112 -15.26 -11.90 42.76
CA PRO E 112 -16.07 -10.93 43.53
C PRO E 112 -16.49 -11.42 44.89
N GLU E 113 -16.76 -12.72 45.04
CA GLU E 113 -17.24 -13.25 46.30
C GLU E 113 -16.23 -13.10 47.43
N ILE E 114 -14.95 -12.97 47.08
CA ILE E 114 -13.90 -12.75 48.08
C ILE E 114 -13.63 -11.27 48.29
N PHE E 115 -13.64 -10.51 47.20
CA PHE E 115 -13.36 -9.08 47.28
C PHE E 115 -14.42 -8.36 48.10
N GLU E 116 -15.69 -8.79 47.98
CA GLU E 116 -16.74 -8.16 48.79
C GLU E 116 -16.50 -8.39 50.28
N ILE E 117 -16.15 -9.62 50.67
CA ILE E 117 -15.91 -9.91 52.08
C ILE E 117 -14.70 -9.13 52.58
N LEU E 118 -13.67 -9.00 51.73
CA LEU E 118 -12.50 -8.24 52.15
C LEU E 118 -12.82 -6.77 52.35
N LEU E 119 -13.63 -6.19 51.46
CA LEU E 119 -14.08 -4.81 51.68
C LEU E 119 -14.86 -4.69 52.98
N LEU E 120 -15.80 -5.60 53.20
CA LEU E 120 -16.60 -5.54 54.42
C LEU E 120 -15.74 -5.66 55.67
N TRP E 121 -14.68 -6.47 55.61
CA TRP E 121 -13.83 -6.68 56.78
C TRP E 121 -12.83 -5.56 56.97
N VAL E 122 -12.48 -4.85 55.89
CA VAL E 122 -11.65 -3.66 56.02
C VAL E 122 -12.45 -2.48 56.53
N GLU E 123 -13.75 -2.43 56.21
CA GLU E 123 -14.57 -1.28 56.58
C GLU E 123 -14.70 -1.15 58.10
N ILE E 124 -14.78 -2.27 58.81
CA ILE E 124 -15.07 -2.23 60.25
C ILE E 124 -13.78 -1.98 61.03
N ASN E 125 -12.69 -1.67 60.31
CA ASN E 125 -11.38 -1.30 60.86
C ASN E 125 -10.60 -2.49 61.36
N ARG E 126 -10.90 -3.70 60.90
CA ARG E 126 -10.11 -4.89 61.21
C ARG E 126 -9.11 -5.14 60.08
N GLU E 127 -8.19 -4.18 59.93
CA GLU E 127 -7.16 -4.29 58.90
C GLU E 127 -6.18 -5.42 59.22
N ASP E 128 -5.76 -5.52 60.48
CA ASP E 128 -4.74 -6.49 60.84
C ASP E 128 -5.22 -7.92 60.65
N VAL E 129 -6.53 -8.17 60.68
CA VAL E 129 -7.01 -9.52 60.43
C VAL E 129 -6.72 -9.92 58.99
N VAL E 130 -7.00 -9.03 58.04
CA VAL E 130 -6.69 -9.31 56.64
C VAL E 130 -5.18 -9.42 56.44
N LYS E 131 -4.41 -8.54 57.08
CA LYS E 131 -2.96 -8.61 56.94
C LYS E 131 -2.42 -9.94 57.43
N LYS E 132 -2.82 -10.36 58.63
CA LYS E 132 -2.35 -11.65 59.15
C LYS E 132 -2.87 -12.81 58.33
N PHE E 133 -4.04 -12.67 57.70
CA PHE E 133 -4.54 -13.78 56.89
C PHE E 133 -3.68 -13.94 55.64
N PHE E 134 -3.35 -12.84 54.97
CA PHE E 134 -2.44 -12.95 53.84
C PHE E 134 -1.07 -13.44 54.26
N ASP E 135 -0.62 -13.09 55.47
CA ASP E 135 0.64 -13.62 55.96
C ASP E 135 0.57 -15.12 56.16
N VAL E 136 -0.55 -15.62 56.70
CA VAL E 136 -0.73 -17.06 56.88
C VAL E 136 -0.76 -17.77 55.54
N ILE E 137 -1.37 -17.15 54.53
CA ILE E 137 -1.36 -17.75 53.19
C ILE E 137 0.09 -17.86 52.69
N LYS E 138 0.86 -16.77 52.77
CA LYS E 138 2.24 -16.83 52.32
C LYS E 138 3.04 -17.88 53.08
N TRP E 139 2.81 -17.99 54.39
CA TRP E 139 3.54 -18.97 55.18
C TRP E 139 3.18 -20.39 54.76
N ALA E 140 1.90 -20.66 54.52
CA ALA E 140 1.51 -21.99 54.07
C ALA E 140 2.09 -22.30 52.70
N VAL E 141 2.23 -21.29 51.85
CA VAL E 141 2.84 -21.50 50.53
C VAL E 141 4.31 -21.87 50.68
N GLU E 142 5.06 -21.10 51.47
CA GLU E 142 6.47 -21.42 51.68
C GLU E 142 6.64 -22.74 52.43
N ARG E 143 5.66 -23.13 53.25
CA ARG E 143 5.72 -24.41 53.94
C ARG E 143 5.51 -25.56 52.98
N GLY E 144 4.59 -25.40 52.03
CA GLY E 144 4.36 -26.45 51.04
C GLY E 144 5.56 -26.67 50.14
N GLY E 145 6.30 -25.62 49.83
CA GLY E 145 7.38 -25.72 48.88
C GLY E 145 6.87 -26.11 47.51
N ASN E 146 7.71 -26.78 46.74
CA ASN E 146 7.28 -27.28 45.44
C ASN E 146 6.66 -28.66 45.60
N ASN E 147 5.33 -28.70 45.49
CA ASN E 147 4.55 -29.92 45.57
C ASN E 147 3.18 -29.60 44.98
N PRO E 148 3.06 -29.52 43.66
CA PRO E 148 1.89 -28.84 43.07
C PRO E 148 0.55 -29.45 43.44
N LYS E 149 0.49 -30.71 43.85
CA LYS E 149 -0.79 -31.30 44.26
C LYS E 149 -1.34 -30.58 45.49
N PHE E 150 -0.48 -30.31 46.47
CA PHE E 150 -0.93 -29.65 47.69
C PHE E 150 -1.28 -28.19 47.43
N LEU E 151 -0.52 -27.52 46.55
CA LEU E 151 -0.87 -26.14 46.22
C LEU E 151 -2.18 -26.06 45.43
N SER E 152 -2.46 -27.05 44.58
CA SER E 152 -3.76 -27.10 43.94
C SER E 152 -4.88 -27.29 44.95
N LEU E 153 -4.66 -28.20 45.92
CA LEU E 153 -5.64 -28.37 46.99
C LEU E 153 -5.87 -27.08 47.75
N LEU E 154 -4.79 -26.38 48.09
CA LEU E 154 -4.90 -25.11 48.82
C LEU E 154 -5.67 -24.07 48.01
N LYS E 155 -5.35 -23.96 46.72
CA LYS E 155 -6.07 -23.01 45.87
C LYS E 155 -7.56 -23.33 45.82
N LEU E 156 -7.89 -24.61 45.66
CA LEU E 156 -9.30 -24.98 45.59
C LEU E 156 -10.02 -24.73 46.91
N ILE E 157 -9.33 -24.95 48.04
CA ILE E 157 -9.94 -24.72 49.34
C ILE E 157 -10.17 -23.24 49.58
N LEU E 158 -9.16 -22.41 49.32
CA LEU E 158 -9.30 -20.98 49.59
C LEU E 158 -10.28 -20.32 48.63
N SER E 159 -10.34 -20.80 47.38
CA SER E 159 -11.25 -20.20 46.42
C SER E 159 -12.72 -20.37 46.82
N ASN E 160 -13.01 -21.35 47.66
CA ASN E 160 -14.37 -21.53 48.15
C ASN E 160 -14.69 -20.44 49.18
N PRO E 161 -15.70 -19.59 48.93
CA PRO E 161 -15.92 -18.46 49.84
C PRO E 161 -16.26 -18.85 51.27
N GLU E 162 -16.92 -19.99 51.48
CA GLU E 162 -17.31 -20.38 52.83
C GLU E 162 -16.09 -20.68 53.70
N ILE E 163 -15.15 -21.48 53.17
CA ILE E 163 -13.93 -21.77 53.89
C ILE E 163 -13.11 -20.51 54.09
N PHE E 164 -13.17 -19.59 53.13
CA PHE E 164 -12.46 -18.32 53.27
C PHE E 164 -13.01 -17.51 54.42
N LYS E 165 -14.34 -17.44 54.54
CA LYS E 165 -14.95 -16.75 55.68
C LYS E 165 -14.59 -17.43 57.00
N ILE E 166 -14.61 -18.76 57.03
CA ILE E 166 -14.26 -19.47 58.26
C ILE E 166 -12.82 -19.16 58.67
N LEU E 167 -11.91 -19.17 57.69
CA LEU E 167 -10.51 -18.86 57.99
C LEU E 167 -10.36 -17.42 58.47
N LEU E 168 -11.05 -16.48 57.84
CA LEU E 168 -11.00 -15.09 58.32
C LEU E 168 -11.48 -15.01 59.76
N LEU E 169 -12.56 -15.72 60.09
CA LEU E 169 -13.09 -15.66 61.44
C LEU E 169 -12.10 -16.25 62.44
N TRP E 170 -11.42 -17.34 62.08
CA TRP E 170 -10.46 -17.93 63.01
C TRP E 170 -9.21 -17.08 63.16
N VAL E 171 -8.79 -16.38 62.09
CA VAL E 171 -7.64 -15.48 62.22
C VAL E 171 -8.00 -14.27 63.07
N TYR E 172 -9.26 -13.81 62.97
CA TYR E 172 -9.71 -12.72 63.83
C TYR E 172 -9.57 -13.08 65.30
N GLU E 173 -9.97 -14.29 65.67
CA GLU E 173 -9.97 -14.75 67.05
C GLU E 173 -8.58 -15.09 67.60
N ASN E 174 -7.49 -14.77 66.90
CA ASN E 174 -6.10 -14.97 67.31
C ASN E 174 -5.68 -16.44 67.26
N LYS E 175 -6.42 -17.30 66.57
CA LYS E 175 -6.12 -18.73 66.51
C LYS E 175 -5.28 -19.09 65.28
N GLU E 176 -4.44 -18.18 64.80
CA GLU E 176 -3.66 -18.45 63.59
C GLU E 176 -2.80 -19.70 63.74
N GLU E 177 -2.36 -20.01 64.96
CA GLU E 177 -1.57 -21.22 65.17
C GLU E 177 -2.39 -22.47 64.86
N VAL E 178 -3.69 -22.45 65.14
CA VAL E 178 -4.53 -23.59 64.82
C VAL E 178 -4.61 -23.80 63.31
N VAL E 179 -4.76 -22.70 62.56
CA VAL E 179 -4.83 -22.79 61.10
C VAL E 179 -3.49 -23.29 60.54
N LYS E 180 -2.39 -22.83 61.12
CA LYS E 180 -1.08 -23.34 60.69
C LYS E 180 -0.97 -24.85 60.93
N LYS E 181 -1.40 -25.31 62.11
CA LYS E 181 -1.39 -26.74 62.38
C LYS E 181 -2.26 -27.50 61.38
N LEU E 182 -3.41 -26.92 61.01
CA LEU E 182 -4.28 -27.59 60.06
C LEU E 182 -3.62 -27.71 58.70
N PHE E 183 -2.99 -26.63 58.22
CA PHE E 183 -2.30 -26.73 56.94
C PHE E 183 -1.12 -27.69 57.00
N ASP E 184 -0.45 -27.80 58.16
CA ASP E 184 0.58 -28.82 58.29
C ASP E 184 0.00 -30.23 58.19
N VAL E 185 -1.17 -30.45 58.80
CA VAL E 185 -1.79 -31.78 58.71
C VAL E 185 -2.20 -32.08 57.27
N LEU E 186 -2.70 -31.07 56.55
CA LEU E 186 -3.05 -31.28 55.14
C LEU E 186 -1.80 -31.59 54.32
N LEU E 187 -0.70 -30.89 54.58
CA LEU E 187 0.53 -31.19 53.85
C LEU E 187 1.00 -32.61 54.12
N TYR E 188 0.95 -33.05 55.37
CA TYR E 188 1.38 -34.39 55.72
C TYR E 188 0.40 -35.46 55.26
N ALA E 189 -0.84 -35.09 54.96
CA ALA E 189 -1.76 -36.04 54.35
C ALA E 189 -1.51 -36.14 52.85
N VAL E 190 -1.23 -35.02 52.18
CA VAL E 190 -1.04 -35.04 50.73
C VAL E 190 0.29 -35.71 50.39
N LYS E 191 1.34 -35.45 51.16
CA LYS E 191 2.63 -36.08 50.88
C LYS E 191 2.56 -37.59 51.07
N GLU E 192 1.85 -38.05 52.12
CA GLU E 192 1.74 -39.48 52.36
C GLU E 192 0.79 -40.15 51.36
N GLY E 193 -0.25 -39.45 50.93
CA GLY E 193 -1.11 -40.01 49.90
C GLY E 193 -0.37 -40.31 48.62
N GLY E 194 0.59 -39.46 48.25
CA GLY E 194 1.42 -39.65 47.09
C GLY E 194 0.61 -39.74 45.81
N ASP E 195 1.14 -40.50 44.85
CA ASP E 195 0.48 -40.65 43.56
C ASP E 195 -0.66 -41.64 43.70
N ASN E 196 -1.85 -41.12 44.00
CA ASN E 196 -3.07 -41.90 44.01
C ASN E 196 -4.23 -40.94 43.85
N GLU E 197 -4.88 -40.97 42.68
CA GLU E 197 -5.88 -39.93 42.38
C GLU E 197 -7.16 -40.10 43.17
N LYS E 198 -7.50 -41.34 43.55
CA LYS E 198 -8.76 -41.55 44.26
C LYS E 198 -8.73 -40.91 45.65
N PHE E 199 -7.64 -41.09 46.38
CA PHE E 199 -7.54 -40.51 47.72
C PHE E 199 -7.46 -39.00 47.68
N LEU E 200 -6.78 -38.44 46.68
CA LEU E 200 -6.74 -36.99 46.52
C LEU E 200 -8.11 -36.44 46.15
N GLU E 201 -8.86 -37.18 45.32
CA GLU E 201 -10.23 -36.78 45.00
C GLU E 201 -11.09 -36.78 46.25
N LEU E 202 -10.96 -37.80 47.09
CA LEU E 202 -11.67 -37.81 48.36
C LEU E 202 -11.29 -36.61 49.22
N LEU E 203 -10.00 -36.30 49.31
CA LEU E 203 -9.59 -35.15 50.12
C LEU E 203 -10.20 -33.85 49.60
N LYS E 204 -10.08 -33.60 48.30
CA LYS E 204 -10.56 -32.33 47.76
C LYS E 204 -12.08 -32.25 47.82
N GLU E 205 -12.77 -33.39 47.76
CA GLU E 205 -14.22 -33.38 47.92
C GLU E 205 -14.60 -33.11 49.38
N ILE E 206 -14.01 -33.85 50.30
CA ILE E 206 -14.40 -33.78 51.71
C ILE E 206 -14.07 -32.42 52.30
N LEU E 207 -12.85 -31.91 52.05
CA LEU E 207 -12.45 -30.65 52.66
C LEU E 207 -13.23 -29.46 52.12
N SER E 208 -13.86 -29.59 50.95
CA SER E 208 -14.67 -28.51 50.43
C SER E 208 -16.02 -28.39 51.14
N ASN E 209 -16.44 -29.44 51.84
CA ASN E 209 -17.68 -29.42 52.60
C ASN E 209 -17.44 -28.65 53.89
N PRO E 210 -18.10 -27.49 54.08
CA PRO E 210 -17.72 -26.61 55.20
C PRO E 210 -17.82 -27.25 56.58
N GLU E 211 -18.82 -28.11 56.80
CA GLU E 211 -19.00 -28.71 58.12
C GLU E 211 -17.80 -29.54 58.53
N ILE E 212 -17.24 -30.30 57.59
CA ILE E 212 -16.08 -31.13 57.90
C ILE E 212 -14.88 -30.26 58.25
N PHE E 213 -14.68 -29.17 57.50
CA PHE E 213 -13.58 -28.26 57.80
C PHE E 213 -13.74 -27.62 59.17
N GLU E 214 -14.97 -27.24 59.52
CA GLU E 214 -15.22 -26.68 60.84
C GLU E 214 -14.91 -27.70 61.93
N ILE E 215 -15.34 -28.95 61.75
CA ILE E 215 -15.05 -29.99 62.75
C ILE E 215 -13.56 -30.23 62.87
N LEU E 216 -12.84 -30.27 61.74
CA LEU E 216 -11.39 -30.46 61.78
C LEU E 216 -10.71 -29.32 62.53
N LEU E 217 -11.13 -28.08 62.27
CA LEU E 217 -10.55 -26.95 62.99
C LEU E 217 -10.83 -27.05 64.48
N GLU E 218 -12.06 -27.43 64.85
CA GLU E 218 -12.38 -27.58 66.27
C GLU E 218 -11.52 -28.65 66.92
N TRP E 219 -11.21 -29.73 66.19
CA TRP E 219 -10.41 -30.80 66.78
C TRP E 219 -8.94 -30.45 66.87
N VAL E 220 -8.39 -29.77 65.86
CA VAL E 220 -6.98 -29.36 65.97
C VAL E 220 -6.82 -28.20 66.93
N GLU E 221 -7.91 -27.49 67.25
CA GLU E 221 -7.84 -26.43 68.26
C GLU E 221 -7.58 -27.02 69.64
N GLU E 222 -8.14 -28.20 69.92
CA GLU E 222 -7.88 -28.90 71.17
C GLU E 222 -6.54 -29.62 71.17
N ASN E 223 -5.68 -29.37 70.17
CA ASN E 223 -4.38 -30.01 70.05
C ASN E 223 -4.54 -31.54 69.91
N LYS E 224 -5.34 -31.94 68.95
CA LYS E 224 -5.60 -33.35 68.65
C LYS E 224 -5.12 -33.72 67.26
N GLU E 225 -4.02 -33.11 66.79
CA GLU E 225 -3.61 -33.26 65.40
C GLU E 225 -3.23 -34.69 65.08
N ASP E 226 -2.67 -35.43 66.04
CA ASP E 226 -2.32 -36.83 65.80
C ASP E 226 -3.56 -37.64 65.47
N VAL E 227 -4.69 -37.32 66.10
CA VAL E 227 -5.95 -38.01 65.81
C VAL E 227 -6.33 -37.80 64.35
N VAL E 228 -6.20 -36.56 63.86
CA VAL E 228 -6.53 -36.27 62.47
C VAL E 228 -5.58 -37.02 61.53
N LYS E 229 -4.29 -37.05 61.86
CA LYS E 229 -3.35 -37.80 61.03
C LYS E 229 -3.72 -39.28 60.96
N LYS E 230 -4.06 -39.86 62.11
CA LYS E 230 -4.47 -41.27 62.12
C LYS E 230 -5.74 -41.48 61.29
N LEU E 231 -6.68 -40.54 61.36
CA LEU E 231 -7.90 -40.68 60.57
C LEU E 231 -7.59 -40.66 59.08
N PHE E 232 -6.70 -39.76 58.64
CA PHE E 232 -6.34 -39.75 57.23
C PHE E 232 -5.60 -41.02 56.84
N ASP E 233 -4.80 -41.57 57.75
CA ASP E 233 -4.17 -42.86 57.47
C ASP E 233 -5.22 -43.97 57.29
N VAL E 234 -6.25 -43.97 58.14
CA VAL E 234 -7.30 -44.98 58.02
C VAL E 234 -8.07 -44.81 56.73
N ILE E 235 -8.31 -43.57 56.29
CA ILE E 235 -8.98 -43.38 55.02
C ILE E 235 -8.11 -43.87 53.86
N LYS E 236 -6.80 -43.60 53.92
CA LYS E 236 -5.90 -44.15 52.91
C LYS E 236 -5.97 -45.67 52.88
N TYR E 237 -5.98 -46.31 54.05
CA TYR E 237 -6.10 -47.76 54.12
C TYR E 237 -7.41 -48.22 53.49
N ALA E 238 -8.51 -47.54 53.79
CA ALA E 238 -9.80 -47.92 53.22
C ALA E 238 -9.79 -47.82 51.70
N VAL E 239 -9.16 -46.77 51.16
CA VAL E 239 -9.10 -46.60 49.72
C VAL E 239 -8.23 -47.69 49.09
N GLU E 240 -7.10 -47.99 49.71
CA GLU E 240 -6.23 -49.06 49.20
C GLU E 240 -6.96 -50.41 49.24
N ARG E 241 -7.77 -50.62 50.27
CA ARG E 241 -8.56 -51.85 50.35
C ARG E 241 -9.62 -51.90 49.25
N GLY E 242 -10.23 -50.75 48.95
CA GLY E 242 -11.26 -50.73 47.92
C GLY E 242 -10.71 -51.02 46.53
N GLY E 243 -9.60 -50.37 46.19
CA GLY E 243 -8.99 -50.55 44.88
C GLY E 243 -9.80 -49.89 43.78
N ASP E 244 -10.25 -50.68 42.81
CA ASP E 244 -11.14 -50.19 41.76
C ASP E 244 -12.46 -50.94 41.85
N ASN E 245 -13.43 -50.34 42.54
CA ASN E 245 -14.78 -50.88 42.63
C ASN E 245 -15.71 -49.72 42.97
N GLU E 246 -16.50 -49.27 41.99
CA GLU E 246 -17.16 -47.98 42.12
C GLU E 246 -18.20 -47.96 43.24
N LYS E 247 -18.83 -49.11 43.53
CA LYS E 247 -19.86 -49.12 44.56
C LYS E 247 -19.27 -48.84 45.94
N PHE E 248 -18.19 -49.53 46.30
CA PHE E 248 -17.57 -49.33 47.60
C PHE E 248 -16.98 -47.93 47.72
N TYR E 249 -16.31 -47.46 46.66
CA TYR E 249 -15.75 -46.12 46.67
C TYR E 249 -16.85 -45.07 46.81
N GLU E 250 -17.99 -45.29 46.16
CA GLU E 250 -19.10 -44.36 46.27
C GLU E 250 -19.64 -44.32 47.69
N LEU E 251 -19.85 -45.49 48.30
CA LEU E 251 -20.29 -45.53 49.69
C LEU E 251 -19.29 -44.85 50.61
N LEU E 252 -17.99 -45.07 50.36
CA LEU E 252 -16.96 -44.45 51.18
C LEU E 252 -17.04 -42.93 51.09
N LYS E 253 -17.13 -42.40 49.87
CA LYS E 253 -17.22 -40.96 49.69
C LYS E 253 -18.46 -40.39 50.36
N LEU E 254 -19.59 -41.09 50.23
CA LEU E 254 -20.83 -40.60 50.82
C LEU E 254 -20.76 -40.61 52.35
N LEU E 255 -20.37 -41.73 52.94
CA LEU E 255 -20.30 -41.83 54.39
C LEU E 255 -19.27 -40.87 54.98
N LEU E 256 -18.19 -40.57 54.25
CA LEU E 256 -17.23 -39.61 54.77
C LEU E 256 -17.72 -38.18 54.60
N SER E 257 -18.53 -37.90 53.57
CA SER E 257 -19.05 -36.54 53.41
C SER E 257 -20.04 -36.18 54.51
N ASN E 258 -20.78 -37.15 55.03
CA ASN E 258 -21.75 -36.91 56.09
C ASN E 258 -21.00 -36.53 57.37
N PRO E 259 -21.27 -35.36 57.96
CA PRO E 259 -20.47 -34.91 59.11
C PRO E 259 -20.65 -35.76 60.37
N GLU E 260 -21.83 -36.35 60.59
CA GLU E 260 -22.04 -37.13 61.80
C GLU E 260 -21.16 -38.37 61.81
N ILE E 261 -21.10 -39.09 60.68
CA ILE E 261 -20.24 -40.27 60.59
C ILE E 261 -18.78 -39.89 60.76
N PHE E 262 -18.39 -38.72 60.24
CA PHE E 262 -17.01 -38.28 60.37
C PHE E 262 -16.66 -37.96 61.83
N LYS E 263 -17.60 -37.33 62.55
CA LYS E 263 -17.40 -37.10 63.98
C LYS E 263 -17.28 -38.43 64.73
N ILE E 264 -18.11 -39.41 64.36
CA ILE E 264 -18.05 -40.72 65.00
C ILE E 264 -16.70 -41.37 64.76
N LEU E 265 -16.20 -41.29 63.52
CA LEU E 265 -14.89 -41.87 63.20
C LEU E 265 -13.79 -41.17 63.98
N LEU E 266 -13.85 -39.84 64.09
CA LEU E 266 -12.86 -39.12 64.89
C LEU E 266 -12.88 -39.58 66.34
N GLU E 267 -14.09 -39.72 66.92
CA GLU E 267 -14.19 -40.15 68.30
C GLU E 267 -13.63 -41.55 68.51
N TRP E 268 -13.88 -42.45 67.56
CA TRP E 268 -13.38 -43.82 67.71
C TRP E 268 -11.90 -43.96 67.36
N VAL E 269 -11.33 -43.02 66.61
CA VAL E 269 -9.89 -43.06 66.34
C VAL E 269 -9.12 -42.43 67.49
N GLU E 270 -9.66 -41.39 68.12
CA GLU E 270 -8.99 -40.74 69.24
C GLU E 270 -8.72 -41.72 70.37
N ILE E 271 -9.65 -42.64 70.61
CA ILE E 271 -9.59 -43.54 71.76
C ILE E 271 -8.56 -44.65 71.48
N ASN E 272 -7.88 -44.54 70.33
CA ASN E 272 -6.84 -45.50 69.91
C ASN E 272 -7.44 -46.87 69.60
N LYS E 273 -8.50 -46.87 68.79
CA LYS E 273 -9.16 -48.09 68.33
C LYS E 273 -9.29 -48.03 66.81
N GLU E 274 -8.20 -47.65 66.14
CA GLU E 274 -8.22 -47.51 64.69
C GLU E 274 -8.36 -48.87 64.00
N ASP E 275 -7.85 -49.93 64.61
CA ASP E 275 -7.95 -51.26 64.01
C ASP E 275 -9.40 -51.71 63.89
N VAL E 276 -10.25 -51.27 64.82
CA VAL E 276 -11.68 -51.57 64.72
C VAL E 276 -12.27 -50.93 63.47
N VAL E 277 -11.88 -49.67 63.19
CA VAL E 277 -12.36 -49.01 62.00
C VAL E 277 -11.84 -49.70 60.74
N LYS E 278 -10.60 -50.20 60.78
CA LYS E 278 -10.07 -50.96 59.66
C LYS E 278 -10.91 -52.21 59.41
N LYS E 279 -11.17 -52.99 60.46
CA LYS E 279 -11.99 -54.18 60.31
C LYS E 279 -13.37 -53.84 59.79
N PHE E 280 -13.96 -52.74 60.26
CA PHE E 280 -15.31 -52.39 59.81
C PHE E 280 -15.32 -52.00 58.35
N PHE E 281 -14.29 -51.29 57.87
CA PHE E 281 -14.23 -51.01 56.45
C PHE E 281 -14.01 -52.28 55.64
N ASP E 282 -13.28 -53.24 56.19
CA ASP E 282 -13.20 -54.55 55.54
C ASP E 282 -14.58 -55.21 55.44
N VAL E 283 -15.39 -55.06 56.48
CA VAL E 283 -16.73 -55.66 56.46
C VAL E 283 -17.62 -54.95 55.43
N ILE E 284 -17.49 -53.63 55.30
CA ILE E 284 -18.21 -52.93 54.24
C ILE E 284 -17.80 -53.45 52.88
N LYS E 285 -16.49 -53.61 52.66
CA LYS E 285 -16.02 -54.14 51.38
C LYS E 285 -16.57 -55.53 51.11
N TRP E 286 -16.60 -56.38 52.13
CA TRP E 286 -17.15 -57.72 51.97
C TRP E 286 -18.63 -57.67 51.62
N ALA E 287 -19.40 -56.84 52.32
CA ALA E 287 -20.83 -56.74 52.03
C ALA E 287 -21.08 -56.27 50.61
N VAL E 288 -20.32 -55.28 50.14
CA VAL E 288 -20.52 -54.78 48.78
C VAL E 288 -20.12 -55.83 47.76
N GLU E 289 -19.02 -56.55 48.00
CA GLU E 289 -18.56 -57.55 47.04
C GLU E 289 -19.50 -58.75 47.01
N GLU E 290 -20.10 -59.10 48.13
CA GLU E 290 -21.04 -60.23 48.18
C GLU E 290 -22.39 -59.84 47.58
N GLY E 291 -22.80 -58.59 47.77
CA GLY E 291 -24.05 -58.13 47.16
C GLY E 291 -23.96 -58.10 45.65
N GLY E 292 -22.85 -57.59 45.12
CA GLY E 292 -22.60 -57.51 43.69
C GLY E 292 -23.66 -56.70 42.97
N ASP E 293 -23.88 -57.05 41.71
CA ASP E 293 -24.85 -56.35 40.87
C ASP E 293 -26.25 -56.77 41.29
N ASN E 294 -26.82 -56.01 42.22
CA ASN E 294 -28.14 -56.28 42.77
C ASN E 294 -28.66 -55.00 43.41
N PRO E 295 -29.19 -54.07 42.61
CA PRO E 295 -29.42 -52.70 43.12
C PRO E 295 -30.25 -52.63 44.39
N VAL E 296 -31.13 -53.60 44.63
CA VAL E 296 -31.95 -53.56 45.85
C VAL E 296 -31.06 -53.64 47.09
N PHE E 297 -30.15 -54.62 47.12
CA PHE E 297 -29.33 -54.82 48.31
C PHE E 297 -28.33 -53.68 48.50
N TYR E 298 -27.76 -53.19 47.39
CA TYR E 298 -26.86 -52.05 47.49
C TYR E 298 -27.59 -50.82 48.00
N ARG E 299 -28.83 -50.61 47.56
CA ARG E 299 -29.62 -49.48 48.04
C ARG E 299 -29.96 -49.64 49.52
N LEU E 300 -30.27 -50.86 49.94
CA LEU E 300 -30.50 -51.13 51.36
C LEU E 300 -29.27 -50.81 52.19
N LEU E 301 -28.08 -51.23 51.73
CA LEU E 301 -26.85 -50.90 52.45
C LEU E 301 -26.64 -49.39 52.53
N LYS E 302 -26.82 -48.70 51.40
CA LYS E 302 -26.63 -47.24 51.42
C LYS E 302 -27.62 -46.56 52.34
N LEU E 303 -28.83 -47.12 52.49
CA LEU E 303 -29.81 -46.56 53.42
C LEU E 303 -29.43 -46.85 54.87
N ILE E 304 -29.04 -48.08 55.17
CA ILE E 304 -28.78 -48.48 56.55
C ILE E 304 -27.53 -47.79 57.08
N LEU E 305 -26.40 -47.92 56.37
CA LEU E 305 -25.14 -47.40 56.90
C LEU E 305 -25.08 -45.88 56.94
N SER E 306 -26.03 -45.17 56.33
CA SER E 306 -26.08 -43.73 56.48
C SER E 306 -26.61 -43.33 57.85
N ASN E 307 -27.47 -44.15 58.44
CA ASN E 307 -28.04 -43.91 59.77
C ASN E 307 -26.93 -43.92 60.81
N PRO E 308 -26.77 -42.85 61.59
CA PRO E 308 -25.64 -42.80 62.53
C PRO E 308 -25.73 -43.80 63.66
N GLU E 309 -26.93 -44.05 64.20
CA GLU E 309 -27.04 -44.93 65.36
C GLU E 309 -26.69 -46.37 65.00
N ILE E 310 -27.15 -46.84 63.84
CA ILE E 310 -26.79 -48.19 63.38
C ILE E 310 -25.29 -48.30 63.18
N PHE E 311 -24.68 -47.26 62.62
CA PHE E 311 -23.23 -47.22 62.48
C PHE E 311 -22.55 -47.35 63.84
N LYS E 312 -23.03 -46.59 64.83
CA LYS E 312 -22.47 -46.64 66.18
C LYS E 312 -22.53 -48.06 66.73
N ILE E 313 -23.71 -48.68 66.69
CA ILE E 313 -23.87 -49.99 67.31
C ILE E 313 -23.09 -51.05 66.55
N LEU E 314 -22.98 -50.89 65.22
CA LEU E 314 -22.20 -51.84 64.43
C LEU E 314 -20.72 -51.75 64.77
N LEU E 315 -20.23 -50.53 65.06
CA LEU E 315 -18.84 -50.40 65.48
C LEU E 315 -18.56 -51.18 66.75
N GLU E 316 -19.44 -51.08 67.75
CA GLU E 316 -19.25 -51.83 68.98
C GLU E 316 -19.40 -53.32 68.76
N TRP E 317 -20.32 -53.72 67.88
CA TRP E 317 -20.48 -55.15 67.59
C TRP E 317 -19.27 -55.72 66.89
N VAL E 318 -18.56 -54.89 66.12
CA VAL E 318 -17.29 -55.32 65.52
C VAL E 318 -16.19 -55.33 66.57
N ASP E 319 -16.25 -54.40 67.52
CA ASP E 319 -15.19 -54.27 68.52
C ASP E 319 -14.97 -55.56 69.31
N ILE E 320 -16.05 -56.19 69.76
CA ILE E 320 -15.95 -57.31 70.69
C ILE E 320 -15.69 -58.60 69.92
N ASN E 321 -15.34 -58.47 68.63
CA ASN E 321 -15.00 -59.59 67.76
C ASN E 321 -16.23 -60.45 67.45
N ASN E 322 -17.25 -59.79 66.93
CA ASN E 322 -18.43 -60.43 66.39
C ASN E 322 -18.56 -60.11 64.90
N GLU E 323 -17.43 -60.12 64.20
CA GLU E 323 -17.42 -59.78 62.77
C GLU E 323 -18.25 -60.76 61.97
N ASP E 324 -18.12 -62.06 62.25
CA ASP E 324 -18.88 -63.05 61.49
C ASP E 324 -20.37 -62.88 61.71
N VAL E 325 -20.78 -62.35 62.87
CA VAL E 325 -22.20 -62.07 63.09
C VAL E 325 -22.68 -60.99 62.13
N VAL E 326 -21.92 -59.92 61.98
CA VAL E 326 -22.29 -58.86 61.05
C VAL E 326 -22.33 -59.39 59.62
N LYS E 327 -21.32 -60.19 59.25
CA LYS E 327 -21.29 -60.75 57.90
C LYS E 327 -22.49 -61.66 57.64
N LYS E 328 -22.80 -62.54 58.59
CA LYS E 328 -23.95 -63.42 58.42
C LYS E 328 -25.25 -62.64 58.36
N LEU E 329 -25.35 -61.53 59.11
CA LEU E 329 -26.55 -60.71 59.03
C LEU E 329 -26.70 -60.08 57.65
N PHE E 330 -25.61 -59.52 57.11
CA PHE E 330 -25.70 -58.98 55.75
C PHE E 330 -26.02 -60.06 54.74
N SER E 331 -25.53 -61.28 54.95
CA SER E 331 -25.86 -62.37 54.05
C SER E 331 -27.33 -62.75 54.13
N VAL E 332 -27.89 -62.77 55.35
CA VAL E 332 -29.31 -63.04 55.50
C VAL E 332 -30.16 -61.95 54.86
N ILE E 333 -29.70 -60.69 54.96
CA ILE E 333 -30.44 -59.60 54.31
C ILE E 333 -30.42 -59.77 52.79
N LYS E 334 -29.26 -60.13 52.23
CA LYS E 334 -29.21 -60.39 50.79
C LYS E 334 -30.11 -61.56 50.40
N GLN E 335 -30.10 -62.63 51.19
CA GLN E 335 -30.94 -63.78 50.88
C GLN E 335 -32.41 -63.42 50.93
N ALA E 336 -32.81 -62.57 51.88
CA ALA E 336 -34.19 -62.15 51.97
C ALA E 336 -34.58 -61.22 50.81
N VAL E 337 -33.64 -60.39 50.38
CA VAL E 337 -33.89 -59.55 49.21
C VAL E 337 -34.08 -60.41 47.96
N GLU E 338 -33.24 -61.43 47.80
CA GLU E 338 -33.37 -62.31 46.64
C GLU E 338 -34.67 -63.11 46.70
N ASP E 339 -35.01 -63.63 47.88
CA ASP E 339 -36.22 -64.44 48.01
C ASP E 339 -37.50 -63.64 47.80
N GLY E 340 -37.45 -62.32 48.03
CA GLY E 340 -38.62 -61.49 47.78
C GLY E 340 -38.92 -61.26 46.32
N GLY E 341 -37.95 -61.50 45.45
CA GLY E 341 -38.20 -61.34 44.02
C GLY E 341 -38.32 -59.87 43.66
N ASN E 342 -39.41 -59.53 42.96
CA ASN E 342 -39.67 -58.17 42.53
C ASN E 342 -40.92 -57.58 43.20
N ASN E 343 -41.41 -58.20 44.26
CA ASN E 343 -42.55 -57.69 45.02
C ASN E 343 -42.08 -56.48 45.83
N MET E 344 -42.29 -55.29 45.30
CA MET E 344 -41.67 -54.08 45.83
C MET E 344 -42.23 -53.67 47.19
N VAL E 345 -43.47 -54.04 47.51
CA VAL E 345 -44.03 -53.67 48.80
C VAL E 345 -43.40 -54.48 49.93
N PHE E 346 -43.09 -55.74 49.68
CA PHE E 346 -42.38 -56.53 50.68
C PHE E 346 -40.98 -55.98 50.91
N ILE E 347 -40.30 -55.59 49.83
CA ILE E 347 -38.99 -54.95 49.96
C ILE E 347 -39.11 -53.65 50.75
N ASP E 348 -40.19 -52.90 50.56
CA ASP E 348 -40.38 -51.70 51.35
C ASP E 348 -40.59 -52.02 52.83
N LEU E 349 -41.31 -53.11 53.12
CA LEU E 349 -41.45 -53.52 54.52
C LEU E 349 -40.11 -53.92 55.11
N LEU E 350 -39.27 -54.62 54.34
CA LEU E 350 -37.91 -54.91 54.81
C LEU E 350 -37.14 -53.62 55.08
N GLU E 351 -37.28 -52.63 54.20
CA GLU E 351 -36.59 -51.36 54.39
C GLU E 351 -37.05 -50.70 55.69
N LEU E 352 -38.35 -50.71 55.95
CA LEU E 352 -38.86 -50.09 57.18
C LEU E 352 -38.37 -50.84 58.41
N ILE E 353 -38.52 -52.17 58.42
CA ILE E 353 -38.16 -52.94 59.61
C ILE E 353 -36.66 -52.83 59.89
N LEU E 354 -35.83 -52.82 58.85
CA LEU E 354 -34.39 -52.73 59.05
C LEU E 354 -33.92 -51.31 59.29
N SER E 355 -34.73 -50.30 58.98
CA SER E 355 -34.32 -48.93 59.23
C SER E 355 -34.23 -48.63 60.72
N ASN E 356 -35.01 -49.31 61.55
CA ASN E 356 -35.04 -49.02 62.98
C ASN E 356 -33.80 -49.58 63.65
N PRO E 357 -33.10 -48.79 64.48
CA PRO E 357 -31.90 -49.32 65.14
C PRO E 357 -32.17 -50.47 66.10
N GLU E 358 -33.25 -50.39 66.88
CA GLU E 358 -33.51 -51.43 67.88
C GLU E 358 -33.81 -52.77 67.23
N ILE E 359 -34.48 -52.75 66.07
CA ILE E 359 -34.73 -53.98 65.34
C ILE E 359 -33.42 -54.57 64.84
N PHE E 360 -32.51 -53.72 64.37
CA PHE E 360 -31.20 -54.20 63.95
C PHE E 360 -30.43 -54.81 65.12
N GLU E 361 -30.56 -54.20 66.30
CA GLU E 361 -29.88 -54.75 67.47
C GLU E 361 -30.42 -56.14 67.82
N ILE E 362 -31.73 -56.26 67.92
CA ILE E 362 -32.28 -57.56 68.30
C ILE E 362 -32.03 -58.60 67.21
N LEU E 363 -31.95 -58.18 65.95
CA LEU E 363 -31.61 -59.11 64.88
C LEU E 363 -30.17 -59.59 65.02
N LEU E 364 -29.23 -58.67 65.29
CA LEU E 364 -27.86 -59.09 65.52
C LEU E 364 -27.77 -60.06 66.70
N LEU E 365 -28.52 -59.77 67.78
CA LEU E 365 -28.51 -60.66 68.92
C LEU E 365 -29.04 -62.05 68.55
N TRP E 366 -30.13 -62.11 67.79
CA TRP E 366 -30.71 -63.39 67.43
C TRP E 366 -29.80 -64.16 66.48
N VAL E 367 -29.11 -63.47 65.57
CA VAL E 367 -28.16 -64.13 64.69
C VAL E 367 -26.98 -64.66 65.48
N HIS E 368 -26.61 -63.96 66.57
CA HIS E 368 -25.46 -64.37 67.35
C HIS E 368 -25.68 -65.71 68.03
N ILE E 369 -26.90 -66.00 68.46
CA ILE E 369 -27.19 -67.20 69.24
C ILE E 369 -27.41 -68.38 68.30
N ASN E 370 -27.16 -68.18 67.01
CA ASN E 370 -27.30 -69.17 65.94
C ASN E 370 -28.77 -69.50 65.64
N ARG E 371 -29.68 -68.60 65.97
CA ARG E 371 -31.09 -68.76 65.60
C ARG E 371 -31.34 -68.16 64.24
N GLU E 372 -30.31 -68.14 63.40
CA GLU E 372 -30.41 -67.58 62.04
C GLU E 372 -31.63 -68.10 61.30
N ASP E 373 -31.84 -69.43 61.33
CA ASP E 373 -32.92 -70.02 60.57
C ASP E 373 -34.28 -69.51 61.04
N VAL E 374 -34.37 -69.06 62.30
CA VAL E 374 -35.58 -68.40 62.76
C VAL E 374 -35.82 -67.13 61.98
N VAL E 375 -34.82 -66.22 61.95
CA VAL E 375 -35.01 -64.94 61.29
C VAL E 375 -35.41 -65.13 59.84
N LYS E 376 -34.70 -66.02 59.13
CA LYS E 376 -35.08 -66.34 57.76
C LYS E 376 -36.55 -66.70 57.67
N LYS E 377 -36.99 -67.67 58.49
CA LYS E 377 -38.39 -68.06 58.45
C LYS E 377 -39.29 -66.85 58.67
N LEU E 378 -38.94 -65.99 59.63
CA LEU E 378 -39.78 -64.84 59.90
C LEU E 378 -39.95 -64.00 58.65
N PHE E 379 -38.83 -63.70 57.97
CA PHE E 379 -38.93 -62.92 56.74
C PHE E 379 -39.82 -63.62 55.74
N ASP E 380 -39.67 -64.94 55.59
CA ASP E 380 -40.53 -65.67 54.68
C ASP E 380 -41.99 -65.46 55.07
N VAL E 381 -42.29 -65.62 56.37
CA VAL E 381 -43.65 -65.42 56.83
C VAL E 381 -44.15 -64.04 56.44
N ILE E 382 -43.29 -63.01 56.62
CA ILE E 382 -43.72 -61.67 56.25
C ILE E 382 -44.08 -61.62 54.78
N LYS E 383 -43.22 -62.16 53.92
CA LYS E 383 -43.55 -62.20 52.50
C LYS E 383 -44.86 -62.95 52.28
N TRP E 384 -45.01 -64.09 52.96
CA TRP E 384 -46.23 -64.87 52.78
C TRP E 384 -47.46 -64.07 53.18
N ALA E 385 -47.32 -63.21 54.19
CA ALA E 385 -48.43 -62.33 54.54
C ALA E 385 -48.64 -61.29 53.45
N VAL E 386 -47.56 -60.65 53.00
CA VAL E 386 -47.67 -59.58 52.02
C VAL E 386 -48.26 -60.10 50.71
N GLU E 387 -47.88 -61.30 50.31
CA GLU E 387 -48.48 -61.90 49.13
C GLU E 387 -49.96 -62.18 49.36
N ASP E 388 -50.32 -62.63 50.56
CA ASP E 388 -51.72 -62.95 50.84
C ASP E 388 -52.55 -61.68 51.01
N GLY E 389 -51.94 -60.63 51.57
CA GLY E 389 -52.66 -59.40 51.81
C GLY E 389 -53.10 -58.67 50.56
N GLY E 390 -52.61 -59.08 49.39
CA GLY E 390 -53.01 -58.52 48.12
C GLY E 390 -52.95 -57.01 48.04
N ASN E 391 -53.95 -56.39 47.42
CA ASN E 391 -54.01 -54.95 47.21
C ASN E 391 -54.76 -54.21 48.31
N ASN E 392 -55.07 -54.87 49.42
CA ASN E 392 -55.78 -54.23 50.53
C ASN E 392 -54.81 -53.29 51.23
N MET E 393 -54.82 -52.02 50.79
CA MET E 393 -53.91 -51.03 51.35
C MET E 393 -54.10 -50.87 52.85
N VAL E 394 -55.32 -51.05 53.33
CA VAL E 394 -55.58 -50.93 54.76
C VAL E 394 -54.85 -52.03 55.53
N PHE E 395 -54.88 -53.26 55.02
CA PHE E 395 -54.20 -54.36 55.69
C PHE E 395 -52.69 -54.15 55.69
N ILE E 396 -52.14 -53.69 54.56
CA ILE E 396 -50.70 -53.44 54.51
C ILE E 396 -50.32 -52.31 55.46
N HIS E 397 -51.20 -51.31 55.60
CA HIS E 397 -50.95 -50.24 56.57
C HIS E 397 -50.91 -50.78 57.99
N LEU E 398 -51.90 -51.61 58.34
CA LEU E 398 -51.89 -52.23 59.67
C LEU E 398 -50.65 -53.08 59.87
N LEU E 399 -50.21 -53.80 58.84
CA LEU E 399 -49.03 -54.63 58.96
C LEU E 399 -47.77 -53.79 59.16
N ARG E 400 -47.68 -52.65 58.46
CA ARG E 400 -46.54 -51.76 58.64
C ARG E 400 -46.51 -51.20 60.05
N LYS E 401 -47.64 -50.69 60.54
CA LYS E 401 -47.67 -50.13 61.88
C LYS E 401 -47.46 -51.21 62.94
N LEU E 402 -47.86 -52.44 62.66
CA LEU E 402 -47.72 -53.52 63.62
C LEU E 402 -46.26 -53.92 63.80
N LEU E 403 -45.55 -54.15 62.69
CA LEU E 403 -44.18 -54.67 62.74
C LEU E 403 -43.16 -53.62 63.19
N SER E 404 -43.52 -52.34 63.20
CA SER E 404 -42.53 -51.31 63.53
C SER E 404 -42.09 -51.37 64.98
N ASN E 405 -42.95 -51.84 65.88
CA ASN E 405 -42.61 -51.85 67.29
C ASN E 405 -41.62 -52.97 67.59
N PRO E 406 -40.58 -52.70 68.39
CA PRO E 406 -39.60 -53.75 68.69
C PRO E 406 -40.16 -54.92 69.47
N GLU E 407 -41.08 -54.66 70.40
CA GLU E 407 -41.62 -55.74 71.23
C GLU E 407 -42.44 -56.72 70.39
N ILE E 408 -43.21 -56.21 69.43
CA ILE E 408 -43.98 -57.08 68.55
C ILE E 408 -43.05 -57.97 67.73
N PHE E 409 -41.98 -57.38 67.21
CA PHE E 409 -41.03 -58.15 66.42
C PHE E 409 -40.36 -59.22 67.27
N GLU E 410 -40.01 -58.90 68.51
CA GLU E 410 -39.39 -59.88 69.38
C GLU E 410 -40.36 -61.00 69.75
N ILE E 411 -41.64 -60.68 69.96
CA ILE E 411 -42.62 -61.71 70.27
C ILE E 411 -42.84 -62.61 69.06
N LEU E 412 -42.89 -62.05 67.86
CA LEU E 412 -43.01 -62.88 66.66
C LEU E 412 -41.81 -63.79 66.51
N LEU E 413 -40.61 -63.27 66.77
CA LEU E 413 -39.42 -64.12 66.71
C LEU E 413 -39.49 -65.24 67.74
N LEU E 414 -39.97 -64.94 68.94
CA LEU E 414 -40.10 -65.97 69.97
C LEU E 414 -41.09 -67.05 69.53
N TRP E 415 -42.25 -66.65 69.01
CA TRP E 415 -43.25 -67.62 68.61
C TRP E 415 -42.79 -68.46 67.42
N VAL E 416 -41.96 -67.88 66.55
CA VAL E 416 -41.39 -68.66 65.47
C VAL E 416 -40.35 -69.64 66.02
N ASP E 417 -39.59 -69.21 67.03
CA ASP E 417 -38.57 -70.08 67.63
C ASP E 417 -39.22 -71.28 68.31
N ILE E 418 -40.31 -71.06 69.06
CA ILE E 418 -40.93 -72.14 69.81
C ILE E 418 -41.52 -73.20 68.88
N GLY E 419 -41.77 -72.86 67.62
CA GLY E 419 -42.39 -73.78 66.70
C GLY E 419 -43.89 -73.61 66.56
N ARG E 420 -44.38 -72.39 66.66
CA ARG E 420 -45.80 -72.08 66.50
C ARG E 420 -46.03 -71.25 65.25
N GLU E 421 -45.30 -71.57 64.18
CA GLU E 421 -45.34 -70.78 62.96
C GLU E 421 -46.73 -70.75 62.34
N GLU E 422 -47.39 -71.91 62.28
CA GLU E 422 -48.74 -71.96 61.74
C GLU E 422 -49.70 -71.08 62.53
N VAL E 423 -49.46 -70.93 63.84
CA VAL E 423 -50.30 -70.04 64.63
C VAL E 423 -50.11 -68.59 64.21
N VAL E 424 -48.86 -68.18 63.94
CA VAL E 424 -48.61 -66.82 63.48
C VAL E 424 -49.24 -66.59 62.11
N LYS E 425 -49.11 -67.58 61.22
CA LYS E 425 -49.71 -67.46 59.89
C LYS E 425 -51.23 -67.33 59.99
N LYS E 426 -51.85 -68.16 60.83
CA LYS E 426 -53.30 -68.06 61.03
C LYS E 426 -53.68 -66.74 61.67
N PHE E 427 -52.78 -66.17 62.48
CA PHE E 427 -53.04 -64.86 63.07
C PHE E 427 -53.12 -63.79 61.98
N PHE E 428 -52.13 -63.75 61.09
CA PHE E 428 -52.20 -62.81 59.98
C PHE E 428 -53.43 -63.08 59.10
N GLU E 429 -53.78 -64.36 58.94
CA GLU E 429 -55.00 -64.69 58.20
C GLU E 429 -56.23 -64.08 58.87
N LYS E 430 -56.32 -64.19 60.19
CA LYS E 430 -57.46 -63.64 60.91
C LYS E 430 -57.49 -62.12 60.84
N VAL E 431 -56.32 -61.49 60.87
CA VAL E 431 -56.23 -60.05 60.68
C VAL E 431 -56.80 -59.66 59.32
N LEU E 432 -56.36 -60.36 58.27
CA LEU E 432 -56.90 -60.09 56.93
C LEU E 432 -58.40 -60.31 56.86
N GLU E 433 -58.88 -61.36 57.55
CA GLU E 433 -60.32 -61.64 57.55
C GLU E 433 -61.09 -60.51 58.23
N ALA E 434 -60.58 -59.99 59.34
CA ALA E 434 -61.24 -58.88 60.02
C ALA E 434 -61.19 -57.61 59.17
N VAL E 435 -60.11 -57.42 58.41
CA VAL E 435 -60.02 -56.24 57.56
C VAL E 435 -61.03 -56.32 56.43
N LYS E 436 -61.15 -57.49 55.79
CA LYS E 436 -62.12 -57.62 54.70
C LYS E 436 -63.56 -57.56 55.22
N GLU E 437 -63.83 -58.19 56.36
CA GLU E 437 -65.18 -58.19 56.92
C GLU E 437 -65.59 -56.80 57.38
N GLY E 438 -64.64 -56.03 57.92
CA GLY E 438 -64.94 -54.71 58.44
C GLY E 438 -65.20 -53.66 57.37
N GLY E 439 -65.03 -54.01 56.09
CA GLY E 439 -65.22 -53.05 55.02
C GLY E 439 -64.32 -51.84 55.18
N ASN E 440 -64.81 -50.68 54.78
CA ASN E 440 -64.07 -49.43 54.87
C ASN E 440 -64.81 -48.50 55.84
N ASP E 441 -64.50 -48.64 57.12
CA ASP E 441 -64.96 -47.73 58.16
C ASP E 441 -63.76 -47.25 58.95
N MET E 442 -63.56 -45.93 59.00
CA MET E 442 -62.43 -45.39 59.74
C MET E 442 -62.48 -45.79 61.21
N ILE E 443 -63.67 -45.83 61.80
CA ILE E 443 -63.78 -46.17 63.22
C ILE E 443 -63.40 -47.63 63.46
N GLU E 444 -63.82 -48.54 62.56
CA GLU E 444 -63.51 -49.95 62.75
C GLU E 444 -62.03 -50.22 62.56
N ILE E 445 -61.42 -49.61 61.55
CA ILE E 445 -59.98 -49.75 61.35
C ILE E 445 -59.22 -49.15 62.52
N LYS E 446 -59.72 -48.02 63.05
CA LYS E 446 -59.08 -47.41 64.22
C LYS E 446 -59.12 -48.35 65.42
N LYS E 447 -60.28 -48.98 65.67
CA LYS E 447 -60.39 -49.91 66.78
C LYS E 447 -59.46 -51.11 66.60
N LEU E 448 -59.49 -51.71 65.41
CA LEU E 448 -58.62 -52.86 65.16
C LEU E 448 -57.15 -52.50 65.33
N GLU E 449 -56.76 -51.32 64.84
CA GLU E 449 -55.39 -50.86 65.01
C GLU E 449 -55.05 -50.70 66.48
N GLU E 450 -55.93 -50.07 67.25
CA GLU E 450 -55.66 -49.86 68.66
C GLU E 450 -55.59 -51.17 69.44
N ILE E 451 -56.27 -52.22 68.97
CA ILE E 451 -56.14 -53.53 69.61
C ILE E 451 -54.82 -54.20 69.23
N LEU E 452 -54.51 -54.24 67.93
CA LEU E 452 -53.33 -54.99 67.50
C LEU E 452 -52.03 -54.28 67.88
N LEU E 453 -52.07 -52.96 68.09
CA LEU E 453 -50.85 -52.19 68.27
C LEU E 453 -50.26 -52.30 69.67
N ASP E 454 -50.97 -52.90 70.61
CA ASP E 454 -50.51 -52.94 72.00
C ASP E 454 -49.93 -54.32 72.29
N PRO E 455 -48.65 -54.42 72.65
CA PRO E 455 -48.02 -55.74 72.78
C PRO E 455 -48.69 -56.68 73.77
N GLU E 456 -49.28 -56.17 74.85
CA GLU E 456 -49.98 -57.05 75.77
C GLU E 456 -51.23 -57.63 75.12
N LYS E 457 -52.03 -56.77 74.49
CA LYS E 457 -53.18 -57.25 73.73
C LYS E 457 -52.74 -58.15 72.59
N PHE E 458 -51.59 -57.85 71.98
CA PHE E 458 -51.06 -58.68 70.91
C PHE E 458 -50.76 -60.09 71.39
N GLU E 459 -50.12 -60.20 72.57
CA GLU E 459 -49.82 -61.52 73.13
C GLU E 459 -51.10 -62.25 73.50
N GLU E 460 -52.04 -61.54 74.11
CA GLU E 460 -53.32 -62.18 74.45
C GLU E 460 -54.05 -62.65 73.20
N LEU E 461 -53.94 -61.91 72.10
CA LEU E 461 -54.59 -62.31 70.86
C LEU E 461 -53.91 -63.53 70.25
N LEU E 462 -52.58 -63.56 70.25
CA LEU E 462 -51.87 -64.74 69.78
C LEU E 462 -52.17 -65.96 70.64
N LEU E 463 -52.55 -65.75 71.90
CA LEU E 463 -52.90 -66.90 72.74
C LEU E 463 -54.22 -67.53 72.32
N GLU E 464 -55.17 -66.74 71.80
CA GLU E 464 -56.46 -67.29 71.40
C GLU E 464 -56.39 -68.08 70.10
N VAL E 465 -55.52 -67.67 69.18
CA VAL E 465 -55.44 -68.30 67.86
C VAL E 465 -54.95 -69.74 67.98
#